data_6LHU
#
_entry.id   6LHU
#
_cell.length_a   1.00
_cell.length_b   1.00
_cell.length_c   1.00
_cell.angle_alpha   90.00
_cell.angle_beta   90.00
_cell.angle_gamma   90.00
#
_symmetry.space_group_name_H-M   'P 1'
#
_entity_poly.entity_id   1
_entity_poly.type   'polypeptide(L)'
_entity_poly.pdbx_seq_one_letter_code
;MWSHPQFEKGSGGSGMSAVSGFTPSGQKRSLAELLDGRVKRLDRKSNNSVLQEAALYLLSCNQDVSQFLSEVEAPPYKKT
CNPENPVSIKSRMPSAAFVGSTLKDQASCLKISPGILTAKAAVANIQQICQACGDSSAVLNPEQREKLCSLLKTLKILLA
ENCFCRSLFCKEIWIHRPPLVFEAVWHLHNEGIVCLDEILESCKDTISAVDWLFSEMCSLCLYIDNSSLAGDLAEKMISD
FQALLVENSFRRSSATERILEQHKTEEICLSILDKLLSWLLDAVSVEKSDKSSAEQHWLSAFEVHRYRARVVPESIEQFF
IHTLTQVLTFKPKLKVSDAIQCQANWSFVKTSTLLTDLYRKLFVALSAEKLIAHIQLVLDTQEVNWHHVLTCVSCLVICL
PEAQQLIKDLLCRLLTHAFESYELEGMITAFLIVRQAALEGPAAFVSYTEWFKCTFGAANSYHGNSKKSLVFLLKFLSDI
VPFEAPQYLKVHVLHPPFVPTKYRPLLMEYISLAKTRLTDMKVSIEDMGLYEDLSARSNKVQPESQAHQDVEKALNIFEN
TGKIPASVMEASIFRRPYFTSRFLPALLTPRVLPAAPDALMLLIDSMKRADKIPTNMFNAYIEACEQEKLRKQKGRQQMD
QSLPDEPLGILQSALSDLRPLVTDANKYEDVSAQVAVISEKLIAVMGEQKVDDDQVAAKFLKLEDGAQLDIQEQTVADLL
LTCFCQCLIAASGTNPPDRQGQWPTLYVKMLCGHQWAFAAVLRRMLQLLRFQAPFLKDSHIVGLAAFSIHLHECQPSLQF
LITGVQNLEHYWENLLNLLCSDSVGVCLKLCTAAISYAFCRFSELHQDIFSGCVPPLFLRKLQYLVPRLIWETRGEVIRD
DEEADSPLNWNLYALAGWKEAALSLWNQNRLQGLLREKSFQVTFMDWLLWEMTLKSNNDVLCDTDRQEYQRWAVNHYLSE
SSVVGGCNGDLERGCITIAEAVLQFSNRHIQHSEWESRNISMLKSHTGLGDILCRLQELICDIVTSHHQKGRRHFFFAIF
YQRLELHKGKKELSNHLSKQGVLEMCCRILLGLPPLFLINTPSEKGIRTLGSEDFWQFVNKELKNLGPRGYALPYNITAH
FFRGVISASVQCKDSSEAVNSILSATYSTCPALLISAAVGWPQLDPVLRSQWCSLFGVDLPKELRTLREQQASVDSCLSQ
GEKLSLSCTPWLSAAFLYSTVQRKKLPCSRMLEILDGLSSNFSMVLISLLFFSVMDIIYMFLKDGRKHKDLLENCVHIIH
CLEQKGETWVWLFQMTDERKPELGLHLHRAASDVFLNLMPFAFFWLVPSLQLEQVVQQQDFLVIALDMYHKFLQLFVDGS
PLSSLSAKSHHLDSHDVFTCGRQFLLCCVPKCQKPNSAILKKMLESWEEHDPELAAVLTRSFKAPDDYDDLFFEPVF
;
_entity_poly.pdbx_strand_id   B,A
#
# COMPACT_ATOMS: atom_id res chain seq x y z
N SER A 545 -30.54 9.62 17.39
CA SER A 545 -30.83 9.28 15.99
C SER A 545 -29.84 9.97 15.05
N GLN A 546 -29.44 11.19 15.41
CA GLN A 546 -28.50 11.97 14.64
C GLN A 546 -27.21 12.25 15.39
N ALA A 547 -27.31 12.75 16.62
CA ALA A 547 -26.12 13.12 17.38
C ALA A 547 -25.13 11.98 17.47
N HIS A 548 -25.62 10.73 17.47
CA HIS A 548 -24.71 9.59 17.58
C HIS A 548 -23.91 9.38 16.31
N GLN A 549 -24.56 9.52 15.15
CA GLN A 549 -23.82 9.51 13.89
C GLN A 549 -22.80 10.63 13.87
N ASP A 550 -23.14 11.78 14.45
CA ASP A 550 -22.20 12.90 14.50
C ASP A 550 -20.99 12.56 15.36
N VAL A 551 -21.23 11.92 16.51
CA VAL A 551 -20.12 11.48 17.35
C VAL A 551 -19.24 10.49 16.61
N GLU A 552 -19.86 9.55 15.88
CA GLU A 552 -19.10 8.59 15.11
C GLU A 552 -18.22 9.28 14.08
N LYS A 553 -18.79 10.27 13.38
CA LYS A 553 -18.01 10.98 12.37
C LYS A 553 -16.85 11.74 13.01
N ALA A 554 -17.14 12.47 14.09
CA ALA A 554 -16.09 13.21 14.78
C ALA A 554 -14.95 12.28 15.21
N LEU A 555 -15.30 11.10 15.74
CA LEU A 555 -14.27 10.15 16.13
C LEU A 555 -13.48 9.67 14.92
N ASN A 556 -14.17 9.34 13.83
CA ASN A 556 -13.47 8.95 12.60
C ASN A 556 -12.58 10.07 12.10
N ILE A 557 -12.82 11.30 12.51
CA ILE A 557 -11.99 12.44 12.10
C ILE A 557 -10.85 12.62 13.09
N PHE A 558 -11.07 12.22 14.33
CA PHE A 558 -10.11 12.40 15.41
C PHE A 558 -9.15 11.21 15.53
N GLU A 559 -8.96 10.44 14.47
CA GLU A 559 -8.03 9.32 14.48
C GLU A 559 -7.01 9.36 13.37
N ASN A 560 -7.40 9.82 12.17
CA ASN A 560 -6.46 9.84 11.05
C ASN A 560 -5.48 11.00 11.18
N THR A 561 -5.97 12.16 11.59
CA THR A 561 -5.12 13.31 11.93
C THR A 561 -5.83 14.01 13.08
N GLY A 562 -5.49 13.62 14.30
CA GLY A 562 -6.34 13.93 15.43
C GLY A 562 -5.84 14.98 16.38
N LYS A 563 -6.40 16.19 16.28
CA LYS A 563 -6.33 17.15 17.37
C LYS A 563 -7.73 17.49 17.89
N ILE A 564 -8.62 17.99 17.03
CA ILE A 564 -9.96 18.39 17.41
C ILE A 564 -10.67 18.83 16.12
N PRO A 565 -11.98 18.75 16.03
CA PRO A 565 -12.68 19.30 14.87
C PRO A 565 -12.73 20.82 14.95
N ALA A 566 -13.41 21.42 13.98
CA ALA A 566 -13.56 22.87 13.89
C ALA A 566 -15.00 23.33 14.00
N SER A 567 -15.94 22.60 13.41
CA SER A 567 -17.33 23.03 13.43
C SER A 567 -17.94 22.94 14.82
N VAL A 568 -17.57 21.90 15.58
CA VAL A 568 -18.08 21.76 16.94
C VAL A 568 -17.67 22.96 17.79
N MET A 569 -16.42 23.42 17.63
CA MET A 569 -15.97 24.56 18.41
C MET A 569 -16.69 25.83 17.98
N GLU A 570 -16.91 25.99 16.68
CA GLU A 570 -17.67 27.15 16.20
C GLU A 570 -19.09 27.13 16.76
N ALA A 571 -19.68 25.95 16.90
CA ALA A 571 -21.06 25.83 17.35
C ALA A 571 -21.19 25.94 18.86
N SER A 572 -20.12 25.66 19.61
CA SER A 572 -20.20 25.73 21.06
C SER A 572 -20.75 27.08 21.52
N ILE A 573 -20.38 28.16 20.85
CA ILE A 573 -20.79 29.51 21.25
C ILE A 573 -21.95 30.01 20.41
N PHE A 574 -21.93 29.74 19.10
CA PHE A 574 -23.04 30.17 18.24
C PHE A 574 -24.27 29.31 18.49
N ARG A 575 -24.13 27.99 18.36
CA ARG A 575 -25.22 27.04 18.59
C ARG A 575 -25.08 26.49 20.01
N ARG A 576 -25.60 27.25 20.98
CA ARG A 576 -25.59 26.75 22.34
C ARG A 576 -26.98 26.73 22.97
N PRO A 577 -28.04 26.40 22.21
CA PRO A 577 -29.20 25.74 22.82
C PRO A 577 -29.18 24.24 22.57
N TYR A 578 -28.36 23.82 21.62
CA TYR A 578 -28.34 22.47 21.08
C TYR A 578 -27.05 21.74 21.43
N PHE A 579 -26.09 22.47 21.98
CA PHE A 579 -24.84 21.88 22.45
C PHE A 579 -24.97 21.34 23.88
N THR A 580 -26.04 21.66 24.58
CA THR A 580 -26.30 21.15 25.92
C THR A 580 -27.66 20.47 25.92
N SER A 581 -27.70 19.24 26.42
CA SER A 581 -28.88 18.38 26.50
C SER A 581 -29.21 17.72 25.18
N ARG A 582 -28.41 17.93 24.13
CA ARG A 582 -28.61 17.25 22.85
C ARG A 582 -27.33 16.72 22.22
N PHE A 583 -26.15 17.15 22.68
CA PHE A 583 -24.89 16.61 22.17
C PHE A 583 -23.92 16.19 23.26
N LEU A 584 -23.91 16.87 24.40
CA LEU A 584 -23.01 16.50 25.49
C LEU A 584 -23.42 15.15 26.06
N PRO A 585 -24.66 15.00 26.56
CA PRO A 585 -25.08 13.69 27.08
C PRO A 585 -24.99 12.61 26.02
N ALA A 586 -25.09 13.01 24.74
CA ALA A 586 -24.88 12.05 23.66
C ALA A 586 -23.47 11.48 23.70
N LEU A 587 -22.51 12.25 24.20
CA LEU A 587 -21.14 11.79 24.36
C LEU A 587 -20.84 11.28 25.77
N LEU A 588 -21.76 11.47 26.71
CA LEU A 588 -21.60 10.99 28.07
C LEU A 588 -22.55 9.85 28.42
N THR A 589 -23.65 9.68 27.68
CA THR A 589 -24.56 8.56 27.84
C THR A 589 -23.88 7.23 27.49
N PRO A 590 -22.84 7.23 26.63
CA PRO A 590 -22.11 5.99 26.34
C PRO A 590 -21.20 5.54 27.47
N ARG A 591 -21.46 5.99 28.70
CA ARG A 591 -20.49 5.84 29.78
C ARG A 591 -20.31 4.38 30.13
N VAL A 592 -19.53 3.68 29.31
CA VAL A 592 -19.20 2.28 29.53
C VAL A 592 -17.91 2.22 30.34
N LEU A 593 -17.64 1.06 30.94
CA LEU A 593 -16.38 0.88 31.63
C LEU A 593 -15.22 1.20 30.68
N PRO A 594 -14.04 1.53 31.20
CA PRO A 594 -12.87 1.66 30.33
C PRO A 594 -12.45 0.29 29.80
N ALA A 595 -13.27 -0.26 28.90
CA ALA A 595 -13.04 -1.62 28.41
C ALA A 595 -11.59 -1.83 28.01
N ALA A 596 -11.00 -0.84 27.34
CA ALA A 596 -9.59 -0.91 26.98
C ALA A 596 -8.75 -0.35 28.12
N PRO A 597 -7.68 -1.02 28.56
CA PRO A 597 -6.86 -0.46 29.64
C PRO A 597 -6.08 0.76 29.20
N ASP A 598 -6.79 1.75 28.65
CA ASP A 598 -6.20 2.99 28.18
C ASP A 598 -7.33 3.93 27.79
N ALA A 599 -6.97 5.08 27.23
CA ALA A 599 -7.95 6.05 26.76
C ALA A 599 -8.15 5.86 25.26
N LEU A 600 -9.33 5.41 24.86
CA LEU A 600 -9.67 5.22 23.46
C LEU A 600 -10.45 6.40 22.89
N MET A 601 -11.45 6.90 23.64
CA MET A 601 -12.19 8.08 23.26
C MET A 601 -12.14 9.17 24.30
N LEU A 602 -11.87 8.85 25.57
CA LEU A 602 -11.74 9.87 26.60
C LEU A 602 -10.69 10.91 26.27
N LEU A 603 -9.87 10.67 25.25
CA LEU A 603 -8.96 11.70 24.77
C LEU A 603 -9.72 12.98 24.44
N ILE A 604 -10.77 12.86 23.62
CA ILE A 604 -11.52 14.03 23.18
C ILE A 604 -12.20 14.70 24.38
N ASP A 605 -12.70 13.89 25.31
CA ASP A 605 -13.39 14.45 26.47
C ASP A 605 -12.42 15.22 27.35
N SER A 606 -11.23 14.66 27.60
CA SER A 606 -10.23 15.36 28.39
C SER A 606 -9.77 16.63 27.68
N MET A 607 -9.60 16.57 26.37
CA MET A 607 -9.17 17.77 25.63
C MET A 607 -10.22 18.87 25.75
N LYS A 608 -11.49 18.52 25.55
CA LYS A 608 -12.55 19.50 25.72
C LYS A 608 -12.58 20.03 27.15
N ARG A 609 -12.30 19.17 28.13
CA ARG A 609 -12.31 19.61 29.53
C ARG A 609 -11.14 20.52 29.84
N ALA A 610 -10.05 20.42 29.08
CA ALA A 610 -8.95 21.36 29.23
C ALA A 610 -9.43 22.78 29.00
N ASP A 611 -10.58 22.92 28.34
CA ASP A 611 -11.24 24.20 28.11
C ASP A 611 -12.45 24.33 29.03
N LYS A 612 -13.20 25.41 28.83
CA LYS A 612 -14.45 25.62 29.55
C LYS A 612 -15.62 24.93 28.88
N ILE A 613 -15.39 24.25 27.75
CA ILE A 613 -16.44 23.64 26.95
C ILE A 613 -17.39 22.82 27.82
N PRO A 614 -16.94 21.79 28.53
CA PRO A 614 -17.87 21.01 29.34
C PRO A 614 -18.02 21.62 30.73
N THR A 615 -19.27 21.71 31.18
CA THR A 615 -19.58 22.31 32.47
C THR A 615 -19.16 21.35 33.58
N ASN A 616 -19.34 21.76 34.83
CA ASN A 616 -18.95 20.93 35.96
C ASN A 616 -19.69 19.59 35.97
N MET A 617 -20.78 19.46 35.21
CA MET A 617 -21.47 18.19 35.09
C MET A 617 -20.54 17.07 34.68
N PHE A 618 -19.35 17.39 34.15
CA PHE A 618 -18.34 16.39 33.89
C PHE A 618 -18.17 15.44 35.06
N ASN A 619 -18.23 15.97 36.29
CA ASN A 619 -18.09 15.10 37.46
C ASN A 619 -19.09 13.95 37.43
N ALA A 620 -20.37 14.25 37.16
CA ALA A 620 -21.38 13.21 37.15
C ALA A 620 -21.02 12.07 36.21
N TYR A 621 -20.19 12.35 35.20
CA TYR A 621 -19.72 11.27 34.32
C TYR A 621 -18.99 10.21 35.14
N ILE A 622 -17.94 10.62 35.85
CA ILE A 622 -17.17 9.66 36.63
C ILE A 622 -18.07 8.95 37.64
N GLU A 623 -18.79 9.72 38.46
CA GLU A 623 -19.69 9.13 39.45
C GLU A 623 -20.65 8.13 38.81
N ALA A 624 -20.94 8.29 37.51
CA ALA A 624 -21.80 7.35 36.83
C ALA A 624 -21.10 6.05 36.49
N CYS A 625 -19.88 6.13 35.95
CA CYS A 625 -19.14 4.91 35.62
C CYS A 625 -19.09 3.97 36.81
N GLU A 626 -18.71 4.48 37.98
CA GLU A 626 -18.68 3.65 39.18
C GLU A 626 -20.01 2.93 39.38
N GLN A 627 -21.13 3.65 39.24
CA GLN A 627 -22.43 3.02 39.42
C GLN A 627 -22.60 1.85 38.46
N GLU A 628 -22.15 2.01 37.21
CA GLU A 628 -22.23 0.89 36.27
C GLU A 628 -21.48 -0.32 36.81
N LYS A 629 -20.30 -0.11 37.38
CA LYS A 629 -19.55 -1.21 37.95
C LYS A 629 -20.29 -1.83 39.14
N LEU A 630 -21.11 -1.04 39.83
CA LEU A 630 -21.94 -1.59 40.89
C LEU A 630 -23.00 -2.52 40.32
N ARG A 631 -23.43 -2.27 39.08
CA ARG A 631 -24.39 -3.14 38.41
C ARG A 631 -23.73 -4.37 37.82
N LYS A 632 -22.45 -4.28 37.42
CA LYS A 632 -21.74 -5.38 36.80
C LYS A 632 -20.60 -5.90 37.66
N GLN A 633 -20.61 -5.60 38.97
CA GLN A 633 -19.59 -6.13 39.86
C GLN A 633 -19.65 -7.65 39.91
N LYS A 634 -20.83 -8.23 39.69
CA LYS A 634 -20.99 -9.68 39.71
C LYS A 634 -20.15 -10.33 38.62
N PRO A 647 -33.65 -29.91 33.96
CA PRO A 647 -32.19 -29.95 34.11
C PRO A 647 -31.47 -30.14 32.78
N LEU A 648 -30.16 -30.36 32.84
CA LEU A 648 -29.36 -30.53 31.65
C LEU A 648 -28.96 -31.98 31.42
N GLY A 649 -28.75 -32.74 32.50
CA GLY A 649 -28.36 -34.14 32.35
C GLY A 649 -29.36 -34.91 31.52
N ILE A 650 -30.63 -34.90 31.92
CA ILE A 650 -31.65 -35.59 31.14
C ILE A 650 -31.75 -34.99 29.75
N LEU A 651 -31.42 -33.71 29.60
CA LEU A 651 -31.40 -33.12 28.27
C LEU A 651 -30.32 -33.78 27.41
N GLN A 652 -29.10 -33.90 27.94
CA GLN A 652 -28.05 -34.62 27.22
C GLN A 652 -28.50 -36.03 26.90
N SER A 653 -29.19 -36.68 27.83
CA SER A 653 -29.65 -38.05 27.61
C SER A 653 -30.60 -38.13 26.43
N ALA A 654 -31.72 -37.41 26.53
CA ALA A 654 -32.71 -37.40 25.44
C ALA A 654 -32.06 -37.01 24.13
N LEU A 655 -31.46 -35.82 24.08
CA LEU A 655 -30.81 -35.33 22.87
C LEU A 655 -29.77 -36.31 22.35
N SER A 656 -29.27 -37.21 23.19
CA SER A 656 -28.32 -38.22 22.74
C SER A 656 -28.99 -39.53 22.35
N ASP A 657 -30.21 -39.77 22.83
CA ASP A 657 -30.97 -40.95 22.41
C ASP A 657 -31.32 -40.92 20.93
N LEU A 658 -31.02 -39.83 20.23
CA LEU A 658 -31.41 -39.70 18.83
C LEU A 658 -30.52 -40.54 17.93
N ARG A 659 -29.20 -40.43 18.09
CA ARG A 659 -28.24 -41.12 17.22
C ARG A 659 -28.60 -42.57 16.91
N PRO A 660 -28.94 -43.41 17.89
CA PRO A 660 -29.29 -44.79 17.54
C PRO A 660 -30.47 -44.89 16.59
N LEU A 661 -31.48 -44.04 16.75
CA LEU A 661 -32.66 -44.11 15.90
C LEU A 661 -32.29 -43.95 14.43
N VAL A 662 -31.44 -42.97 14.12
CA VAL A 662 -31.21 -42.57 12.72
C VAL A 662 -30.05 -43.41 12.21
N THR A 663 -30.35 -44.65 11.85
CA THR A 663 -29.49 -45.41 10.94
C THR A 663 -30.26 -45.90 9.72
N ASP A 664 -31.35 -46.63 9.92
CA ASP A 664 -32.21 -47.15 8.88
C ASP A 664 -33.69 -46.88 9.14
N ALA A 665 -34.10 -46.88 10.40
CA ALA A 665 -35.50 -46.77 10.79
C ALA A 665 -35.99 -45.33 10.85
N ASN A 666 -35.34 -44.41 10.13
CA ASN A 666 -35.80 -43.03 10.08
C ASN A 666 -37.05 -42.96 9.20
N LYS A 667 -38.14 -43.58 9.67
CA LYS A 667 -39.35 -43.77 8.90
C LYS A 667 -40.52 -43.06 9.58
N TYR A 668 -40.29 -41.80 9.96
CA TYR A 668 -41.29 -40.96 10.60
C TYR A 668 -41.41 -41.24 12.10
N GLU A 669 -40.53 -42.07 12.65
CA GLU A 669 -40.49 -42.30 14.09
C GLU A 669 -39.67 -41.25 14.83
N ASP A 670 -38.82 -40.51 14.14
CA ASP A 670 -38.05 -39.44 14.77
C ASP A 670 -38.94 -38.23 14.98
N VAL A 671 -40.04 -38.42 15.71
CA VAL A 671 -40.98 -37.34 16.00
C VAL A 671 -41.16 -37.25 17.51
N SER A 672 -41.56 -38.37 18.12
CA SER A 672 -41.79 -38.36 19.56
C SER A 672 -40.52 -38.03 20.32
N ALA A 673 -39.36 -38.41 19.79
CA ALA A 673 -38.10 -37.99 20.40
C ALA A 673 -37.95 -36.48 20.31
N GLN A 674 -38.43 -35.89 19.21
CA GLN A 674 -38.44 -34.43 19.11
C GLN A 674 -39.44 -33.82 20.08
N VAL A 675 -40.60 -34.47 20.24
CA VAL A 675 -41.56 -34.01 21.23
C VAL A 675 -40.93 -34.01 22.61
N ALA A 676 -40.10 -35.01 22.91
CA ALA A 676 -39.45 -35.07 24.21
C ALA A 676 -38.38 -33.99 24.34
N VAL A 677 -37.57 -33.82 23.29
CA VAL A 677 -36.57 -32.75 23.28
C VAL A 677 -37.24 -31.42 23.60
N ILE A 678 -38.34 -31.12 22.92
CA ILE A 678 -38.98 -29.82 23.09
C ILE A 678 -39.68 -29.75 24.43
N SER A 679 -40.18 -30.89 24.92
CA SER A 679 -40.86 -30.90 26.22
C SER A 679 -39.89 -30.63 27.36
N GLU A 680 -38.66 -31.12 27.25
CA GLU A 680 -37.68 -30.92 28.30
C GLU A 680 -36.87 -29.64 28.14
N LYS A 681 -36.79 -29.11 26.91
CA LYS A 681 -36.10 -27.84 26.69
C LYS A 681 -36.86 -26.66 27.28
N LEU A 682 -38.13 -26.84 27.62
CA LEU A 682 -38.92 -25.74 28.15
C LEU A 682 -38.27 -25.12 29.38
N ILE A 683 -37.52 -25.92 30.13
CA ILE A 683 -36.99 -25.51 31.42
C ILE A 683 -35.47 -25.40 31.28
N ALA A 684 -34.99 -24.17 31.15
CA ALA A 684 -33.56 -23.91 31.07
C ALA A 684 -33.27 -22.43 31.22
N ASP A 710 -23.82 -15.86 28.80
CA ASP A 710 -23.89 -16.48 30.12
C ASP A 710 -23.81 -18.00 29.98
N ILE A 711 -23.69 -18.67 31.14
CA ILE A 711 -23.51 -20.12 31.14
C ILE A 711 -24.82 -20.82 30.80
N GLN A 712 -25.96 -20.21 31.13
CA GLN A 712 -27.25 -20.82 30.77
C GLN A 712 -27.35 -21.00 29.26
N GLU A 713 -26.75 -20.10 28.49
CA GLU A 713 -26.85 -20.10 27.04
C GLU A 713 -25.57 -20.59 26.37
N GLN A 714 -24.41 -20.08 26.78
CA GLN A 714 -23.16 -20.53 26.18
C GLN A 714 -22.96 -22.04 26.31
N THR A 715 -23.70 -22.68 27.21
CA THR A 715 -23.56 -24.12 27.39
C THR A 715 -24.63 -24.91 26.62
N VAL A 716 -25.83 -24.36 26.51
CA VAL A 716 -26.89 -25.09 25.80
C VAL A 716 -26.66 -25.03 24.30
N ALA A 717 -26.25 -23.87 23.78
CA ALA A 717 -25.97 -23.76 22.35
C ALA A 717 -25.08 -24.90 21.88
N ASP A 718 -23.87 -24.97 22.42
CA ASP A 718 -22.92 -26.00 22.03
C ASP A 718 -23.43 -27.41 22.34
N LEU A 719 -24.58 -27.54 22.98
CA LEU A 719 -25.23 -28.82 23.21
C LEU A 719 -26.27 -29.14 22.15
N LEU A 720 -27.04 -28.14 21.71
CA LEU A 720 -27.95 -28.33 20.58
C LEU A 720 -27.17 -28.52 19.30
N LEU A 721 -26.35 -27.52 18.94
CA LEU A 721 -25.56 -27.58 17.72
C LEU A 721 -24.78 -28.88 17.60
N THR A 722 -24.02 -29.23 18.64
CA THR A 722 -23.12 -30.37 18.55
C THR A 722 -23.84 -31.65 18.18
N CYS A 723 -25.10 -31.81 18.62
CA CYS A 723 -25.86 -32.99 18.25
C CYS A 723 -25.93 -33.17 16.74
N PHE A 724 -25.90 -32.07 15.98
CA PHE A 724 -25.89 -32.16 14.53
C PHE A 724 -24.65 -32.90 14.04
N CYS A 725 -23.47 -32.36 14.32
CA CYS A 725 -22.24 -32.96 13.84
C CYS A 725 -22.13 -34.44 14.15
N GLN A 726 -22.90 -34.93 15.12
CA GLN A 726 -22.89 -36.34 15.46
C GLN A 726 -23.95 -37.12 14.72
N CYS A 727 -25.19 -36.62 14.69
CA CYS A 727 -26.27 -37.32 14.00
C CYS A 727 -25.98 -37.41 12.50
N LEU A 728 -25.58 -36.30 11.90
CA LEU A 728 -25.21 -36.31 10.49
C LEU A 728 -24.18 -37.40 10.20
N ILE A 729 -23.06 -37.38 10.92
CA ILE A 729 -22.00 -38.35 10.65
C ILE A 729 -22.49 -39.77 10.92
N ALA A 730 -23.42 -39.94 11.86
CA ALA A 730 -23.98 -41.26 12.11
C ALA A 730 -24.77 -41.75 10.92
N ALA A 731 -25.57 -40.88 10.31
CA ALA A 731 -26.42 -41.28 9.20
C ALA A 731 -25.68 -41.28 7.87
N SER A 732 -24.56 -40.59 7.77
CA SER A 732 -23.83 -40.50 6.51
C SER A 732 -22.99 -41.74 6.22
N GLY A 733 -23.09 -42.77 7.05
CA GLY A 733 -22.37 -44.00 6.80
C GLY A 733 -23.28 -45.07 6.24
N THR A 734 -24.56 -45.02 6.63
CA THR A 734 -25.53 -45.97 6.11
C THR A 734 -25.88 -45.65 4.66
N ASN A 735 -26.37 -44.45 4.42
CA ASN A 735 -26.72 -44.00 3.08
C ASN A 735 -26.32 -42.54 2.93
N PRO A 736 -26.17 -42.07 1.70
CA PRO A 736 -25.84 -40.64 1.46
C PRO A 736 -27.01 -39.75 1.83
N PRO A 737 -26.90 -38.44 1.62
CA PRO A 737 -27.97 -37.53 2.04
C PRO A 737 -29.16 -37.51 1.10
N ASP A 738 -28.98 -37.88 -0.17
CA ASP A 738 -30.09 -37.86 -1.12
C ASP A 738 -31.33 -38.51 -0.53
N ARG A 739 -31.19 -39.75 -0.07
CA ARG A 739 -32.35 -40.52 0.38
C ARG A 739 -32.78 -40.14 1.78
N GLN A 740 -31.83 -40.06 2.72
CA GLN A 740 -32.17 -39.68 4.09
C GLN A 740 -32.33 -38.17 4.17
N GLY A 741 -32.48 -37.65 5.38
CA GLY A 741 -32.63 -36.23 5.58
C GLY A 741 -34.08 -35.75 5.59
N GLN A 742 -34.89 -36.37 6.43
CA GLN A 742 -36.20 -35.84 6.78
C GLN A 742 -36.27 -35.41 8.25
N TRP A 743 -35.25 -35.74 9.03
CA TRP A 743 -35.09 -35.28 10.40
C TRP A 743 -34.56 -33.85 10.46
N PRO A 744 -33.54 -33.48 9.66
CA PRO A 744 -32.88 -32.19 9.91
C PRO A 744 -33.83 -31.01 9.85
N THR A 745 -34.59 -30.89 8.76
CA THR A 745 -35.60 -29.86 8.68
C THR A 745 -36.50 -29.87 9.91
N LEU A 746 -36.80 -31.07 10.41
CA LEU A 746 -37.72 -31.18 11.55
C LEU A 746 -37.07 -30.66 12.83
N TYR A 747 -35.82 -31.07 13.08
CA TYR A 747 -35.10 -30.58 14.24
C TYR A 747 -34.95 -29.06 14.20
N VAL A 748 -34.65 -28.51 13.02
CA VAL A 748 -34.45 -27.08 12.91
C VAL A 748 -35.76 -26.33 13.07
N LYS A 749 -36.84 -26.96 12.59
CA LYS A 749 -38.23 -26.44 12.69
C LYS A 749 -38.55 -26.33 14.19
N MET A 750 -38.19 -27.37 14.96
CA MET A 750 -38.38 -27.40 16.40
C MET A 750 -37.60 -26.27 17.06
N LEU A 751 -36.31 -26.17 16.73
CA LEU A 751 -35.48 -25.13 17.35
C LEU A 751 -36.06 -23.75 17.10
N CYS A 752 -36.27 -23.40 15.82
CA CYS A 752 -36.83 -22.10 15.49
C CYS A 752 -38.20 -21.89 16.11
N GLY A 753 -38.90 -22.97 16.48
CA GLY A 753 -40.17 -22.81 17.16
C GLY A 753 -40.05 -22.02 18.45
N HIS A 754 -38.87 -22.00 19.04
CA HIS A 754 -38.61 -21.19 20.22
C HIS A 754 -38.04 -19.84 19.78
N GLN A 755 -37.85 -18.95 20.77
CA GLN A 755 -37.45 -17.58 20.47
C GLN A 755 -36.19 -17.17 21.21
N TRP A 756 -36.03 -17.64 22.46
CA TRP A 756 -34.90 -17.23 23.27
C TRP A 756 -33.70 -18.14 23.14
N ALA A 757 -33.79 -19.17 22.28
CA ALA A 757 -32.65 -20.05 22.02
C ALA A 757 -32.13 -19.90 20.61
N PHE A 758 -33.04 -19.78 19.64
CA PHE A 758 -32.61 -19.57 18.26
C PHE A 758 -31.78 -18.30 18.11
N ALA A 759 -31.85 -17.39 19.08
CA ALA A 759 -31.05 -16.18 19.07
C ALA A 759 -29.74 -16.33 19.83
N ALA A 760 -29.47 -17.52 20.37
CA ALA A 760 -28.20 -17.82 21.00
C ALA A 760 -27.27 -18.60 20.09
N VAL A 761 -27.82 -19.48 19.27
CA VAL A 761 -27.00 -20.25 18.33
C VAL A 761 -26.25 -19.31 17.39
N LEU A 762 -26.89 -18.19 17.01
CA LEU A 762 -26.26 -17.27 16.07
C LEU A 762 -24.98 -16.68 16.66
N ARG A 763 -25.10 -16.06 17.84
CA ARG A 763 -23.93 -15.46 18.48
C ARG A 763 -22.91 -16.51 18.85
N ARG A 764 -23.35 -17.69 19.26
CA ARG A 764 -22.42 -18.77 19.57
C ARG A 764 -21.60 -19.13 18.35
N MET A 765 -22.24 -19.21 17.18
CA MET A 765 -21.49 -19.55 15.96
C MET A 765 -20.59 -18.39 15.56
N LEU A 766 -21.03 -17.16 15.76
CA LEU A 766 -20.14 -16.02 15.55
C LEU A 766 -18.84 -16.22 16.33
N GLN A 767 -18.97 -16.36 17.65
CA GLN A 767 -17.78 -16.50 18.49
C GLN A 767 -16.98 -17.74 18.09
N LEU A 768 -17.65 -18.82 17.72
CA LEU A 768 -17.00 -20.07 17.42
C LEU A 768 -16.34 -20.08 16.04
N LEU A 769 -16.62 -19.08 15.21
CA LEU A 769 -15.92 -18.93 13.94
C LEU A 769 -15.05 -17.69 13.89
N ARG A 770 -15.04 -16.88 14.94
CA ARG A 770 -14.13 -15.73 15.01
C ARG A 770 -12.85 -16.07 15.78
N PHE A 771 -12.99 -16.48 17.03
CA PHE A 771 -11.85 -16.65 17.92
C PHE A 771 -11.22 -18.03 17.79
N GLN A 772 -11.98 -19.08 18.05
CA GLN A 772 -11.47 -20.45 17.97
C GLN A 772 -11.40 -20.95 16.53
N ALA A 773 -11.68 -20.11 15.55
CA ALA A 773 -11.73 -20.57 14.16
C ALA A 773 -10.39 -21.09 13.66
N PRO A 774 -9.28 -20.36 13.80
CA PRO A 774 -8.03 -20.81 13.17
C PRO A 774 -7.65 -22.24 13.53
N PHE A 775 -8.11 -22.74 14.67
CA PHE A 775 -7.86 -24.13 15.03
C PHE A 775 -8.99 -24.62 15.93
N LEU A 776 -10.01 -25.23 15.32
CA LEU A 776 -11.04 -25.92 16.08
C LEU A 776 -11.15 -27.40 15.71
N LYS A 777 -11.34 -27.71 14.43
CA LYS A 777 -11.49 -29.08 13.96
C LYS A 777 -11.69 -29.02 12.45
N ASP A 778 -11.72 -30.18 11.81
CA ASP A 778 -12.03 -30.28 10.39
C ASP A 778 -13.37 -30.98 10.11
N SER A 779 -14.10 -31.34 11.16
CA SER A 779 -15.44 -31.90 11.00
C SER A 779 -16.47 -31.18 11.87
N HIS A 780 -16.05 -30.23 12.69
CA HIS A 780 -16.96 -29.30 13.35
C HIS A 780 -17.37 -28.17 12.43
N ILE A 781 -16.98 -28.24 11.16
CA ILE A 781 -17.31 -27.25 10.14
C ILE A 781 -18.52 -27.73 9.36
N VAL A 782 -18.41 -28.91 8.75
CA VAL A 782 -19.49 -29.43 7.94
C VAL A 782 -20.78 -29.50 8.73
N GLY A 783 -20.69 -29.52 10.06
CA GLY A 783 -21.85 -29.40 10.90
C GLY A 783 -22.30 -28.00 11.14
N LEU A 784 -21.76 -27.04 10.38
CA LEU A 784 -22.17 -25.65 10.42
C LEU A 784 -22.70 -25.18 9.07
N ALA A 785 -22.11 -25.63 7.97
CA ALA A 785 -22.67 -25.37 6.65
C ALA A 785 -24.09 -25.91 6.55
N ALA A 786 -24.30 -27.14 7.05
CA ALA A 786 -25.59 -27.79 7.00
C ALA A 786 -26.57 -27.23 8.01
N PHE A 787 -26.12 -26.39 8.93
CA PHE A 787 -27.00 -25.62 9.79
C PHE A 787 -27.26 -24.24 9.24
N SER A 788 -26.38 -23.75 8.38
CA SER A 788 -26.61 -22.51 7.65
C SER A 788 -27.68 -22.71 6.60
N ILE A 789 -27.51 -23.73 5.75
CA ILE A 789 -28.49 -24.00 4.70
C ILE A 789 -29.87 -24.22 5.31
N HIS A 790 -29.99 -25.25 6.14
CA HIS A 790 -31.29 -25.61 6.69
C HIS A 790 -31.97 -24.45 7.40
N LEU A 791 -31.24 -23.41 7.76
CA LEU A 791 -31.84 -22.18 8.25
C LEU A 791 -32.31 -21.28 7.13
N HIS A 792 -32.22 -21.72 5.88
CA HIS A 792 -32.66 -20.93 4.73
C HIS A 792 -34.01 -21.39 4.18
N GLU A 793 -34.27 -22.70 4.19
CA GLU A 793 -35.53 -23.23 3.70
C GLU A 793 -36.67 -23.06 4.69
N CYS A 794 -36.41 -22.46 5.85
CA CYS A 794 -37.47 -22.16 6.81
C CYS A 794 -37.81 -20.68 6.89
N GLN A 795 -36.97 -19.80 6.32
CA GLN A 795 -37.19 -18.37 6.32
C GLN A 795 -37.83 -17.89 7.62
N PRO A 796 -37.18 -18.09 8.76
CA PRO A 796 -37.78 -17.68 10.03
C PRO A 796 -37.78 -16.18 10.24
N SER A 797 -38.26 -15.73 11.39
CA SER A 797 -38.36 -14.32 11.73
C SER A 797 -37.48 -14.02 12.93
N LEU A 798 -36.63 -13.00 12.80
CA LEU A 798 -35.70 -12.60 13.86
C LEU A 798 -35.62 -11.10 13.96
N GLN A 799 -36.74 -10.41 13.67
CA GLN A 799 -36.75 -8.96 13.65
C GLN A 799 -36.13 -8.36 14.89
N PHE A 800 -36.15 -9.07 16.01
CA PHE A 800 -35.59 -8.59 17.27
C PHE A 800 -34.24 -9.24 17.51
N LEU A 801 -33.21 -8.40 17.63
CA LEU A 801 -31.85 -8.86 17.93
C LEU A 801 -30.98 -7.65 18.17
N ILE A 802 -29.81 -7.88 18.75
CA ILE A 802 -28.93 -6.77 19.14
C ILE A 802 -28.57 -5.94 17.91
N THR A 803 -28.06 -6.59 16.86
CA THR A 803 -27.63 -5.90 15.65
C THR A 803 -28.45 -6.30 14.43
N GLY A 804 -28.51 -7.59 14.09
CA GLY A 804 -29.28 -8.01 12.95
C GLY A 804 -30.76 -7.74 13.11
N VAL A 805 -31.26 -6.74 12.39
CA VAL A 805 -32.67 -6.37 12.48
C VAL A 805 -33.40 -6.98 11.29
N GLN A 806 -32.70 -7.12 10.18
CA GLN A 806 -33.29 -7.67 8.97
C GLN A 806 -33.29 -9.20 9.02
N ASN A 807 -33.88 -9.79 7.99
CA ASN A 807 -33.80 -11.23 7.79
C ASN A 807 -32.33 -11.65 7.66
N LEU A 808 -32.13 -12.96 7.66
CA LEU A 808 -30.79 -13.56 7.60
C LEU A 808 -29.87 -12.82 6.64
N GLU A 809 -30.40 -12.38 5.50
CA GLU A 809 -29.55 -11.80 4.46
C GLU A 809 -28.69 -10.66 4.97
N HIS A 810 -29.08 -10.02 6.07
CA HIS A 810 -28.25 -9.02 6.72
C HIS A 810 -27.42 -9.60 7.86
N TYR A 811 -27.26 -10.92 7.88
CA TYR A 811 -26.44 -11.60 8.87
C TYR A 811 -25.32 -12.42 8.24
N TRP A 812 -25.60 -13.11 7.13
CA TRP A 812 -24.54 -13.84 6.44
C TRP A 812 -23.41 -12.92 6.00
N GLU A 813 -23.72 -11.71 5.57
CA GLU A 813 -22.69 -10.80 5.07
C GLU A 813 -21.77 -10.31 6.18
N ASN A 814 -22.32 -9.94 7.33
CA ASN A 814 -21.49 -9.57 8.46
C ASN A 814 -20.49 -10.67 8.79
N LEU A 815 -21.00 -11.87 9.07
CA LEU A 815 -20.16 -13.02 9.34
C LEU A 815 -19.08 -13.20 8.28
N LEU A 816 -19.49 -13.39 7.03
CA LEU A 816 -18.53 -13.72 5.98
C LEU A 816 -17.50 -12.62 5.80
N ASN A 817 -17.91 -11.36 5.95
CA ASN A 817 -16.98 -10.26 5.75
C ASN A 817 -15.95 -10.21 6.87
N LEU A 818 -16.41 -10.20 8.12
CA LEU A 818 -15.47 -10.27 9.23
C LEU A 818 -14.51 -11.44 9.05
N LEU A 819 -15.04 -12.59 8.64
CA LEU A 819 -14.24 -13.80 8.59
C LEU A 819 -13.17 -13.71 7.50
N CYS A 820 -13.59 -13.39 6.28
CA CYS A 820 -12.62 -13.24 5.19
C CYS A 820 -11.70 -12.06 5.39
N SER A 821 -12.02 -11.15 6.31
CA SER A 821 -11.09 -10.08 6.65
C SER A 821 -10.04 -10.58 7.64
N ASP A 822 -10.43 -11.46 8.56
CA ASP A 822 -9.48 -12.01 9.51
C ASP A 822 -8.90 -13.34 9.02
N SER A 823 -9.76 -14.33 8.77
CA SER A 823 -9.34 -15.66 8.37
C SER A 823 -9.86 -15.97 6.97
N VAL A 824 -8.96 -16.38 6.09
CA VAL A 824 -9.32 -16.66 4.70
C VAL A 824 -9.55 -18.16 4.54
N GLY A 825 -8.54 -18.97 4.86
CA GLY A 825 -8.65 -20.40 4.64
C GLY A 825 -9.94 -20.98 5.17
N VAL A 826 -10.45 -20.43 6.27
CA VAL A 826 -11.70 -20.93 6.84
C VAL A 826 -12.87 -20.54 5.96
N CYS A 827 -12.85 -19.34 5.40
CA CYS A 827 -13.94 -18.91 4.53
C CYS A 827 -14.11 -19.87 3.37
N LEU A 828 -13.01 -20.31 2.78
CA LEU A 828 -13.10 -21.23 1.65
C LEU A 828 -13.40 -22.64 2.12
N LYS A 829 -12.79 -23.08 3.22
CA LYS A 829 -13.14 -24.38 3.78
C LYS A 829 -14.63 -24.49 4.05
N LEU A 830 -15.28 -23.36 4.34
CA LEU A 830 -16.70 -23.39 4.65
C LEU A 830 -17.56 -23.26 3.40
N CYS A 831 -17.35 -22.18 2.63
CA CYS A 831 -18.15 -21.96 1.43
C CYS A 831 -18.21 -23.23 0.57
N THR A 832 -17.11 -23.95 0.46
CA THR A 832 -17.06 -25.17 -0.34
C THR A 832 -17.58 -26.37 0.41
N ALA A 833 -18.32 -26.16 1.50
CA ALA A 833 -19.03 -27.23 2.18
C ALA A 833 -20.51 -26.94 2.36
N ALA A 834 -20.95 -25.71 2.18
CA ALA A 834 -22.36 -25.39 2.05
C ALA A 834 -22.83 -25.49 0.61
N ILE A 835 -21.96 -25.93 -0.29
CA ILE A 835 -22.32 -26.18 -1.68
C ILE A 835 -22.39 -27.68 -1.90
N SER A 836 -21.30 -28.37 -1.60
CA SER A 836 -21.24 -29.81 -1.83
C SER A 836 -22.36 -30.55 -1.11
N TYR A 837 -22.87 -29.98 -0.01
CA TYR A 837 -24.02 -30.57 0.66
C TYR A 837 -25.34 -30.20 0.01
N ALA A 838 -25.31 -29.33 -1.01
CA ALA A 838 -26.52 -28.89 -1.68
C ALA A 838 -26.60 -29.33 -3.13
N PHE A 839 -25.53 -29.86 -3.69
CA PHE A 839 -25.64 -30.57 -4.97
C PHE A 839 -25.97 -32.04 -4.76
N CYS A 840 -25.64 -32.60 -3.60
CA CYS A 840 -26.15 -33.92 -3.25
C CYS A 840 -27.60 -33.83 -2.78
N ARG A 841 -27.83 -33.12 -1.68
CA ARG A 841 -29.19 -32.83 -1.27
C ARG A 841 -29.78 -31.76 -2.17
N PHE A 842 -31.10 -31.65 -2.15
CA PHE A 842 -31.81 -30.71 -3.00
C PHE A 842 -31.43 -30.90 -4.46
N SER A 843 -31.08 -32.14 -4.82
CA SER A 843 -30.89 -32.54 -6.21
C SER A 843 -32.18 -33.18 -6.72
N GLU A 844 -32.14 -33.62 -7.97
CA GLU A 844 -33.29 -34.26 -8.61
C GLU A 844 -34.49 -33.33 -8.61
N LEU A 845 -34.30 -32.17 -9.22
CA LEU A 845 -35.38 -31.21 -9.40
C LEU A 845 -34.96 -30.23 -10.49
N HIS A 846 -35.96 -29.73 -11.22
CA HIS A 846 -35.67 -28.93 -12.41
C HIS A 846 -34.79 -27.73 -12.05
N GLN A 847 -33.90 -27.39 -12.97
CA GLN A 847 -32.85 -26.40 -12.73
C GLN A 847 -33.38 -24.98 -12.63
N ASP A 848 -34.69 -24.75 -12.63
CA ASP A 848 -35.21 -23.38 -12.54
C ASP A 848 -35.38 -22.92 -11.10
N ILE A 849 -35.76 -23.82 -10.20
CA ILE A 849 -36.02 -23.45 -8.80
C ILE A 849 -34.88 -23.86 -7.87
N PHE A 850 -33.98 -24.74 -8.32
CA PHE A 850 -32.89 -25.20 -7.46
C PHE A 850 -32.08 -24.03 -6.92
N SER A 851 -31.87 -23.00 -7.75
CA SER A 851 -30.99 -21.90 -7.39
C SER A 851 -31.50 -21.04 -6.25
N GLY A 852 -32.63 -21.40 -5.64
CA GLY A 852 -33.16 -20.63 -4.54
C GLY A 852 -32.84 -21.25 -3.19
N CYS A 853 -32.33 -22.48 -3.20
CA CYS A 853 -31.97 -23.16 -1.96
C CYS A 853 -30.76 -22.51 -1.30
N VAL A 854 -29.63 -22.53 -1.99
CA VAL A 854 -28.40 -21.96 -1.43
C VAL A 854 -28.51 -20.43 -1.43
N PRO A 855 -27.97 -19.73 -0.44
CA PRO A 855 -27.94 -18.27 -0.50
C PRO A 855 -27.04 -17.80 -1.62
N PRO A 856 -27.12 -16.52 -1.99
CA PRO A 856 -26.33 -16.03 -3.13
C PRO A 856 -24.88 -15.75 -2.77
N LEU A 857 -24.64 -15.29 -1.54
CA LEU A 857 -23.33 -14.73 -1.22
C LEU A 857 -22.24 -15.80 -1.23
N PHE A 858 -22.56 -17.03 -0.83
CA PHE A 858 -21.56 -18.08 -0.86
C PHE A 858 -20.94 -18.21 -2.26
N LEU A 859 -21.80 -18.24 -3.28
CA LEU A 859 -21.29 -18.28 -4.65
C LEU A 859 -20.62 -16.97 -5.03
N ARG A 860 -21.22 -15.85 -4.63
CA ARG A 860 -20.67 -14.54 -4.95
C ARG A 860 -19.31 -14.32 -4.31
N LYS A 861 -18.88 -15.22 -3.43
CA LYS A 861 -17.58 -15.14 -2.77
C LYS A 861 -16.64 -16.26 -3.17
N LEU A 862 -17.18 -17.43 -3.50
CA LEU A 862 -16.38 -18.49 -4.09
C LEU A 862 -16.01 -18.18 -5.54
N GLN A 863 -16.68 -17.20 -6.15
CA GLN A 863 -16.23 -16.68 -7.43
C GLN A 863 -15.01 -15.79 -7.30
N TYR A 864 -14.62 -15.45 -6.07
CA TYR A 864 -13.54 -14.52 -5.79
C TYR A 864 -12.38 -15.16 -5.05
N LEU A 865 -12.65 -16.06 -4.11
CA LEU A 865 -11.59 -16.63 -3.30
C LEU A 865 -10.79 -17.66 -4.07
N VAL A 866 -11.46 -18.61 -4.70
CA VAL A 866 -10.81 -19.74 -5.36
C VAL A 866 -9.65 -19.27 -6.23
N PRO A 867 -9.89 -18.48 -7.28
CA PRO A 867 -8.78 -18.08 -8.15
C PRO A 867 -7.75 -17.18 -7.48
N ARG A 868 -7.99 -16.76 -6.24
CA ARG A 868 -6.96 -16.05 -5.48
C ARG A 868 -5.99 -17.03 -4.84
N LEU A 869 -6.50 -17.89 -3.96
CA LEU A 869 -5.66 -18.87 -3.29
C LEU A 869 -5.23 -19.97 -4.26
N ILE A 870 -6.20 -20.67 -4.82
CA ILE A 870 -5.92 -21.80 -5.71
C ILE A 870 -5.65 -21.26 -7.11
N TRP A 871 -4.39 -21.06 -7.44
CA TRP A 871 -4.04 -20.84 -8.82
C TRP A 871 -4.20 -22.16 -9.59
N GLU A 872 -3.82 -22.14 -10.86
CA GLU A 872 -4.06 -23.25 -11.79
C GLU A 872 -5.49 -23.26 -12.31
N THR A 873 -6.32 -22.33 -11.85
CA THR A 873 -7.72 -22.26 -12.24
C THR A 873 -8.10 -20.83 -12.63
N ARG A 874 -7.14 -20.04 -13.06
CA ARG A 874 -7.38 -18.66 -13.43
C ARG A 874 -7.70 -18.48 -14.90
N GLY A 875 -7.22 -19.38 -15.75
CA GLY A 875 -7.46 -19.28 -17.18
C GLY A 875 -6.16 -19.22 -17.96
N GLU A 876 -5.09 -19.74 -17.36
CA GLU A 876 -3.77 -19.71 -17.98
C GLU A 876 -3.32 -21.04 -18.55
N VAL A 877 -3.69 -22.16 -17.92
CA VAL A 877 -3.00 -23.41 -18.17
C VAL A 877 -3.81 -24.37 -19.03
N ILE A 878 -4.95 -24.84 -18.54
CA ILE A 878 -5.69 -25.90 -19.22
C ILE A 878 -7.05 -26.04 -18.54
N ARG A 879 -8.02 -26.57 -19.28
CA ARG A 879 -9.32 -26.95 -18.73
C ARG A 879 -9.39 -28.47 -18.72
N ASP A 880 -8.96 -29.06 -17.61
CA ASP A 880 -9.03 -30.51 -17.44
C ASP A 880 -10.43 -30.92 -17.01
N ASP A 881 -11.00 -31.91 -17.70
CA ASP A 881 -12.37 -32.33 -17.44
C ASP A 881 -12.49 -33.81 -17.75
N GLU A 882 -12.73 -34.62 -16.72
CA GLU A 882 -13.00 -36.04 -16.88
C GLU A 882 -14.27 -36.49 -16.19
N GLU A 883 -14.67 -35.83 -15.10
CA GLU A 883 -15.93 -36.08 -14.41
C GLU A 883 -16.65 -34.74 -14.32
N ALA A 884 -17.43 -34.43 -15.36
CA ALA A 884 -18.09 -33.14 -15.47
C ALA A 884 -19.58 -33.19 -15.22
N ASP A 885 -20.26 -34.26 -15.59
CA ASP A 885 -21.71 -34.40 -15.42
C ASP A 885 -21.99 -35.62 -14.57
N SER A 886 -21.90 -35.44 -13.25
CA SER A 886 -22.25 -36.48 -12.30
C SER A 886 -22.29 -35.87 -10.90
N PRO A 887 -23.26 -36.22 -10.05
CA PRO A 887 -23.25 -35.70 -8.68
C PRO A 887 -21.95 -36.07 -7.97
N LEU A 888 -21.15 -35.06 -7.63
CA LEU A 888 -19.85 -35.31 -7.03
C LEU A 888 -20.01 -36.03 -5.70
N ASN A 889 -19.04 -36.90 -5.40
CA ASN A 889 -19.18 -37.80 -4.27
C ASN A 889 -19.13 -37.05 -2.95
N TRP A 890 -20.03 -37.44 -2.04
CA TRP A 890 -20.09 -36.88 -0.69
C TRP A 890 -18.99 -37.55 0.14
N ASN A 891 -17.78 -37.02 0.02
CA ASN A 891 -16.59 -37.64 0.58
C ASN A 891 -15.93 -36.81 1.68
N LEU A 892 -16.53 -35.69 2.09
CA LEU A 892 -15.85 -34.79 3.01
C LEU A 892 -15.52 -35.44 4.35
N TYR A 893 -16.10 -36.60 4.63
CA TYR A 893 -15.86 -37.30 5.89
C TYR A 893 -14.80 -38.38 5.78
N ALA A 894 -14.38 -38.74 4.56
CA ALA A 894 -13.29 -39.67 4.33
C ALA A 894 -12.39 -39.15 3.23
N LEU A 895 -12.08 -37.86 3.29
CA LEU A 895 -11.51 -37.14 2.16
C LEU A 895 -9.98 -37.25 2.18
N ALA A 896 -9.34 -36.51 1.27
CA ALA A 896 -7.90 -36.42 1.21
C ALA A 896 -7.37 -35.01 1.50
N GLY A 897 -8.14 -33.98 1.19
CA GLY A 897 -7.71 -32.62 1.45
C GLY A 897 -8.75 -31.65 0.96
N TRP A 898 -8.49 -30.37 1.21
CA TRP A 898 -9.38 -29.29 0.81
C TRP A 898 -8.98 -28.66 -0.51
N LYS A 899 -8.13 -29.32 -1.29
CA LYS A 899 -7.76 -28.86 -2.62
C LYS A 899 -8.39 -29.71 -3.72
N GLU A 900 -9.19 -30.72 -3.36
CA GLU A 900 -9.91 -31.51 -4.33
C GLU A 900 -11.41 -31.54 -4.05
N ALA A 901 -11.87 -31.02 -2.92
CA ALA A 901 -13.29 -30.84 -2.67
C ALA A 901 -13.81 -29.52 -3.22
N ALA A 902 -12.92 -28.54 -3.40
CA ALA A 902 -13.28 -27.26 -3.97
C ALA A 902 -12.77 -27.09 -5.40
N LEU A 903 -12.03 -28.06 -5.91
CA LEU A 903 -11.66 -28.09 -7.31
C LEU A 903 -12.43 -29.13 -8.11
N SER A 904 -12.91 -30.18 -7.45
CA SER A 904 -13.89 -31.10 -8.04
C SER A 904 -15.28 -30.51 -8.05
N LEU A 905 -15.41 -29.24 -7.69
CA LEU A 905 -16.67 -28.50 -7.69
C LEU A 905 -16.65 -27.31 -8.64
N TRP A 906 -15.54 -26.59 -8.69
CA TRP A 906 -15.36 -25.51 -9.66
C TRP A 906 -15.25 -26.02 -11.08
N ASN A 907 -15.19 -27.33 -11.28
CA ASN A 907 -15.09 -27.93 -12.61
C ASN A 907 -16.37 -28.63 -13.03
N GLN A 908 -17.36 -28.72 -12.14
CA GLN A 908 -18.62 -29.34 -12.49
C GLN A 908 -19.43 -28.40 -13.36
N ASN A 909 -19.87 -28.88 -14.53
CA ASN A 909 -20.49 -28.00 -15.51
C ASN A 909 -21.69 -27.26 -14.94
N ARG A 910 -22.51 -27.95 -14.14
CA ARG A 910 -23.73 -27.34 -13.64
C ARG A 910 -23.48 -26.09 -12.82
N LEU A 911 -22.28 -25.94 -12.24
CA LEU A 911 -21.93 -24.72 -11.53
C LEU A 911 -21.24 -23.72 -12.45
N GLN A 912 -20.16 -24.14 -13.10
CA GLN A 912 -19.43 -23.23 -13.98
C GLN A 912 -20.31 -22.61 -15.05
N GLY A 913 -21.47 -23.21 -15.31
CA GLY A 913 -22.48 -22.62 -16.17
C GLY A 913 -23.58 -21.93 -15.40
N LEU A 914 -23.47 -21.89 -14.08
CA LEU A 914 -24.43 -21.19 -13.22
C LEU A 914 -23.90 -19.85 -12.74
N LEU A 915 -22.59 -19.61 -12.85
CA LEU A 915 -22.00 -18.34 -12.45
C LEU A 915 -22.08 -17.30 -13.57
N ARG A 916 -23.28 -17.14 -14.13
CA ARG A 916 -23.52 -16.16 -15.18
C ARG A 916 -24.79 -15.37 -14.97
N GLU A 917 -25.65 -15.77 -14.04
CA GLU A 917 -26.87 -15.04 -13.75
C GLU A 917 -26.54 -13.69 -13.13
N LYS A 918 -27.59 -12.90 -12.88
CA LYS A 918 -27.44 -11.59 -12.27
C LYS A 918 -27.70 -11.60 -10.77
N SER A 919 -28.44 -12.59 -10.27
CA SER A 919 -28.70 -12.64 -8.84
C SER A 919 -27.41 -12.65 -8.04
N PHE A 920 -26.33 -13.15 -8.64
CA PHE A 920 -25.00 -13.10 -8.01
C PHE A 920 -23.95 -12.86 -9.09
N GLN A 921 -23.57 -11.61 -9.28
CA GLN A 921 -22.42 -11.24 -10.08
C GLN A 921 -21.35 -10.66 -9.17
N VAL A 922 -20.15 -10.49 -9.72
CA VAL A 922 -19.06 -9.84 -9.03
C VAL A 922 -18.47 -8.83 -10.00
N THR A 923 -18.55 -7.54 -9.64
CA THR A 923 -18.25 -6.45 -10.55
C THR A 923 -17.06 -5.66 -10.00
N PHE A 924 -16.48 -4.81 -10.85
CA PHE A 924 -15.29 -4.07 -10.49
C PHE A 924 -15.59 -2.82 -9.67
N MET A 925 -16.46 -2.96 -8.68
CA MET A 925 -16.54 -2.05 -7.56
C MET A 925 -16.84 -2.81 -6.27
N ASP A 926 -17.07 -4.12 -6.34
CA ASP A 926 -17.22 -4.97 -5.18
C ASP A 926 -15.97 -5.75 -4.87
N TRP A 927 -15.21 -6.13 -5.91
CA TRP A 927 -13.92 -6.76 -5.69
C TRP A 927 -13.02 -5.89 -4.84
N LEU A 928 -13.01 -4.59 -5.11
CA LEU A 928 -12.17 -3.67 -4.34
C LEU A 928 -12.57 -3.67 -2.87
N LEU A 929 -13.83 -3.35 -2.60
CA LEU A 929 -14.29 -3.21 -1.23
C LEU A 929 -14.09 -4.46 -0.40
N TRP A 930 -13.73 -5.58 -1.03
CA TRP A 930 -13.28 -6.77 -0.33
C TRP A 930 -11.76 -6.83 -0.23
N GLU A 931 -11.06 -6.61 -1.34
CA GLU A 931 -9.61 -6.64 -1.38
C GLU A 931 -8.97 -5.38 -0.81
N MET A 932 -9.73 -4.31 -0.65
CA MET A 932 -9.22 -3.07 -0.11
C MET A 932 -9.51 -2.96 1.38
N THR A 933 -9.88 -4.06 2.02
CA THR A 933 -10.07 -4.10 3.47
C THR A 933 -9.50 -5.38 4.07
N LEU A 934 -8.57 -6.03 3.38
CA LEU A 934 -7.95 -7.27 3.84
C LEU A 934 -6.52 -6.92 4.27
N LYS A 935 -6.32 -6.81 5.58
CA LYS A 935 -5.05 -6.36 6.12
C LYS A 935 -4.04 -7.50 6.12
N SER A 936 -2.84 -7.23 5.60
CA SER A 936 -1.75 -8.18 5.72
C SER A 936 -1.49 -8.49 7.19
N ASN A 937 -0.64 -9.47 7.42
CA ASN A 937 -0.43 -10.13 8.71
C ASN A 937 -1.55 -11.13 8.97
N ASN A 938 -2.52 -11.24 8.08
CA ASN A 938 -3.62 -12.18 8.20
C ASN A 938 -3.78 -13.07 6.98
N ASP A 939 -3.42 -12.59 5.80
CA ASP A 939 -3.54 -13.39 4.60
C ASP A 939 -2.57 -14.58 4.65
N VAL A 940 -2.64 -15.42 3.62
CA VAL A 940 -1.85 -16.63 3.53
C VAL A 940 -0.90 -16.60 2.35
N LEU A 941 -0.70 -15.42 1.74
CA LEU A 941 0.12 -15.29 0.55
C LEU A 941 1.32 -14.39 0.82
N CYS A 942 2.44 -14.73 0.19
CA CYS A 942 3.60 -13.87 0.25
C CYS A 942 3.31 -12.56 -0.46
N ASP A 943 4.23 -11.60 -0.32
CA ASP A 943 4.01 -10.28 -0.89
C ASP A 943 4.04 -10.32 -2.41
N THR A 944 5.00 -11.05 -2.99
CA THR A 944 5.16 -11.10 -4.43
C THR A 944 4.25 -12.11 -5.10
N ASP A 945 3.20 -12.54 -4.40
CA ASP A 945 2.06 -13.21 -5.00
C ASP A 945 0.77 -12.45 -4.76
N ARG A 946 0.65 -11.83 -3.58
CA ARG A 946 -0.37 -10.84 -3.33
C ARG A 946 -0.24 -9.65 -4.27
N GLN A 947 0.93 -9.49 -4.91
CA GLN A 947 1.12 -8.43 -5.89
C GLN A 947 1.19 -8.96 -7.31
N GLU A 948 0.81 -10.21 -7.52
CA GLU A 948 0.51 -10.73 -8.84
C GLU A 948 -0.97 -11.03 -9.03
N TYR A 949 -1.64 -11.49 -7.97
CA TYR A 949 -3.09 -11.69 -8.04
C TYR A 949 -3.78 -10.43 -8.56
N GLN A 950 -3.54 -9.31 -7.89
CA GLN A 950 -4.19 -8.06 -8.27
C GLN A 950 -3.90 -7.73 -9.73
N ARG A 951 -2.61 -7.65 -10.09
CA ARG A 951 -2.26 -7.33 -11.46
C ARG A 951 -2.88 -8.28 -12.46
N TRP A 952 -3.26 -9.48 -12.03
CA TRP A 952 -4.05 -10.33 -12.92
C TRP A 952 -5.50 -9.88 -12.94
N ALA A 953 -6.07 -9.56 -11.78
CA ALA A 953 -7.47 -9.18 -11.70
C ALA A 953 -7.74 -7.91 -12.50
N VAL A 954 -7.09 -6.82 -12.11
CA VAL A 954 -7.23 -5.52 -12.77
C VAL A 954 -7.19 -5.70 -14.28
N ASN A 955 -6.24 -6.50 -14.76
CA ASN A 955 -6.11 -6.74 -16.19
C ASN A 955 -7.08 -7.80 -16.69
N HIS A 956 -8.11 -8.10 -15.90
CA HIS A 956 -9.21 -8.97 -16.31
C HIS A 956 -10.56 -8.30 -16.21
N TYR A 957 -10.73 -7.34 -15.30
CA TYR A 957 -11.87 -6.45 -15.28
C TYR A 957 -11.63 -5.19 -16.09
N LEU A 958 -10.52 -5.13 -16.80
CA LEU A 958 -10.19 -4.03 -17.69
C LEU A 958 -10.37 -4.39 -19.16
N SER A 959 -10.62 -5.66 -19.45
CA SER A 959 -10.89 -6.15 -20.80
C SER A 959 -12.23 -6.88 -20.83
N GLU A 960 -13.19 -6.37 -20.07
CA GLU A 960 -14.49 -7.01 -19.90
C GLU A 960 -15.59 -6.00 -20.22
N SER A 961 -16.68 -6.48 -20.80
CA SER A 961 -17.73 -5.58 -21.25
C SER A 961 -18.32 -4.81 -20.07
N SER A 962 -19.15 -3.83 -20.40
CA SER A 962 -19.71 -2.93 -19.40
C SER A 962 -21.08 -3.38 -18.90
N VAL A 963 -21.87 -4.06 -19.74
CA VAL A 963 -23.11 -4.64 -19.25
C VAL A 963 -22.82 -5.54 -18.05
N VAL A 964 -21.76 -6.33 -18.14
CA VAL A 964 -21.19 -6.97 -16.97
C VAL A 964 -20.29 -5.97 -16.24
N GLY A 965 -20.03 -6.24 -14.98
CA GLY A 965 -19.11 -5.41 -14.23
C GLY A 965 -17.76 -5.37 -14.91
N GLY A 966 -17.33 -4.18 -15.31
CA GLY A 966 -16.07 -4.04 -16.01
C GLY A 966 -16.05 -2.80 -16.87
N CYS A 967 -14.90 -2.58 -17.50
CA CYS A 967 -14.70 -1.47 -18.42
C CYS A 967 -13.90 -1.99 -19.61
N ASN A 968 -14.37 -1.66 -20.81
CA ASN A 968 -13.87 -2.31 -22.02
C ASN A 968 -12.35 -2.19 -22.16
N GLY A 969 -11.86 -0.97 -22.36
CA GLY A 969 -10.43 -0.74 -22.41
C GLY A 969 -10.06 0.63 -21.87
N ASP A 970 -11.01 1.29 -21.21
CA ASP A 970 -10.86 2.69 -20.83
C ASP A 970 -10.08 2.77 -19.52
N LEU A 971 -8.76 2.86 -19.64
CA LEU A 971 -7.92 3.13 -18.48
C LEU A 971 -8.49 4.28 -17.66
N GLU A 972 -9.02 5.31 -18.35
CA GLU A 972 -9.69 6.40 -17.66
C GLU A 972 -10.78 5.87 -16.74
N ARG A 973 -11.64 5.01 -17.28
CA ARG A 973 -12.73 4.47 -16.47
C ARG A 973 -12.20 3.64 -15.32
N GLY A 974 -11.10 2.91 -15.53
CA GLY A 974 -10.47 2.18 -14.47
C GLY A 974 -10.08 3.06 -13.31
N CYS A 975 -9.25 4.06 -13.60
CA CYS A 975 -8.82 4.98 -12.56
C CYS A 975 -10.00 5.65 -11.89
N ILE A 976 -11.01 6.02 -12.67
CA ILE A 976 -12.21 6.65 -12.11
C ILE A 976 -12.83 5.73 -11.08
N THR A 977 -13.01 4.46 -11.43
CA THR A 977 -13.65 3.52 -10.52
C THR A 977 -12.82 3.33 -9.26
N ILE A 978 -11.50 3.22 -9.41
CA ILE A 978 -10.65 3.02 -8.23
C ILE A 978 -10.76 4.21 -7.29
N ALA A 979 -10.71 5.42 -7.85
CA ALA A 979 -10.81 6.61 -7.02
C ALA A 979 -12.16 6.68 -6.32
N GLU A 980 -13.23 6.36 -7.05
CA GLU A 980 -14.56 6.38 -6.46
C GLU A 980 -14.66 5.41 -5.30
N ALA A 981 -14.07 4.22 -5.46
CA ALA A 981 -14.09 3.24 -4.37
C ALA A 981 -13.30 3.75 -3.17
N VAL A 982 -12.08 4.21 -3.41
CA VAL A 982 -11.26 4.74 -2.32
C VAL A 982 -12.04 5.80 -1.55
N LEU A 983 -12.75 6.67 -2.26
CA LEU A 983 -13.56 7.67 -1.59
C LEU A 983 -14.71 7.03 -0.82
N GLN A 984 -15.37 6.03 -1.42
CA GLN A 984 -16.43 5.29 -0.76
C GLN A 984 -15.89 4.06 -0.06
N PHE A 985 -14.81 4.25 0.69
CA PHE A 985 -14.33 3.25 1.64
C PHE A 985 -14.14 3.89 3.01
N SER A 986 -13.80 5.19 3.02
CA SER A 986 -13.65 5.89 4.28
C SER A 986 -14.90 5.77 5.15
N ASN A 987 -16.07 5.90 4.53
CA ASN A 987 -17.33 5.81 5.27
C ASN A 987 -17.68 4.35 5.58
N LYS A 1004 -2.62 8.35 8.75
CA LYS A 1004 -2.80 7.03 9.34
C LYS A 1004 -2.03 5.97 8.55
N SER A 1005 -2.06 4.73 9.03
CA SER A 1005 -1.33 3.63 8.43
C SER A 1005 -2.31 2.49 8.11
N HIS A 1006 -2.41 2.14 6.84
CA HIS A 1006 -3.19 0.99 6.40
C HIS A 1006 -2.46 0.33 5.25
N THR A 1007 -2.51 -1.01 5.21
CA THR A 1007 -1.70 -1.80 4.31
C THR A 1007 -2.39 -2.13 2.99
N GLY A 1008 -3.65 -2.56 3.03
CA GLY A 1008 -4.33 -2.92 1.80
C GLY A 1008 -4.48 -1.77 0.84
N LEU A 1009 -4.91 -0.62 1.36
CA LEU A 1009 -5.12 0.55 0.51
C LEU A 1009 -3.87 0.93 -0.26
N GLY A 1010 -2.70 0.69 0.33
CA GLY A 1010 -1.46 1.04 -0.34
C GLY A 1010 -1.28 0.31 -1.66
N ASP A 1011 -1.74 -0.95 -1.72
CA ASP A 1011 -1.59 -1.71 -2.94
C ASP A 1011 -2.46 -1.13 -4.06
N ILE A 1012 -3.71 -0.79 -3.75
CA ILE A 1012 -4.57 -0.14 -4.74
C ILE A 1012 -3.93 1.15 -5.22
N LEU A 1013 -3.43 1.95 -4.29
CA LEU A 1013 -2.81 3.22 -4.69
C LEU A 1013 -1.49 3.01 -5.40
N CYS A 1014 -0.90 1.81 -5.31
CA CYS A 1014 0.27 1.50 -6.11
C CYS A 1014 -0.09 1.01 -7.51
N ARG A 1015 -1.29 0.45 -7.68
CA ARG A 1015 -1.73 0.09 -9.02
C ARG A 1015 -2.21 1.32 -9.80
N LEU A 1016 -2.80 2.28 -9.10
CA LEU A 1016 -3.09 3.55 -9.77
C LEU A 1016 -1.87 4.07 -10.51
N GLN A 1017 -0.70 4.01 -9.88
CA GLN A 1017 0.50 4.54 -10.51
C GLN A 1017 0.90 3.71 -11.72
N GLU A 1018 0.88 2.38 -11.59
CA GLU A 1018 1.22 1.54 -12.72
C GLU A 1018 0.31 1.80 -13.90
N LEU A 1019 -0.94 2.19 -13.64
CA LEU A 1019 -1.85 2.50 -14.73
C LEU A 1019 -1.55 3.88 -15.31
N ILE A 1020 -1.39 4.87 -14.44
CA ILE A 1020 -1.28 6.27 -14.88
C ILE A 1020 0.01 6.50 -15.63
N CYS A 1021 1.13 6.04 -15.08
CA CYS A 1021 2.43 6.32 -15.67
C CYS A 1021 2.47 6.00 -17.16
N ASP A 1022 1.54 5.17 -17.65
CA ASP A 1022 1.40 4.94 -19.07
C ASP A 1022 0.67 6.06 -19.79
N ILE A 1023 0.25 7.09 -19.08
CA ILE A 1023 -0.48 8.21 -19.67
C ILE A 1023 0.45 9.40 -19.82
N VAL A 1024 1.00 9.86 -18.70
CA VAL A 1024 1.85 11.05 -18.71
C VAL A 1024 3.00 10.87 -19.70
N THR A 1025 3.41 9.64 -19.94
CA THR A 1025 4.46 9.35 -20.91
C THR A 1025 3.93 9.27 -22.35
N SER A 1026 2.66 9.58 -22.57
CA SER A 1026 2.05 9.54 -23.89
C SER A 1026 1.61 10.89 -24.41
N HIS A 1027 1.25 11.82 -23.53
CA HIS A 1027 0.84 13.17 -23.91
C HIS A 1027 -0.39 13.14 -24.82
N HIS A 1028 -1.48 12.62 -24.26
CA HIS A 1028 -2.75 12.55 -24.96
C HIS A 1028 -3.08 13.86 -25.68
N GLN A 1029 -3.20 14.95 -24.92
CA GLN A 1029 -3.61 16.27 -25.37
C GLN A 1029 -5.08 16.31 -25.80
N LYS A 1030 -5.78 15.18 -25.77
CA LYS A 1030 -7.21 15.14 -26.07
C LYS A 1030 -8.02 14.68 -24.87
N GLY A 1031 -7.57 13.64 -24.18
CA GLY A 1031 -8.10 13.30 -22.87
C GLY A 1031 -7.08 13.65 -21.81
N ARG A 1032 -7.30 14.72 -21.08
CA ARG A 1032 -6.31 15.24 -20.14
C ARG A 1032 -6.91 15.23 -18.75
N ARG A 1033 -6.17 15.79 -17.78
CA ARG A 1033 -6.48 15.60 -16.37
C ARG A 1033 -7.92 15.96 -16.01
N HIS A 1034 -8.62 16.70 -16.87
CA HIS A 1034 -9.98 17.12 -16.54
C HIS A 1034 -10.87 15.93 -16.21
N PHE A 1035 -10.63 14.78 -16.85
CA PHE A 1035 -11.48 13.62 -16.60
C PHE A 1035 -11.43 13.17 -15.16
N PHE A 1036 -10.37 13.50 -14.43
CA PHE A 1036 -10.16 13.00 -13.08
C PHE A 1036 -10.83 13.89 -12.05
N PHE A 1037 -10.41 15.16 -11.99
CA PHE A 1037 -10.89 16.07 -10.96
C PHE A 1037 -12.41 16.11 -10.89
N ALA A 1038 -13.08 15.94 -12.03
CA ALA A 1038 -14.54 15.96 -12.05
C ALA A 1038 -15.12 15.13 -10.90
N ILE A 1039 -14.55 13.95 -10.66
CA ILE A 1039 -15.07 13.08 -9.61
C ILE A 1039 -15.24 13.88 -8.32
N PHE A 1040 -14.16 14.46 -7.84
CA PHE A 1040 -14.21 15.25 -6.60
C PHE A 1040 -15.39 16.21 -6.64
N TYR A 1041 -15.50 16.98 -7.72
CA TYR A 1041 -16.51 18.03 -7.78
C TYR A 1041 -17.90 17.49 -7.51
N GLN A 1042 -18.18 16.26 -7.94
CA GLN A 1042 -19.53 15.71 -7.75
C GLN A 1042 -19.66 14.96 -6.44
N ARG A 1043 -18.56 14.47 -5.88
CA ARG A 1043 -18.60 13.94 -4.53
C ARG A 1043 -18.71 15.04 -3.49
N LEU A 1044 -18.49 16.29 -3.88
CA LEU A 1044 -18.43 17.42 -2.97
C LEU A 1044 -19.60 18.38 -3.12
N GLU A 1045 -20.63 17.97 -3.86
CA GLU A 1045 -21.85 18.75 -3.97
C GLU A 1045 -23.00 18.20 -3.13
N LEU A 1046 -22.99 16.90 -2.86
CA LEU A 1046 -24.03 16.30 -2.03
C LEU A 1046 -24.11 16.98 -0.67
N HIS A 1047 -22.98 17.43 -0.14
CA HIS A 1047 -22.93 18.04 1.18
C HIS A 1047 -23.10 19.55 1.10
N LYS A 1048 -24.18 19.98 0.43
CA LYS A 1048 -24.55 21.39 0.40
C LYS A 1048 -25.81 21.69 1.19
N GLY A 1049 -26.55 20.67 1.61
CA GLY A 1049 -27.71 20.86 2.45
C GLY A 1049 -27.31 21.07 3.89
N LYS A 1050 -26.79 22.26 4.20
CA LYS A 1050 -26.33 22.59 5.54
C LYS A 1050 -27.29 22.06 6.60
N LYS A 1051 -26.73 21.43 7.63
CA LYS A 1051 -27.51 20.72 8.62
C LYS A 1051 -26.81 20.83 9.96
N GLU A 1052 -27.19 19.96 10.90
CA GLU A 1052 -26.71 20.01 12.28
C GLU A 1052 -25.38 19.26 12.37
N LEU A 1053 -24.31 19.96 11.99
CA LEU A 1053 -22.94 19.51 12.21
C LEU A 1053 -22.76 18.03 11.88
N SER A 1054 -23.33 17.62 10.75
CA SER A 1054 -23.23 16.24 10.29
C SER A 1054 -22.60 16.08 8.92
N ASN A 1055 -22.67 17.09 8.06
CA ASN A 1055 -22.10 17.01 6.72
C ASN A 1055 -20.77 17.71 6.56
N HIS A 1056 -20.57 18.85 7.25
CA HIS A 1056 -19.27 19.51 7.20
C HIS A 1056 -18.15 18.55 7.55
N LEU A 1057 -18.34 17.76 8.62
CA LEU A 1057 -17.33 16.79 9.01
C LEU A 1057 -17.05 15.81 7.89
N SER A 1058 -18.11 15.26 7.29
CA SER A 1058 -17.93 14.38 6.15
C SER A 1058 -17.23 15.09 5.00
N LYS A 1059 -17.50 16.38 4.82
CA LYS A 1059 -16.86 17.12 3.75
C LYS A 1059 -15.35 17.18 3.94
N GLN A 1060 -14.90 17.63 5.10
CA GLN A 1060 -13.46 17.68 5.32
C GLN A 1060 -12.86 16.29 5.38
N GLY A 1061 -13.64 15.29 5.78
CA GLY A 1061 -13.13 13.93 5.80
C GLY A 1061 -12.90 13.37 4.41
N VAL A 1062 -13.76 13.73 3.46
CA VAL A 1062 -13.52 13.32 2.08
C VAL A 1062 -12.43 14.17 1.47
N LEU A 1063 -12.29 15.41 1.91
CA LEU A 1063 -11.27 16.29 1.35
C LEU A 1063 -9.87 15.82 1.72
N GLU A 1064 -9.67 15.42 2.98
CA GLU A 1064 -8.38 14.88 3.37
C GLU A 1064 -8.01 13.66 2.53
N MET A 1065 -9.00 12.88 2.11
CA MET A 1065 -8.72 11.73 1.26
C MET A 1065 -8.44 12.15 -0.17
N CYS A 1066 -9.17 13.16 -0.67
CA CYS A 1066 -8.83 13.75 -1.96
C CYS A 1066 -7.38 14.17 -1.99
N CYS A 1067 -6.87 14.68 -0.87
CA CYS A 1067 -5.46 15.05 -0.79
C CYS A 1067 -4.56 13.83 -0.73
N ARG A 1068 -4.84 12.91 0.19
CA ARG A 1068 -4.04 11.69 0.32
C ARG A 1068 -3.89 10.99 -1.01
N ILE A 1069 -4.92 11.03 -1.86
CA ILE A 1069 -4.83 10.36 -3.15
C ILE A 1069 -3.74 11.01 -4.00
N LEU A 1070 -3.87 12.31 -4.25
CA LEU A 1070 -2.90 13.02 -5.08
C LEU A 1070 -1.46 12.73 -4.67
N LEU A 1071 -1.25 12.43 -3.39
CA LEU A 1071 0.06 12.02 -2.91
C LEU A 1071 0.31 10.53 -3.09
N GLY A 1072 -0.62 9.81 -3.72
CA GLY A 1072 -0.54 8.37 -3.86
C GLY A 1072 -0.60 7.92 -5.30
N LEU A 1073 -0.86 8.85 -6.21
CA LEU A 1073 -0.67 8.59 -7.64
C LEU A 1073 0.26 9.64 -8.26
N PRO A 1074 1.33 10.04 -7.60
CA PRO A 1074 2.31 10.87 -8.26
C PRO A 1074 3.39 10.03 -8.93
N PRO A 1075 3.51 10.11 -10.24
CA PRO A 1075 4.84 10.15 -10.84
C PRO A 1075 5.41 11.55 -10.66
N LEU A 1076 4.70 12.34 -9.87
CA LEU A 1076 5.06 13.64 -9.34
C LEU A 1076 4.83 14.79 -10.32
N PHE A 1077 4.35 14.52 -11.54
CA PHE A 1077 3.96 15.62 -12.40
C PHE A 1077 2.70 15.29 -13.20
N LEU A 1078 1.79 14.49 -12.62
CA LEU A 1078 0.44 14.43 -13.17
C LEU A 1078 -0.17 15.82 -13.18
N ILE A 1079 0.14 16.62 -12.17
CA ILE A 1079 -0.42 17.97 -12.05
C ILE A 1079 0.53 18.89 -12.80
N ASN A 1080 0.43 18.85 -14.14
CA ASN A 1080 1.11 19.74 -15.06
C ASN A 1080 0.60 19.47 -16.46
N THR A 1081 0.20 20.50 -17.19
CA THR A 1081 -0.47 20.35 -18.48
C THR A 1081 0.39 20.96 -19.58
N PRO A 1082 1.42 20.25 -20.02
CA PRO A 1082 2.21 20.73 -21.16
C PRO A 1082 1.42 20.71 -22.46
N SER A 1083 2.07 21.08 -23.56
CA SER A 1083 1.43 21.14 -24.85
C SER A 1083 2.45 20.74 -25.91
N GLU A 1084 2.13 20.98 -27.18
CA GLU A 1084 3.03 20.60 -28.26
C GLU A 1084 2.67 21.39 -29.51
N LYS A 1085 3.59 22.24 -29.97
CA LYS A 1085 3.50 22.90 -31.26
C LYS A 1085 4.87 22.93 -31.93
N GLY A 1086 5.68 21.91 -31.67
CA GLY A 1086 7.09 21.94 -31.94
C GLY A 1086 7.93 22.19 -30.71
N ILE A 1087 7.35 22.80 -29.68
CA ILE A 1087 7.98 23.02 -28.40
C ILE A 1087 6.99 22.61 -27.30
N ARG A 1088 7.38 22.83 -26.05
CA ARG A 1088 6.54 22.50 -24.91
C ARG A 1088 6.53 23.69 -23.95
N THR A 1089 5.34 24.15 -23.60
CA THR A 1089 5.16 25.38 -22.85
C THR A 1089 5.07 25.17 -21.34
N LEU A 1090 4.69 23.99 -20.88
CA LEU A 1090 4.72 23.57 -19.49
C LEU A 1090 3.58 24.12 -18.65
N GLY A 1091 2.67 24.91 -19.22
CA GLY A 1091 1.60 25.50 -18.43
C GLY A 1091 0.81 24.50 -17.62
N SER A 1092 0.07 24.99 -16.63
CA SER A 1092 -0.82 24.15 -15.82
C SER A 1092 -2.13 24.92 -15.59
N GLU A 1093 -3.09 24.72 -16.50
CA GLU A 1093 -4.37 25.40 -16.37
C GLU A 1093 -5.31 24.70 -15.38
N ASP A 1094 -4.95 23.52 -14.90
CA ASP A 1094 -5.73 22.81 -13.91
C ASP A 1094 -4.92 22.66 -12.63
N PHE A 1095 -5.61 22.26 -11.56
CA PHE A 1095 -5.08 22.26 -10.21
C PHE A 1095 -5.00 23.68 -9.66
N TRP A 1096 -5.31 24.67 -10.50
CA TRP A 1096 -5.43 26.03 -10.02
C TRP A 1096 -6.87 26.34 -9.64
N GLN A 1097 -7.83 25.85 -10.43
CA GLN A 1097 -9.22 25.98 -10.06
C GLN A 1097 -9.55 25.12 -8.85
N PHE A 1098 -9.04 23.89 -8.83
CA PHE A 1098 -9.29 23.01 -7.69
C PHE A 1098 -8.78 23.66 -6.41
N VAL A 1099 -7.63 24.31 -6.47
CA VAL A 1099 -7.08 24.96 -5.29
C VAL A 1099 -7.89 26.20 -4.94
N ASN A 1100 -8.21 27.04 -5.92
CA ASN A 1100 -8.96 28.25 -5.63
C ASN A 1100 -10.36 27.97 -5.15
N LYS A 1101 -10.89 26.77 -5.37
CA LYS A 1101 -12.26 26.46 -5.02
C LYS A 1101 -12.41 25.54 -3.81
N GLU A 1102 -11.74 24.38 -3.80
CA GLU A 1102 -12.09 23.35 -2.84
C GLU A 1102 -10.87 22.68 -2.20
N LEU A 1103 -9.74 23.39 -2.14
CA LEU A 1103 -8.58 22.85 -1.44
C LEU A 1103 -8.06 23.84 -0.41
N LYS A 1104 -8.12 25.13 -0.73
CA LYS A 1104 -7.64 26.13 0.20
C LYS A 1104 -8.37 26.08 1.53
N ASN A 1105 -9.57 25.51 1.56
CA ASN A 1105 -10.32 25.33 2.80
C ASN A 1105 -10.12 23.93 3.36
N LEU A 1106 -8.84 23.56 3.55
CA LEU A 1106 -8.48 22.22 3.99
C LEU A 1106 -7.81 22.23 5.36
N GLY A 1107 -6.72 22.96 5.52
CA GLY A 1107 -5.87 22.82 6.67
C GLY A 1107 -5.93 23.99 7.63
N PRO A 1108 -5.07 23.98 8.62
CA PRO A 1108 -5.05 25.04 9.62
C PRO A 1108 -4.25 26.25 9.13
N ARG A 1109 -4.17 27.25 9.99
CA ARG A 1109 -3.46 28.50 9.74
C ARG A 1109 -4.22 29.39 8.77
N GLY A 1110 -5.28 28.88 8.14
CA GLY A 1110 -6.12 29.74 7.34
C GLY A 1110 -5.58 29.93 5.95
N TYR A 1111 -4.83 31.03 5.79
CA TYR A 1111 -4.33 31.52 4.52
C TYR A 1111 -3.39 30.57 3.78
N ALA A 1112 -3.07 29.42 4.36
CA ALA A 1112 -2.03 28.55 3.81
C ALA A 1112 -2.54 27.14 3.61
N LEU A 1113 -1.73 26.36 2.91
CA LEU A 1113 -1.87 24.93 2.77
C LEU A 1113 -0.87 24.22 3.66
N PRO A 1114 -0.96 22.90 3.77
CA PRO A 1114 0.07 22.15 4.50
C PRO A 1114 1.29 21.88 3.64
N TYR A 1115 2.38 21.50 4.31
CA TYR A 1115 3.63 21.19 3.63
C TYR A 1115 3.71 19.70 3.33
N ASN A 1116 2.68 19.22 2.64
CA ASN A 1116 2.73 17.92 1.99
C ASN A 1116 2.15 17.95 0.59
N ILE A 1117 1.44 19.00 0.22
CA ILE A 1117 0.89 19.13 -1.12
C ILE A 1117 1.48 20.30 -1.89
N THR A 1118 2.05 21.29 -1.20
CA THR A 1118 2.66 22.44 -1.86
C THR A 1118 4.10 22.18 -2.29
N ALA A 1119 4.63 21.01 -1.99
CA ALA A 1119 5.94 20.62 -2.50
C ALA A 1119 5.86 19.84 -3.79
N HIS A 1120 4.72 19.21 -4.06
CA HIS A 1120 4.56 18.46 -5.30
C HIS A 1120 4.54 19.38 -6.51
N PHE A 1121 3.96 20.57 -6.37
CA PHE A 1121 3.95 21.51 -7.49
C PHE A 1121 5.37 21.94 -7.84
N PHE A 1122 6.19 22.25 -6.84
CA PHE A 1122 7.54 22.71 -7.09
C PHE A 1122 8.42 21.55 -7.55
N ARG A 1123 8.40 20.44 -6.81
CA ARG A 1123 9.12 19.25 -7.22
C ARG A 1123 8.58 18.65 -8.52
N GLY A 1124 7.50 19.22 -9.06
CA GLY A 1124 6.96 18.78 -10.33
C GLY A 1124 7.37 19.69 -11.46
N VAL A 1125 7.40 21.00 -11.22
CA VAL A 1125 7.96 21.90 -12.23
C VAL A 1125 9.45 21.64 -12.39
N ILE A 1126 10.10 21.20 -11.30
CA ILE A 1126 11.52 20.86 -11.38
C ILE A 1126 11.73 19.61 -12.21
N SER A 1127 10.77 18.68 -12.18
CA SER A 1127 10.93 17.40 -12.85
C SER A 1127 10.36 17.39 -14.26
N ALA A 1128 9.45 18.31 -14.57
CA ALA A 1128 8.90 18.47 -15.90
C ALA A 1128 9.65 19.51 -16.71
N SER A 1129 10.55 20.25 -16.09
CA SER A 1129 11.41 21.19 -16.78
C SER A 1129 12.55 20.50 -17.52
N VAL A 1130 12.49 19.19 -17.64
CA VAL A 1130 13.48 18.44 -18.40
C VAL A 1130 13.09 18.32 -19.87
N GLN A 1131 11.80 18.11 -20.13
CA GLN A 1131 11.34 17.90 -21.49
C GLN A 1131 11.69 19.08 -22.39
N CYS A 1132 11.56 20.30 -21.87
CA CYS A 1132 11.82 21.49 -22.67
C CYS A 1132 13.29 21.55 -23.06
N LYS A 1133 13.62 22.54 -23.88
CA LYS A 1133 14.98 22.71 -24.37
C LYS A 1133 15.82 23.62 -23.49
N ASP A 1134 15.20 24.63 -22.86
CA ASP A 1134 15.94 25.51 -21.97
C ASP A 1134 16.10 24.91 -20.58
N SER A 1135 15.00 24.61 -19.92
CA SER A 1135 14.90 24.07 -18.58
C SER A 1135 15.14 25.14 -17.52
N SER A 1136 15.45 26.38 -17.90
CA SER A 1136 15.60 27.47 -16.96
C SER A 1136 14.59 28.60 -17.18
N GLU A 1137 13.95 28.67 -18.35
CA GLU A 1137 12.92 29.64 -18.62
C GLU A 1137 11.52 29.08 -18.44
N ALA A 1138 11.31 27.81 -18.76
CA ALA A 1138 10.01 27.18 -18.55
C ALA A 1138 9.56 27.30 -17.11
N VAL A 1139 10.51 27.34 -16.17
CA VAL A 1139 10.16 27.45 -14.76
C VAL A 1139 9.79 28.89 -14.42
N ASN A 1140 10.58 29.85 -14.93
CA ASN A 1140 10.28 31.24 -14.68
C ASN A 1140 8.92 31.63 -15.24
N SER A 1141 8.54 31.06 -16.38
CA SER A 1141 7.23 31.36 -16.95
C SER A 1141 6.12 30.95 -15.99
N ILE A 1142 6.14 29.70 -15.54
CA ILE A 1142 5.12 29.20 -14.62
C ILE A 1142 5.09 30.06 -13.37
N LEU A 1143 6.26 30.30 -12.78
CA LEU A 1143 6.32 30.98 -11.49
C LEU A 1143 6.05 32.46 -11.60
N SER A 1144 6.09 33.03 -12.81
CA SER A 1144 5.66 34.39 -13.01
C SER A 1144 4.16 34.46 -13.25
N ALA A 1145 3.59 33.46 -13.92
CA ALA A 1145 2.14 33.41 -14.06
C ALA A 1145 1.47 33.17 -12.72
N THR A 1146 2.09 32.39 -11.85
CA THR A 1146 1.47 32.02 -10.59
C THR A 1146 1.20 33.20 -9.67
N TYR A 1147 1.77 34.37 -9.96
CA TYR A 1147 1.52 35.53 -9.10
C TYR A 1147 0.11 36.05 -9.27
N SER A 1148 -0.43 35.99 -10.49
CA SER A 1148 -1.79 36.47 -10.73
C SER A 1148 -2.82 35.47 -10.25
N THR A 1149 -2.76 34.25 -10.76
CA THR A 1149 -3.69 33.18 -10.42
C THR A 1149 -3.01 32.16 -9.52
N CYS A 1150 -3.78 31.62 -8.58
CA CYS A 1150 -3.29 30.65 -7.60
C CYS A 1150 -2.14 31.23 -6.79
N PRO A 1151 -2.35 32.37 -6.13
CA PRO A 1151 -1.30 32.89 -5.24
C PRO A 1151 -1.20 32.15 -3.94
N ALA A 1152 -2.26 31.46 -3.53
CA ALA A 1152 -2.26 30.75 -2.25
C ALA A 1152 -1.14 29.71 -2.15
N LEU A 1153 -0.44 29.43 -3.24
CA LEU A 1153 0.65 28.47 -3.18
C LEU A 1153 1.93 29.13 -2.68
N LEU A 1154 2.36 30.20 -3.34
CA LEU A 1154 3.58 30.91 -2.94
C LEU A 1154 3.60 31.16 -1.44
N ILE A 1155 2.55 31.78 -0.92
CA ILE A 1155 2.45 32.04 0.52
C ILE A 1155 2.69 30.77 1.31
N SER A 1156 2.18 29.64 0.83
CA SER A 1156 2.41 28.38 1.52
C SER A 1156 3.85 27.90 1.41
N ALA A 1157 4.61 28.44 0.46
CA ALA A 1157 6.05 28.20 0.46
C ALA A 1157 6.74 29.10 1.48
N ALA A 1158 6.51 30.41 1.39
CA ALA A 1158 7.04 31.35 2.35
C ALA A 1158 6.86 30.88 3.77
N VAL A 1159 5.64 30.52 4.13
CA VAL A 1159 5.34 30.07 5.49
C VAL A 1159 6.11 28.79 5.80
N GLY A 1160 6.48 28.05 4.76
CA GLY A 1160 7.13 26.75 4.94
C GLY A 1160 8.40 26.60 4.12
N TRP A 1161 9.16 27.68 4.00
CA TRP A 1161 10.35 27.69 3.17
C TRP A 1161 11.50 26.87 3.77
N PRO A 1162 11.87 27.09 5.03
CA PRO A 1162 13.13 26.52 5.52
C PRO A 1162 13.23 25.02 5.36
N GLN A 1163 12.10 24.30 5.45
CA GLN A 1163 12.06 22.87 5.20
C GLN A 1163 11.77 22.56 3.74
N LEU A 1164 12.00 23.52 2.85
CA LEU A 1164 11.77 23.34 1.42
C LEU A 1164 12.97 23.71 0.58
N ASP A 1165 13.88 24.53 1.08
CA ASP A 1165 15.05 24.95 0.30
C ASP A 1165 15.95 23.78 -0.06
N PRO A 1166 16.52 23.05 0.90
CA PRO A 1166 17.46 21.97 0.54
C PRO A 1166 16.87 20.95 -0.42
N VAL A 1167 15.57 20.67 -0.30
CA VAL A 1167 14.92 19.73 -1.22
C VAL A 1167 15.22 20.12 -2.66
N LEU A 1168 14.86 21.35 -3.04
CA LEU A 1168 15.05 21.80 -4.41
C LEU A 1168 16.52 21.98 -4.73
N ARG A 1169 17.27 22.54 -3.78
CA ARG A 1169 18.70 22.76 -4.00
C ARG A 1169 19.42 21.47 -4.30
N SER A 1170 18.89 20.34 -3.82
CA SER A 1170 19.47 19.04 -4.08
C SER A 1170 18.93 18.41 -5.35
N GLN A 1171 17.62 18.53 -5.57
CA GLN A 1171 17.03 17.99 -6.79
C GLN A 1171 17.69 18.59 -8.02
N TRP A 1172 17.78 19.92 -8.07
CA TRP A 1172 18.37 20.56 -9.23
C TRP A 1172 19.79 20.07 -9.48
N CYS A 1173 20.62 20.01 -8.43
CA CYS A 1173 21.99 19.53 -8.60
C CYS A 1173 22.02 18.08 -9.03
N SER A 1174 21.02 17.29 -8.63
CA SER A 1174 20.96 15.90 -9.04
C SER A 1174 20.67 15.78 -10.53
N LEU A 1175 19.80 16.64 -11.05
CA LEU A 1175 19.39 16.52 -12.44
C LEU A 1175 20.36 17.21 -13.39
N PHE A 1176 20.58 18.52 -13.20
CA PHE A 1176 21.41 19.29 -14.11
C PHE A 1176 22.80 19.55 -13.55
N GLY A 1177 22.88 20.16 -12.37
CA GLY A 1177 24.16 20.51 -11.78
C GLY A 1177 24.69 21.85 -12.25
N VAL A 1178 23.80 22.84 -12.34
CA VAL A 1178 24.16 24.20 -12.72
C VAL A 1178 23.46 25.17 -11.78
N ASP A 1179 23.64 26.46 -12.05
CA ASP A 1179 23.07 27.49 -11.19
C ASP A 1179 21.55 27.42 -11.22
N LEU A 1180 20.93 27.97 -10.19
CA LEU A 1180 19.48 28.01 -10.08
C LEU A 1180 18.93 29.12 -10.96
N PRO A 1181 17.63 29.09 -11.24
CA PRO A 1181 17.03 30.14 -12.07
C PRO A 1181 16.88 31.46 -11.33
N LYS A 1182 16.24 32.43 -11.96
CA LYS A 1182 16.12 33.78 -11.43
C LYS A 1182 14.86 33.99 -10.62
N GLU A 1183 13.98 32.99 -10.53
CA GLU A 1183 12.74 33.12 -9.77
C GLU A 1183 12.61 32.13 -8.63
N LEU A 1184 13.56 31.21 -8.47
CA LEU A 1184 13.59 30.31 -7.32
C LEU A 1184 14.64 30.73 -6.30
N ARG A 1185 15.32 31.86 -6.52
CA ARG A 1185 16.32 32.34 -5.58
C ARG A 1185 16.02 33.72 -5.02
N THR A 1186 15.17 34.51 -5.68
CA THR A 1186 14.72 35.76 -5.06
C THR A 1186 14.08 35.49 -3.70
N LEU A 1187 13.40 34.36 -3.57
CA LEU A 1187 12.82 33.99 -2.28
C LEU A 1187 13.90 33.78 -1.23
N ARG A 1188 14.96 33.06 -1.61
CA ARG A 1188 16.12 32.91 -0.72
C ARG A 1188 16.70 34.25 -0.34
N GLU A 1189 16.84 35.16 -1.31
CA GLU A 1189 17.40 36.47 -1.03
C GLU A 1189 16.53 37.23 -0.04
N GLN A 1190 15.22 37.17 -0.19
CA GLN A 1190 14.33 37.87 0.72
C GLN A 1190 14.42 37.27 2.12
N GLN A 1191 14.42 35.94 2.22
CA GLN A 1191 14.58 35.30 3.52
C GLN A 1191 15.87 35.74 4.20
N ALA A 1192 16.99 35.72 3.46
CA ALA A 1192 18.27 36.07 4.05
C ALA A 1192 18.31 37.53 4.46
N SER A 1193 17.72 38.41 3.64
CA SER A 1193 17.65 39.82 4.00
C SER A 1193 16.88 40.00 5.30
N VAL A 1194 15.71 39.37 5.39
CA VAL A 1194 14.92 39.47 6.61
C VAL A 1194 15.73 39.03 7.83
N ASP A 1195 16.36 37.86 7.73
CA ASP A 1195 17.14 37.35 8.84
C ASP A 1195 18.25 38.31 9.22
N SER A 1196 19.12 38.64 8.26
CA SER A 1196 20.26 39.49 8.55
C SER A 1196 19.82 40.87 9.06
N CYS A 1197 18.60 41.29 8.74
CA CYS A 1197 18.15 42.60 9.18
C CYS A 1197 17.54 42.56 10.58
N LEU A 1198 16.95 41.42 10.96
CA LEU A 1198 16.33 41.31 12.26
C LEU A 1198 17.36 41.44 13.38
N SER A 1199 18.47 40.72 13.27
CA SER A 1199 19.43 40.64 14.37
C SER A 1199 19.94 42.02 14.76
N GLN A 1200 20.20 42.89 13.78
CA GLN A 1200 20.79 44.20 14.02
C GLN A 1200 19.84 45.33 13.66
N GLY A 1201 19.32 45.34 12.43
CA GLY A 1201 18.41 46.39 12.00
C GLY A 1201 19.03 47.25 10.92
N GLU A 1202 18.53 47.12 9.69
CA GLU A 1202 19.16 47.81 8.55
C GLU A 1202 18.15 48.40 7.58
N LYS A 1203 16.92 48.70 8.03
CA LYS A 1203 15.92 49.36 7.20
C LYS A 1203 15.65 48.54 5.92
N LEU A 1204 15.10 47.35 6.17
CA LEU A 1204 14.81 46.38 5.11
C LEU A 1204 14.28 47.03 3.85
N SER A 1205 14.72 46.50 2.71
CA SER A 1205 14.25 46.94 1.39
C SER A 1205 12.93 46.26 1.05
N LEU A 1206 12.46 46.49 -0.18
CA LEU A 1206 11.14 46.02 -0.59
C LEU A 1206 11.19 45.58 -2.05
N SER A 1207 10.79 44.35 -2.33
CA SER A 1207 10.81 43.80 -3.68
C SER A 1207 9.47 43.94 -4.37
N CYS A 1208 8.90 45.15 -4.35
CA CYS A 1208 7.74 45.51 -5.16
C CYS A 1208 6.68 44.40 -5.24
N THR A 1209 6.45 43.70 -4.14
CA THR A 1209 5.45 42.62 -4.10
C THR A 1209 4.95 42.49 -2.68
N PRO A 1210 4.03 43.36 -2.28
CA PRO A 1210 3.76 43.54 -0.84
C PRO A 1210 2.85 42.51 -0.20
N TRP A 1211 2.60 41.37 -0.86
CA TRP A 1211 1.95 40.26 -0.20
C TRP A 1211 2.85 39.03 -0.11
N LEU A 1212 4.08 39.12 -0.60
CA LEU A 1212 5.11 38.13 -0.33
C LEU A 1212 6.06 38.59 0.76
N SER A 1213 6.68 39.76 0.56
CA SER A 1213 7.69 40.26 1.48
C SER A 1213 7.14 40.59 2.86
N ALA A 1214 5.84 40.41 3.08
CA ALA A 1214 5.24 40.56 4.39
C ALA A 1214 4.72 39.25 4.93
N ALA A 1215 4.99 38.14 4.24
CA ALA A 1215 4.75 36.81 4.79
C ALA A 1215 6.00 36.29 5.48
N PHE A 1216 7.13 36.30 4.77
CA PHE A 1216 8.42 36.04 5.40
C PHE A 1216 8.53 36.80 6.72
N LEU A 1217 8.40 38.13 6.63
CA LEU A 1217 8.57 38.99 7.78
C LEU A 1217 7.67 38.58 8.93
N TYR A 1218 6.51 38.01 8.63
CA TYR A 1218 5.56 37.65 9.67
C TYR A 1218 5.88 36.29 10.29
N SER A 1219 6.17 35.29 9.45
CA SER A 1219 6.39 33.95 9.96
C SER A 1219 7.72 33.84 10.69
N THR A 1220 8.78 34.46 10.16
CA THR A 1220 10.06 34.44 10.83
C THR A 1220 9.92 34.96 12.26
N VAL A 1221 9.15 36.02 12.43
CA VAL A 1221 8.85 36.54 13.77
C VAL A 1221 8.05 35.52 14.56
N GLN A 1222 6.88 35.14 14.03
CA GLN A 1222 5.94 34.34 14.80
C GLN A 1222 6.53 33.00 15.26
N ARG A 1223 7.56 32.50 14.58
CA ARG A 1223 8.17 31.25 15.03
C ARG A 1223 9.19 31.48 16.13
N LYS A 1224 10.00 32.53 16.02
CA LYS A 1224 11.02 32.84 17.00
C LYS A 1224 10.49 33.62 18.20
N LYS A 1225 9.17 33.73 18.32
CA LYS A 1225 8.52 34.32 19.49
C LYS A 1225 8.93 35.78 19.74
N LEU A 1226 9.57 36.44 18.77
CA LEU A 1226 9.87 37.84 18.93
C LEU A 1226 8.58 38.66 18.98
N PRO A 1227 8.61 39.84 19.60
CA PRO A 1227 7.40 40.67 19.69
C PRO A 1227 7.24 41.61 18.51
N CYS A 1228 6.19 42.43 18.55
CA CYS A 1228 5.90 43.34 17.45
C CYS A 1228 7.04 44.33 17.23
N SER A 1229 7.38 45.09 18.27
CA SER A 1229 8.28 46.24 18.14
C SER A 1229 9.46 45.94 17.23
N ARG A 1230 9.96 44.71 17.27
CA ARG A 1230 11.05 44.30 16.39
C ARG A 1230 10.54 43.73 15.07
N MET A 1231 9.32 44.08 14.67
CA MET A 1231 8.72 43.59 13.44
C MET A 1231 8.53 44.69 12.41
N LEU A 1232 8.01 45.85 12.82
CA LEU A 1232 7.79 46.97 11.91
C LEU A 1232 8.67 48.17 12.25
N GLU A 1233 9.58 48.03 13.20
CA GLU A 1233 10.57 49.06 13.47
C GLU A 1233 11.65 49.11 12.39
N ILE A 1234 11.61 48.21 11.41
CA ILE A 1234 12.68 48.07 10.43
C ILE A 1234 12.19 48.37 9.02
N LEU A 1235 11.03 49.02 8.89
CA LEU A 1235 10.49 49.38 7.59
C LEU A 1235 10.88 50.81 7.24
N ASP A 1236 11.07 51.05 5.94
CA ASP A 1236 11.64 52.30 5.45
C ASP A 1236 10.62 53.07 4.62
N GLY A 1237 9.39 53.14 5.10
CA GLY A 1237 8.32 53.74 4.34
C GLY A 1237 8.29 55.25 4.40
N LEU A 1238 8.72 55.89 3.32
CA LEU A 1238 8.54 57.32 3.14
C LEU A 1238 7.64 57.62 1.95
N SER A 1239 7.93 57.06 0.79
CA SER A 1239 7.04 57.17 -0.37
C SER A 1239 6.85 55.86 -1.14
N SER A 1240 7.65 54.83 -0.89
CA SER A 1240 7.52 53.58 -1.61
C SER A 1240 6.28 52.83 -1.14
N ASN A 1241 6.09 51.62 -1.69
CA ASN A 1241 4.94 50.79 -1.32
C ASN A 1241 5.10 50.36 0.13
N PHE A 1242 4.42 51.09 1.02
CA PHE A 1242 4.53 50.87 2.45
C PHE A 1242 3.21 50.45 3.07
N SER A 1243 2.13 51.20 2.79
CA SER A 1243 0.84 50.89 3.39
C SER A 1243 0.38 49.48 3.06
N MET A 1244 0.74 48.97 1.88
CA MET A 1244 0.32 47.62 1.51
C MET A 1244 1.05 46.57 2.35
N VAL A 1245 2.35 46.79 2.57
CA VAL A 1245 3.12 45.89 3.43
C VAL A 1245 2.68 46.04 4.87
N LEU A 1246 1.85 47.04 5.16
CA LEU A 1246 1.34 47.26 6.50
C LEU A 1246 -0.12 46.85 6.64
N ILE A 1247 -0.76 46.52 5.52
CA ILE A 1247 -2.12 46.01 5.53
C ILE A 1247 -2.13 44.50 5.40
N SER A 1248 -1.22 43.96 4.59
CA SER A 1248 -1.06 42.51 4.55
C SER A 1248 -0.82 41.95 5.96
N LEU A 1249 -0.07 42.68 6.78
CA LEU A 1249 0.17 42.24 8.14
C LEU A 1249 -1.09 42.28 8.98
N LEU A 1250 -1.94 43.28 8.76
CA LEU A 1250 -3.21 43.33 9.47
C LEU A 1250 -4.08 42.14 9.09
N PHE A 1251 -4.05 41.77 7.81
CA PHE A 1251 -4.77 40.58 7.37
C PHE A 1251 -4.24 39.34 8.07
N PHE A 1252 -2.94 39.09 7.96
CA PHE A 1252 -2.34 37.92 8.58
C PHE A 1252 -2.47 37.92 10.09
N SER A 1253 -2.74 39.06 10.71
CA SER A 1253 -2.91 39.15 12.14
C SER A 1253 -4.38 39.09 12.58
N VAL A 1254 -5.31 39.24 11.66
CA VAL A 1254 -6.73 39.02 11.94
C VAL A 1254 -7.21 37.69 11.39
N MET A 1255 -6.32 36.91 10.78
CA MET A 1255 -6.61 35.53 10.40
C MET A 1255 -5.86 34.53 11.27
N ASP A 1256 -5.21 35.00 12.33
CA ASP A 1256 -4.61 34.13 13.33
C ASP A 1256 -5.13 34.44 14.72
N ILE A 1257 -5.95 35.48 14.87
CA ILE A 1257 -6.78 35.60 16.06
C ILE A 1257 -7.78 34.46 16.12
N ILE A 1258 -8.05 33.83 14.98
CA ILE A 1258 -9.07 32.81 14.86
C ILE A 1258 -8.49 31.42 15.07
N TYR A 1259 -7.41 31.08 14.37
CA TYR A 1259 -6.75 29.81 14.59
C TYR A 1259 -6.38 29.61 16.05
N MET A 1260 -6.32 30.68 16.83
CA MET A 1260 -6.15 30.59 18.28
C MET A 1260 -7.47 30.73 19.02
N PHE A 1261 -8.58 30.63 18.30
CA PHE A 1261 -9.91 30.53 18.89
C PHE A 1261 -10.54 29.17 18.67
N LEU A 1262 -10.58 28.71 17.41
CA LEU A 1262 -11.04 27.36 17.13
C LEU A 1262 -10.18 26.31 17.80
N LYS A 1263 -8.91 26.60 18.03
CA LYS A 1263 -7.97 25.62 18.60
C LYS A 1263 -7.89 25.78 20.12
N ASP A 1264 -9.01 25.49 20.77
CA ASP A 1264 -9.07 25.36 22.22
C ASP A 1264 -8.60 26.65 22.90
N GLY A 1265 -9.36 27.72 22.68
CA GLY A 1265 -9.03 29.00 23.26
C GLY A 1265 -10.25 29.89 23.36
N ARG A 1266 -10.04 31.07 23.93
CA ARG A 1266 -11.07 32.08 24.08
C ARG A 1266 -10.72 33.38 23.38
N LYS A 1267 -9.48 33.84 23.51
CA LYS A 1267 -9.06 35.10 22.92
C LYS A 1267 -7.55 35.21 23.05
N HIS A 1268 -6.90 35.77 22.02
CA HIS A 1268 -5.45 35.87 21.95
C HIS A 1268 -5.03 37.32 22.02
N LYS A 1269 -3.86 37.56 22.60
CA LYS A 1269 -3.32 38.91 22.75
C LYS A 1269 -2.30 39.21 21.66
N ASP A 1270 -2.84 39.45 20.46
CA ASP A 1270 -2.10 40.06 19.37
C ASP A 1270 -2.84 41.24 18.77
N LEU A 1271 -4.11 41.45 19.13
CA LEU A 1271 -4.87 42.59 18.63
C LEU A 1271 -4.15 43.91 18.89
N LEU A 1272 -3.24 43.94 19.87
CA LEU A 1272 -2.42 45.12 20.07
C LEU A 1272 -1.55 45.39 18.86
N GLU A 1273 -1.03 44.34 18.23
CA GLU A 1273 -0.27 44.51 17.01
C GLU A 1273 -1.08 45.26 15.96
N ASN A 1274 -2.37 44.95 15.86
CA ASN A 1274 -3.22 45.62 14.88
C ASN A 1274 -3.56 47.03 15.31
N CYS A 1275 -3.83 47.25 16.60
CA CYS A 1275 -4.04 48.61 17.09
C CYS A 1275 -2.81 49.48 16.92
N VAL A 1276 -1.64 48.88 16.69
CA VAL A 1276 -0.43 49.62 16.40
C VAL A 1276 -0.23 49.83 14.90
N HIS A 1277 -0.48 48.79 14.10
CA HIS A 1277 -0.42 48.96 12.65
C HIS A 1277 -1.38 50.06 12.21
N ILE A 1278 -2.52 50.16 12.89
CA ILE A 1278 -3.50 51.18 12.53
C ILE A 1278 -2.97 52.58 12.84
N ILE A 1279 -2.34 52.74 14.01
CA ILE A 1279 -1.75 54.01 14.36
C ILE A 1279 -0.59 54.38 13.47
N HIS A 1280 0.08 53.38 12.88
CA HIS A 1280 1.11 53.67 11.90
C HIS A 1280 0.54 54.03 10.54
N CYS A 1281 -0.57 53.42 10.13
CA CYS A 1281 -1.23 53.82 8.89
C CYS A 1281 -1.90 55.18 9.00
N LEU A 1282 -2.25 55.62 10.21
CA LEU A 1282 -2.82 56.96 10.38
C LEU A 1282 -1.78 58.06 10.19
N GLU A 1283 -0.57 57.88 10.73
CA GLU A 1283 0.45 58.90 10.58
C GLU A 1283 0.68 59.24 9.12
N GLN A 1284 0.60 58.26 8.23
CA GLN A 1284 0.65 58.51 6.81
C GLN A 1284 -0.64 59.19 6.36
N LYS A 1285 -0.72 59.46 5.05
CA LYS A 1285 -1.88 60.16 4.49
C LYS A 1285 -3.06 59.18 4.38
N GLY A 1286 -3.56 58.75 5.53
CA GLY A 1286 -4.78 57.98 5.55
C GLY A 1286 -4.53 56.50 5.36
N GLU A 1287 -4.70 56.05 4.11
CA GLU A 1287 -4.55 54.65 3.74
C GLU A 1287 -5.55 53.78 4.52
N THR A 1288 -6.83 54.04 4.24
CA THR A 1288 -7.94 53.40 4.93
C THR A 1288 -7.82 51.88 4.96
N TRP A 1289 -8.47 51.26 5.96
CA TRP A 1289 -8.44 49.81 6.17
C TRP A 1289 -9.88 49.33 6.37
N VAL A 1290 -10.62 49.18 5.27
CA VAL A 1290 -11.92 48.53 5.34
C VAL A 1290 -12.07 47.57 4.17
N TRP A 1291 -11.13 47.63 3.21
CA TRP A 1291 -11.14 46.72 2.08
C TRP A 1291 -11.36 45.28 2.55
N LEU A 1292 -10.73 44.94 3.66
CA LEU A 1292 -10.72 43.55 4.12
C LEU A 1292 -12.10 43.15 4.64
N PHE A 1293 -12.79 44.07 5.28
CA PHE A 1293 -14.08 43.78 5.91
C PHE A 1293 -15.23 44.05 4.95
N GLN A 1294 -15.15 43.47 3.76
CA GLN A 1294 -16.20 43.62 2.75
C GLN A 1294 -16.09 42.45 1.79
N MET A 1295 -17.18 41.68 1.67
CA MET A 1295 -17.15 40.44 0.93
C MET A 1295 -17.33 40.62 -0.56
N THR A 1296 -18.14 41.59 -0.98
CA THR A 1296 -18.37 41.82 -2.39
C THR A 1296 -17.06 42.29 -3.06
N ASP A 1297 -17.11 42.44 -4.37
CA ASP A 1297 -15.98 42.89 -5.17
C ASP A 1297 -16.28 44.22 -5.84
N GLU A 1298 -17.04 45.08 -5.16
CA GLU A 1298 -17.48 46.32 -5.77
C GLU A 1298 -16.31 47.22 -6.14
N ARG A 1299 -15.54 47.65 -5.14
CA ARG A 1299 -14.43 48.56 -5.38
C ARG A 1299 -13.17 48.17 -4.61
N LYS A 1300 -13.09 46.94 -4.13
CA LYS A 1300 -11.91 46.44 -3.47
C LYS A 1300 -10.72 46.50 -4.43
N PRO A 1301 -9.67 47.28 -4.13
CA PRO A 1301 -8.52 47.34 -5.04
C PRO A 1301 -7.87 45.99 -5.25
N GLU A 1302 -6.83 45.96 -6.10
CA GLU A 1302 -6.30 44.70 -6.60
C GLU A 1302 -5.89 43.77 -5.46
N LEU A 1303 -4.92 44.21 -4.64
CA LEU A 1303 -4.46 43.34 -3.56
C LEU A 1303 -5.60 42.95 -2.64
N GLY A 1304 -6.61 43.80 -2.52
CA GLY A 1304 -7.75 43.48 -1.66
C GLY A 1304 -8.51 42.26 -2.11
N LEU A 1305 -8.36 41.86 -3.37
CA LEU A 1305 -8.98 40.64 -3.87
C LEU A 1305 -7.95 39.62 -4.32
N HIS A 1306 -6.67 39.95 -4.27
CA HIS A 1306 -5.62 38.94 -4.36
C HIS A 1306 -5.37 38.25 -3.03
N LEU A 1307 -5.96 38.76 -1.96
CA LEU A 1307 -5.82 38.16 -0.64
C LEU A 1307 -6.96 37.19 -0.35
N HIS A 1308 -8.20 37.69 -0.40
CA HIS A 1308 -9.35 36.84 -0.14
C HIS A 1308 -9.40 35.63 -1.05
N ARG A 1309 -8.73 35.68 -2.21
CA ARG A 1309 -8.61 34.53 -3.08
C ARG A 1309 -7.61 33.50 -2.56
N ALA A 1310 -7.07 33.71 -1.36
CA ALA A 1310 -6.18 32.75 -0.72
C ALA A 1310 -6.69 32.27 0.63
N ALA A 1311 -7.72 32.92 1.18
CA ALA A 1311 -8.25 32.54 2.47
C ALA A 1311 -9.17 31.33 2.31
N SER A 1312 -9.81 30.94 3.40
CA SER A 1312 -10.79 29.87 3.40
C SER A 1312 -12.17 30.43 3.75
N ASP A 1313 -13.20 29.74 3.29
CA ASP A 1313 -14.56 30.17 3.55
C ASP A 1313 -15.02 29.85 4.96
N VAL A 1314 -14.22 29.08 5.71
CA VAL A 1314 -14.54 28.85 7.12
C VAL A 1314 -14.23 30.09 7.95
N PHE A 1315 -13.26 30.88 7.52
CA PHE A 1315 -12.88 32.09 8.24
C PHE A 1315 -13.68 33.30 7.75
N LEU A 1316 -13.71 33.51 6.44
CA LEU A 1316 -14.44 34.64 5.88
C LEU A 1316 -15.89 34.65 6.34
N ASN A 1317 -16.42 33.48 6.71
CA ASN A 1317 -17.73 33.37 7.34
C ASN A 1317 -17.67 33.68 8.83
N LEU A 1318 -16.52 34.11 9.33
CA LEU A 1318 -16.29 34.27 10.76
C LEU A 1318 -15.61 35.58 11.11
N MET A 1319 -15.29 36.42 10.12
CA MET A 1319 -14.68 37.72 10.38
C MET A 1319 -15.47 38.61 11.32
N PRO A 1320 -16.81 38.77 11.17
CA PRO A 1320 -17.55 39.69 12.05
C PRO A 1320 -17.16 39.54 13.52
N PHE A 1321 -16.93 38.30 13.91
CA PHE A 1321 -16.46 38.00 15.26
C PHE A 1321 -15.25 38.87 15.62
N ALA A 1322 -14.24 38.86 14.76
CA ALA A 1322 -13.03 39.64 15.02
C ALA A 1322 -13.29 41.14 14.87
N PHE A 1323 -14.06 41.50 13.84
CA PHE A 1323 -14.36 42.90 13.60
C PHE A 1323 -15.00 43.53 14.82
N PHE A 1324 -15.81 42.77 15.54
CA PHE A 1324 -16.49 43.29 16.72
C PHE A 1324 -15.72 43.01 18.01
N TRP A 1325 -14.73 42.13 17.96
CA TRP A 1325 -13.78 42.03 19.07
C TRP A 1325 -12.91 43.28 19.16
N LEU A 1326 -12.26 43.63 18.05
CA LEU A 1326 -11.16 44.60 18.15
C LEU A 1326 -11.64 46.04 18.11
N VAL A 1327 -12.68 46.34 17.35
CA VAL A 1327 -13.18 47.70 17.17
C VAL A 1327 -13.23 48.49 18.48
N PRO A 1328 -13.87 47.98 19.53
CA PRO A 1328 -14.07 48.81 20.73
C PRO A 1328 -12.80 49.42 21.32
N SER A 1329 -11.63 49.04 20.83
CA SER A 1329 -10.37 49.64 21.28
C SER A 1329 -10.02 50.91 20.51
N LEU A 1330 -10.98 51.49 19.80
CA LEU A 1330 -10.72 52.68 18.98
C LEU A 1330 -11.99 53.52 18.94
N GLN A 1331 -11.81 54.81 18.66
CA GLN A 1331 -12.96 55.71 18.54
C GLN A 1331 -12.49 57.08 18.09
N LEU A 1332 -13.44 57.85 17.54
CA LEU A 1332 -13.29 59.24 17.11
C LEU A 1332 -12.38 59.38 15.90
N GLU A 1333 -11.77 58.31 15.43
CA GLU A 1333 -10.97 58.32 14.21
C GLU A 1333 -11.31 57.16 13.29
N GLN A 1334 -12.09 56.19 13.75
CA GLN A 1334 -12.48 55.05 12.94
C GLN A 1334 -13.52 55.42 11.89
N VAL A 1335 -14.16 56.58 12.02
CA VAL A 1335 -15.28 56.93 11.15
C VAL A 1335 -15.04 58.26 10.43
N VAL A 1336 -14.87 59.34 11.20
CA VAL A 1336 -14.92 60.69 10.65
C VAL A 1336 -13.92 60.86 9.52
N GLN A 1337 -12.83 60.12 9.56
CA GLN A 1337 -11.80 60.18 8.52
C GLN A 1337 -11.76 58.90 7.69
N GLN A 1338 -12.81 58.10 7.73
CA GLN A 1338 -12.91 56.88 6.95
C GLN A 1338 -14.00 57.00 5.91
N GLN A 1339 -14.02 56.03 4.99
CA GLN A 1339 -14.97 55.98 3.90
C GLN A 1339 -15.71 54.65 3.94
N ASP A 1340 -17.03 54.72 3.94
CA ASP A 1340 -17.88 53.52 3.95
C ASP A 1340 -17.63 52.69 5.21
N PHE A 1341 -17.91 53.30 6.36
CA PHE A 1341 -17.86 52.59 7.63
C PHE A 1341 -19.23 52.04 8.02
N LEU A 1342 -20.22 52.94 8.13
CA LEU A 1342 -21.56 52.54 8.50
C LEU A 1342 -22.05 51.37 7.66
N VAL A 1343 -21.95 51.50 6.34
CA VAL A 1343 -22.38 50.43 5.44
C VAL A 1343 -21.74 49.11 5.84
N ILE A 1344 -20.43 49.13 6.08
CA ILE A 1344 -19.71 47.89 6.39
C ILE A 1344 -20.16 47.36 7.75
N ALA A 1345 -20.27 48.24 8.74
CA ALA A 1345 -20.73 47.82 10.06
C ALA A 1345 -22.06 47.09 9.97
N LEU A 1346 -23.00 47.61 9.18
CA LEU A 1346 -24.30 46.97 9.05
C LEU A 1346 -24.18 45.64 8.29
N ASP A 1347 -23.48 45.66 7.15
CA ASP A 1347 -23.25 44.43 6.42
C ASP A 1347 -22.67 43.34 7.31
N MET A 1348 -21.95 43.73 8.36
CA MET A 1348 -21.37 42.73 9.26
C MET A 1348 -22.34 42.33 10.37
N TYR A 1349 -22.96 43.30 11.03
CA TYR A 1349 -23.95 43.01 12.06
C TYR A 1349 -25.08 42.16 11.53
N HIS A 1350 -25.29 42.15 10.21
CA HIS A 1350 -26.28 41.26 9.63
C HIS A 1350 -25.85 39.80 9.74
N LYS A 1351 -24.61 39.51 9.34
CA LYS A 1351 -24.10 38.14 9.42
C LYS A 1351 -23.80 37.72 10.84
N PHE A 1352 -23.48 38.65 11.72
CA PHE A 1352 -23.32 38.32 13.14
C PHE A 1352 -24.62 37.77 13.72
N LEU A 1353 -25.74 38.01 13.03
CA LEU A 1353 -27.03 37.44 13.39
C LEU A 1353 -27.38 36.22 12.56
N GLN A 1354 -27.03 36.21 11.28
CA GLN A 1354 -27.28 35.04 10.45
C GLN A 1354 -26.38 33.86 10.76
N LEU A 1355 -25.58 33.91 11.83
CA LEU A 1355 -24.72 32.78 12.16
C LEU A 1355 -25.48 31.74 12.98
N PHE A 1356 -26.02 32.15 14.12
CA PHE A 1356 -26.75 31.25 14.98
C PHE A 1356 -28.21 31.16 14.54
N VAL A 1357 -28.84 30.03 14.88
CA VAL A 1357 -30.23 29.81 14.56
C VAL A 1357 -31.12 30.88 15.20
N HIS A 1371 -23.53 35.66 26.61
CA HIS A 1371 -22.80 36.13 25.45
C HIS A 1371 -22.27 37.54 25.67
N LEU A 1372 -22.08 37.90 26.95
CA LEU A 1372 -21.55 39.21 27.28
C LEU A 1372 -20.22 39.47 26.56
N ASP A 1373 -19.41 38.43 26.40
CA ASP A 1373 -18.16 38.56 25.65
C ASP A 1373 -18.35 38.33 24.15
N SER A 1374 -19.52 37.87 23.72
CA SER A 1374 -19.79 37.61 22.32
C SER A 1374 -20.83 38.52 21.71
N HIS A 1375 -22.04 38.59 22.27
CA HIS A 1375 -23.09 39.47 21.77
C HIS A 1375 -23.21 40.67 22.68
N ASP A 1376 -22.26 41.60 22.53
CA ASP A 1376 -22.24 42.83 23.30
C ASP A 1376 -22.26 44.08 22.44
N VAL A 1377 -21.85 43.99 21.17
CA VAL A 1377 -21.77 45.15 20.31
C VAL A 1377 -23.14 45.67 19.91
N PHE A 1378 -24.22 45.07 20.41
CA PHE A 1378 -25.54 45.69 20.29
C PHE A 1378 -25.46 47.15 20.72
N THR A 1379 -25.12 47.38 22.00
CA THR A 1379 -25.00 48.73 22.50
C THR A 1379 -23.90 49.50 21.76
N CYS A 1380 -22.85 48.81 21.33
CA CYS A 1380 -21.73 49.48 20.68
C CYS A 1380 -22.17 50.11 19.35
N GLY A 1381 -22.63 49.28 18.41
CA GLY A 1381 -23.23 49.79 17.20
C GLY A 1381 -24.37 50.74 17.46
N ARG A 1382 -24.96 50.68 18.66
CA ARG A 1382 -25.92 51.68 19.09
C ARG A 1382 -25.25 52.99 19.52
N GLN A 1383 -23.94 53.14 19.29
CA GLN A 1383 -23.22 54.37 19.59
C GLN A 1383 -22.70 55.07 18.34
N PHE A 1384 -21.99 54.35 17.47
CA PHE A 1384 -21.39 54.99 16.31
C PHE A 1384 -22.40 55.81 15.52
N LEU A 1385 -23.69 55.46 15.60
CA LEU A 1385 -24.70 56.18 14.83
C LEU A 1385 -24.78 57.64 15.26
N LEU A 1386 -24.94 57.87 16.56
CA LEU A 1386 -25.06 59.24 17.05
C LEU A 1386 -23.88 60.11 16.64
N CYS A 1387 -22.73 59.51 16.32
CA CYS A 1387 -21.56 60.24 15.85
C CYS A 1387 -20.95 59.43 14.70
N CYS A 1388 -21.41 59.71 13.48
CA CYS A 1388 -20.94 59.00 12.31
C CYS A 1388 -20.99 59.95 11.11
N VAL A 1389 -20.60 59.43 9.95
CA VAL A 1389 -20.73 60.20 8.71
C VAL A 1389 -22.19 60.36 8.38
N PRO A 1390 -22.74 61.55 8.65
CA PRO A 1390 -24.18 61.77 8.60
C PRO A 1390 -24.63 61.81 7.15
N LYS A 1391 -25.24 60.70 6.70
CA LYS A 1391 -25.93 60.71 5.41
C LYS A 1391 -27.38 61.17 5.61
N CYS A 1392 -28.16 60.43 6.38
CA CYS A 1392 -29.35 60.96 7.03
C CYS A 1392 -29.23 60.86 8.55
N GLN A 1393 -29.09 59.64 9.08
CA GLN A 1393 -28.57 59.37 10.42
C GLN A 1393 -28.90 60.45 11.44
N LYS A 1394 -30.18 60.82 11.57
CA LYS A 1394 -30.57 61.84 12.54
C LYS A 1394 -30.97 61.22 13.87
N PRO A 1395 -32.09 60.49 13.89
CA PRO A 1395 -32.42 59.65 15.03
C PRO A 1395 -33.10 58.35 14.62
N ASN A 1396 -33.25 58.09 13.33
CA ASN A 1396 -33.99 56.92 12.87
C ASN A 1396 -33.15 55.65 13.05
N SER A 1397 -31.96 55.61 12.45
CA SER A 1397 -31.08 54.48 12.65
C SER A 1397 -30.72 54.28 14.11
N ALA A 1398 -30.85 55.32 14.92
CA ALA A 1398 -30.71 55.18 16.37
C ALA A 1398 -31.92 54.49 16.99
N ILE A 1399 -33.06 54.52 16.30
CA ILE A 1399 -34.27 53.82 16.73
C ILE A 1399 -34.70 52.73 15.77
N LEU A 1400 -34.17 52.70 14.55
CA LEU A 1400 -34.50 51.68 13.57
C LEU A 1400 -33.52 50.51 13.62
N LYS A 1401 -32.23 50.78 13.74
CA LYS A 1401 -31.27 49.73 14.06
C LYS A 1401 -31.43 49.23 15.48
N LYS A 1402 -32.36 49.80 16.25
CA LYS A 1402 -32.72 49.33 17.57
C LYS A 1402 -33.72 48.19 17.53
N MET A 1403 -33.91 47.56 16.37
CA MET A 1403 -34.86 46.46 16.21
C MET A 1403 -34.22 45.43 15.30
N LEU A 1404 -35.03 44.49 14.81
CA LEU A 1404 -34.54 43.40 13.97
C LEU A 1404 -34.56 43.74 12.49
N GLU A 1405 -34.80 45.00 12.13
CA GLU A 1405 -34.83 45.44 10.74
C GLU A 1405 -33.77 46.51 10.54
N SER A 1406 -32.54 46.09 10.26
CA SER A 1406 -31.51 46.99 9.77
C SER A 1406 -31.70 47.34 8.30
N TRP A 1407 -32.79 46.87 7.67
CA TRP A 1407 -33.07 47.13 6.27
C TRP A 1407 -34.45 47.73 6.01
N GLU A 1408 -35.37 47.70 6.99
CA GLU A 1408 -36.69 48.25 6.78
C GLU A 1408 -36.64 49.69 6.28
N GLU A 1409 -35.57 50.42 6.62
CA GLU A 1409 -35.42 51.81 6.21
C GLU A 1409 -34.05 52.15 5.66
N HIS A 1410 -33.06 51.27 5.83
CA HIS A 1410 -31.71 51.58 5.36
C HIS A 1410 -31.63 51.66 3.85
N ASP A 1411 -32.29 50.73 3.14
CA ASP A 1411 -32.24 50.72 1.68
C ASP A 1411 -32.59 52.09 1.11
N PRO A 1412 -33.51 52.80 1.75
CA PRO A 1412 -33.87 54.15 1.33
C PRO A 1412 -33.02 55.22 1.98
N GLU A 1413 -32.64 55.04 3.24
CA GLU A 1413 -31.78 56.00 3.92
C GLU A 1413 -30.41 56.09 3.27
N LEU A 1414 -30.05 55.15 2.41
CA LEU A 1414 -28.82 55.23 1.64
C LEU A 1414 -29.03 55.88 0.28
N ALA A 1415 -30.26 55.91 -0.22
CA ALA A 1415 -30.54 56.56 -1.49
C ALA A 1415 -30.41 58.07 -1.39
N ALA A 1416 -30.60 58.63 -0.19
CA ALA A 1416 -30.47 60.06 0.03
C ALA A 1416 -29.02 60.50 0.20
N VAL A 1417 -28.06 59.64 -0.12
CA VAL A 1417 -26.65 59.97 0.00
C VAL A 1417 -26.08 60.38 -1.35
N GLU B 646 21.65 -18.18 52.34
CA GLU B 646 21.07 -16.86 52.09
C GLU B 646 21.89 -16.11 51.04
N PRO B 647 21.90 -16.62 49.80
CA PRO B 647 22.63 -15.94 48.74
C PRO B 647 22.03 -14.62 48.30
N LEU B 648 20.86 -14.24 48.83
CA LEU B 648 20.17 -13.03 48.43
C LEU B 648 20.33 -11.90 49.43
N GLY B 649 20.00 -12.15 50.70
CA GLY B 649 20.06 -11.08 51.69
C GLY B 649 21.38 -10.34 51.68
N ILE B 650 22.49 -11.09 51.69
CA ILE B 650 23.80 -10.45 51.67
C ILE B 650 23.97 -9.68 50.37
N LEU B 651 23.39 -10.19 49.28
CA LEU B 651 23.50 -9.51 47.99
C LEU B 651 22.91 -8.11 48.06
N GLN B 652 21.66 -8.01 48.54
CA GLN B 652 21.01 -6.72 48.62
C GLN B 652 21.67 -5.83 49.65
N SER B 653 22.08 -6.39 50.78
CA SER B 653 22.81 -5.61 51.77
C SER B 653 24.04 -4.97 51.15
N ALA B 654 24.81 -5.73 50.37
CA ALA B 654 26.03 -5.21 49.78
C ALA B 654 25.74 -4.17 48.70
N LEU B 655 24.82 -4.49 47.80
CA LEU B 655 24.49 -3.55 46.74
C LEU B 655 23.72 -2.35 47.24
N SER B 656 23.33 -2.33 48.52
CA SER B 656 22.83 -1.12 49.15
C SER B 656 23.96 -0.35 49.83
N ASP B 657 24.86 -1.04 50.53
CA ASP B 657 26.01 -0.36 51.11
C ASP B 657 26.82 0.34 50.03
N LEU B 658 26.80 -0.19 48.82
CA LEU B 658 27.44 0.49 47.69
C LEU B 658 26.65 1.69 47.20
N ARG B 659 25.43 1.91 47.72
CA ARG B 659 24.64 3.04 47.26
C ARG B 659 25.17 4.36 47.78
N PRO B 660 25.26 4.60 49.09
CA PRO B 660 25.70 5.91 49.58
C PRO B 660 27.20 6.13 49.48
N LEU B 661 27.99 5.06 49.51
CA LEU B 661 29.44 5.20 49.51
C LEU B 661 29.98 5.87 48.24
N VAL B 662 29.13 6.10 47.24
CA VAL B 662 29.59 6.67 45.97
C VAL B 662 29.21 8.12 45.79
N THR B 663 28.32 8.66 46.63
CA THR B 663 27.97 10.07 46.51
C THR B 663 29.22 10.95 46.58
N ASP B 664 30.19 10.56 47.42
CA ASP B 664 31.49 11.20 47.47
C ASP B 664 32.55 10.22 46.99
N ALA B 665 33.50 10.72 46.22
CA ALA B 665 34.57 9.88 45.67
C ALA B 665 35.57 9.55 46.78
N ASN B 666 35.08 8.79 47.76
CA ASN B 666 35.93 8.35 48.86
C ASN B 666 37.07 7.50 48.33
N LYS B 667 38.29 8.02 48.48
CA LYS B 667 39.45 7.37 47.88
C LYS B 667 39.64 5.95 48.41
N TYR B 668 39.83 5.01 47.49
CA TYR B 668 40.20 3.64 47.84
C TYR B 668 39.06 2.86 48.48
N GLU B 669 37.90 3.48 48.61
CA GLU B 669 36.73 2.80 49.17
C GLU B 669 36.07 1.93 48.09
N ASP B 670 36.76 0.87 47.71
CA ASP B 670 36.34 -0.01 46.62
C ASP B 670 36.35 -1.49 46.98
N VAL B 671 37.16 -1.91 47.96
CA VAL B 671 37.24 -3.33 48.27
C VAL B 671 35.88 -3.89 48.65
N SER B 672 34.94 -3.05 49.08
CA SER B 672 33.57 -3.51 49.26
C SER B 672 33.00 -4.11 48.00
N ALA B 673 33.65 -3.88 46.85
CA ALA B 673 33.27 -4.59 45.63
C ALA B 673 33.64 -6.07 45.72
N GLN B 674 34.90 -6.37 46.05
CA GLN B 674 35.33 -7.75 46.16
C GLN B 674 34.37 -8.57 47.01
N VAL B 675 33.77 -7.96 48.03
CA VAL B 675 32.89 -8.70 48.92
C VAL B 675 31.79 -9.39 48.13
N ALA B 676 31.16 -8.67 47.20
CA ALA B 676 30.07 -9.26 46.44
C ALA B 676 30.49 -10.54 45.75
N VAL B 677 31.76 -10.63 45.33
CA VAL B 677 32.25 -11.86 44.72
C VAL B 677 31.85 -13.06 45.56
N ILE B 678 32.17 -13.02 46.85
CA ILE B 678 31.81 -14.11 47.75
C ILE B 678 30.34 -14.46 47.58
N SER B 679 29.48 -13.43 47.65
CA SER B 679 28.05 -13.66 47.50
C SER B 679 27.74 -14.41 46.21
N GLU B 680 28.29 -13.93 45.09
CA GLU B 680 28.07 -14.62 43.83
C GLU B 680 28.68 -16.02 43.87
N LYS B 681 29.86 -16.15 44.50
CA LYS B 681 30.45 -17.47 44.68
C LYS B 681 29.60 -18.35 45.57
N LEU B 682 28.69 -17.76 46.35
CA LEU B 682 27.77 -18.51 47.21
C LEU B 682 26.44 -18.79 46.54
N ILE B 683 26.33 -18.57 45.22
CA ILE B 683 25.10 -18.80 44.50
C ILE B 683 25.25 -19.68 43.27
N ALA B 684 26.48 -19.94 42.82
CA ALA B 684 26.70 -20.78 41.64
C ALA B 684 27.39 -22.08 42.04
N GLN B 712 16.02 -19.94 35.24
CA GLN B 712 16.38 -20.59 36.48
C GLN B 712 16.53 -19.56 37.58
N GLU B 713 17.54 -18.70 37.47
CA GLU B 713 17.66 -17.55 38.37
C GLU B 713 17.07 -16.29 37.75
N GLN B 714 17.64 -15.82 36.64
CA GLN B 714 17.14 -14.68 35.88
C GLN B 714 16.77 -13.51 36.77
N THR B 715 17.35 -13.42 37.94
CA THR B 715 17.15 -12.31 38.87
C THR B 715 18.45 -11.69 39.32
N VAL B 716 19.50 -12.51 39.51
CA VAL B 716 20.83 -11.98 39.72
C VAL B 716 21.15 -10.93 38.66
N ALA B 717 20.72 -11.17 37.43
CA ALA B 717 20.94 -10.20 36.36
C ALA B 717 20.32 -8.84 36.72
N ASP B 718 19.02 -8.83 36.98
CA ASP B 718 18.34 -7.57 37.29
C ASP B 718 18.87 -6.98 38.59
N LEU B 719 19.09 -7.83 39.59
CA LEU B 719 19.60 -7.35 40.87
C LEU B 719 20.92 -6.62 40.69
N LEU B 720 21.80 -7.14 39.84
CA LEU B 720 23.13 -6.60 39.65
C LEU B 720 23.14 -5.44 38.66
N LEU B 721 22.11 -5.36 37.81
CA LEU B 721 22.03 -4.26 36.86
C LEU B 721 21.38 -3.03 37.47
N THR B 722 20.39 -3.22 38.35
CA THR B 722 19.73 -2.10 38.98
C THR B 722 20.67 -1.35 39.91
N CYS B 723 21.64 -2.05 40.52
CA CYS B 723 22.63 -1.35 41.33
C CYS B 723 23.28 -0.23 40.55
N PHE B 724 23.75 -0.54 39.35
CA PHE B 724 24.32 0.48 38.46
C PHE B 724 23.26 1.50 38.07
N CYS B 725 22.16 1.03 37.50
CA CYS B 725 21.13 1.91 36.98
C CYS B 725 20.57 2.86 38.04
N GLN B 726 20.83 2.60 39.32
CA GLN B 726 20.34 3.46 40.39
C GLN B 726 21.45 4.27 41.05
N CYS B 727 22.62 3.67 41.25
CA CYS B 727 23.74 4.41 41.83
C CYS B 727 24.19 5.52 40.91
N LEU B 728 24.13 5.30 39.60
CA LEU B 728 24.46 6.38 38.67
C LEU B 728 23.58 7.61 38.93
N ILE B 729 22.26 7.44 38.79
CA ILE B 729 21.34 8.56 38.94
C ILE B 729 21.38 9.11 40.36
N ALA B 730 21.78 8.29 41.34
CA ALA B 730 21.83 8.77 42.71
C ALA B 730 23.05 9.66 42.93
N ALA B 731 24.19 9.30 42.36
CA ALA B 731 25.38 10.12 42.51
C ALA B 731 25.28 11.38 41.68
N SER B 732 25.01 11.23 40.37
CA SER B 732 24.73 12.38 39.53
C SER B 732 23.78 13.33 40.24
N GLY B 733 24.13 14.61 40.23
CA GLY B 733 23.45 15.60 41.05
C GLY B 733 24.41 16.13 42.09
N THR B 734 25.27 15.25 42.59
CA THR B 734 26.37 15.64 43.46
C THR B 734 27.61 16.03 42.67
N ASN B 735 27.87 15.37 41.55
CA ASN B 735 29.02 15.66 40.72
C ASN B 735 28.74 15.17 39.31
N PRO B 736 29.44 15.69 38.31
CA PRO B 736 29.30 15.18 36.95
C PRO B 736 30.09 13.90 36.77
N PRO B 737 29.89 13.18 35.67
CA PRO B 737 30.53 11.87 35.53
C PRO B 737 32.05 11.92 35.57
N ASP B 738 32.67 12.85 34.83
CA ASP B 738 34.13 12.88 34.76
C ASP B 738 34.75 12.93 36.14
N ARG B 739 34.23 13.81 37.00
CA ARG B 739 34.69 13.91 38.38
C ARG B 739 33.83 13.06 39.32
N GLN B 740 33.69 11.78 39.00
CA GLN B 740 32.88 10.85 39.77
C GLN B 740 33.71 9.80 40.50
N GLY B 741 34.71 9.22 39.86
CA GLY B 741 35.61 8.30 40.51
C GLY B 741 35.97 7.13 39.61
N GLN B 742 36.54 6.10 40.23
CA GLN B 742 36.98 4.89 39.55
C GLN B 742 36.07 3.71 39.87
N TRP B 743 34.78 4.00 40.05
CA TRP B 743 33.77 3.04 40.48
C TRP B 743 33.33 2.07 39.39
N PRO B 744 32.81 2.56 38.26
CA PRO B 744 32.22 1.65 37.27
C PRO B 744 33.19 0.61 36.74
N THR B 745 34.46 0.96 36.55
CA THR B 745 35.43 -0.02 36.10
C THR B 745 35.51 -1.20 37.07
N LEU B 746 35.63 -0.91 38.36
CA LEU B 746 35.74 -1.98 39.35
C LEU B 746 34.46 -2.79 39.43
N TYR B 747 33.30 -2.12 39.32
CA TYR B 747 32.05 -2.86 39.27
C TYR B 747 32.03 -3.84 38.11
N VAL B 748 32.37 -3.36 36.92
CA VAL B 748 32.34 -4.21 35.73
C VAL B 748 33.33 -5.37 35.88
N LYS B 749 34.45 -5.12 36.55
CA LYS B 749 35.42 -6.18 36.78
C LYS B 749 34.86 -7.24 37.72
N MET B 750 34.40 -6.83 38.90
CA MET B 750 33.81 -7.77 39.85
C MET B 750 32.62 -8.50 39.25
N LEU B 751 32.04 -7.98 38.17
CA LEU B 751 30.98 -8.72 37.49
C LEU B 751 31.52 -9.71 36.48
N CYS B 752 32.48 -9.29 35.65
CA CYS B 752 32.94 -10.12 34.54
C CYS B 752 33.89 -11.21 34.99
N GLY B 753 34.54 -11.04 36.13
CA GLY B 753 35.50 -12.02 36.61
C GLY B 753 34.89 -13.39 36.89
N HIS B 754 33.56 -13.48 36.80
CA HIS B 754 32.83 -14.73 36.99
C HIS B 754 32.01 -14.95 35.72
N GLN B 755 32.56 -15.74 34.80
CA GLN B 755 32.00 -15.81 33.45
C GLN B 755 30.78 -16.70 33.39
N TRP B 756 29.83 -16.47 34.29
CA TRP B 756 28.48 -17.00 34.17
C TRP B 756 27.43 -15.91 34.31
N ALA B 757 27.64 -14.95 35.22
CA ALA B 757 26.72 -13.83 35.32
C ALA B 757 26.79 -12.94 34.09
N PHE B 758 28.00 -12.70 33.58
CA PHE B 758 28.17 -11.95 32.35
C PHE B 758 27.48 -12.64 31.18
N ALA B 759 27.08 -13.90 31.32
CA ALA B 759 26.32 -14.60 30.32
C ALA B 759 24.82 -14.50 30.56
N ALA B 760 24.40 -13.70 31.52
CA ALA B 760 22.99 -13.53 31.86
C ALA B 760 22.50 -12.11 31.66
N VAL B 761 23.20 -11.11 32.22
CA VAL B 761 22.75 -9.73 32.10
C VAL B 761 22.52 -9.36 30.64
N LEU B 762 23.41 -9.83 29.76
CA LEU B 762 23.20 -9.64 28.33
C LEU B 762 21.84 -10.15 27.91
N ARG B 763 21.49 -11.35 28.37
CA ARG B 763 20.24 -11.98 27.94
C ARG B 763 19.04 -11.21 28.46
N ARG B 764 19.08 -10.77 29.72
CA ARG B 764 17.95 -10.01 30.26
C ARG B 764 17.81 -8.66 29.57
N MET B 765 18.93 -8.02 29.27
CA MET B 765 18.88 -6.72 28.59
C MET B 765 18.26 -6.87 27.21
N LEU B 766 18.77 -7.82 26.42
CA LEU B 766 18.20 -8.05 25.09
C LEU B 766 16.75 -8.52 25.17
N GLN B 767 16.38 -9.22 26.24
CA GLN B 767 15.03 -9.73 26.39
C GLN B 767 14.04 -8.63 26.73
N LEU B 768 14.46 -7.65 27.52
CA LEU B 768 13.56 -6.57 27.91
C LEU B 768 13.56 -5.42 26.93
N LEU B 769 14.62 -5.24 26.15
CA LEU B 769 14.62 -4.21 25.13
C LEU B 769 13.61 -4.54 24.03
N ARG B 770 13.62 -5.78 23.55
CA ARG B 770 12.81 -6.16 22.40
C ARG B 770 11.33 -6.31 22.77
N PHE B 771 11.02 -7.24 23.66
CA PHE B 771 9.64 -7.57 23.97
C PHE B 771 8.91 -6.37 24.56
N GLN B 772 9.32 -5.93 25.75
CA GLN B 772 8.70 -4.76 26.38
C GLN B 772 9.47 -3.49 26.07
N ALA B 773 9.71 -3.26 24.78
CA ALA B 773 10.35 -2.01 24.34
C ALA B 773 9.63 -0.77 24.84
N PRO B 774 8.31 -0.63 24.68
CA PRO B 774 7.66 0.61 25.12
C PRO B 774 7.44 0.66 26.61
N PHE B 775 7.22 -0.47 27.27
CA PHE B 775 6.97 -0.50 28.72
C PHE B 775 8.29 -0.34 29.48
N LEU B 776 8.91 0.82 29.26
CA LEU B 776 10.15 1.18 29.93
C LEU B 776 10.05 2.61 30.41
N LYS B 777 11.04 3.02 31.21
CA LYS B 777 11.10 4.35 31.77
C LYS B 777 12.13 5.19 31.02
N ASP B 778 12.17 6.48 31.36
CA ASP B 778 13.15 7.40 30.81
C ASP B 778 14.41 7.47 31.66
N SER B 779 14.51 6.66 32.71
CA SER B 779 15.67 6.64 33.58
C SER B 779 16.44 5.33 33.54
N HIS B 780 15.83 4.26 33.02
CA HIS B 780 16.52 3.00 32.85
C HIS B 780 17.32 2.94 31.56
N ILE B 781 16.94 3.72 30.55
CA ILE B 781 17.64 3.67 29.26
C ILE B 781 19.09 4.06 29.45
N VAL B 782 19.34 5.27 29.96
CA VAL B 782 20.70 5.74 30.16
C VAL B 782 21.48 4.77 31.03
N GLY B 783 20.80 4.11 31.97
CA GLY B 783 21.47 3.15 32.83
C GLY B 783 21.96 1.93 32.08
N LEU B 784 21.36 1.63 30.93
CA LEU B 784 21.86 0.57 30.08
C LEU B 784 22.91 1.09 29.11
N ALA B 785 22.72 2.32 28.61
CA ALA B 785 23.68 2.88 27.66
C ALA B 785 25.06 3.04 28.28
N ALA B 786 25.13 3.66 29.46
CA ALA B 786 26.41 3.83 30.12
C ALA B 786 27.07 2.49 30.42
N PHE B 787 26.27 1.52 30.87
CA PHE B 787 26.80 0.18 31.11
C PHE B 787 27.35 -0.41 29.83
N SER B 788 26.68 -0.18 28.70
CA SER B 788 27.14 -0.69 27.42
C SER B 788 28.50 -0.11 27.06
N ILE B 789 28.65 1.21 27.25
CA ILE B 789 29.93 1.84 26.94
C ILE B 789 31.03 1.28 27.84
N HIS B 790 30.74 1.19 29.14
CA HIS B 790 31.72 0.61 30.07
C HIS B 790 32.12 -0.79 29.63
N LEU B 791 31.16 -1.58 29.16
CA LEU B 791 31.49 -2.87 28.57
C LEU B 791 32.48 -2.71 27.43
N HIS B 792 32.16 -1.81 26.49
CA HIS B 792 33.05 -1.60 25.36
C HIS B 792 34.46 -1.27 25.81
N GLU B 793 34.60 -0.64 26.98
CA GLU B 793 35.94 -0.30 27.46
C GLU B 793 36.71 -1.54 27.90
N CYS B 794 36.01 -2.56 28.40
CA CYS B 794 36.65 -3.80 28.83
C CYS B 794 36.59 -4.85 27.72
N GLN B 795 37.17 -4.50 26.57
CA GLN B 795 37.24 -5.42 25.45
C GLN B 795 37.72 -6.82 25.86
N PRO B 796 38.68 -6.99 26.79
CA PRO B 796 39.04 -8.35 27.21
C PRO B 796 37.86 -9.18 27.69
N SER B 797 36.70 -8.55 27.88
CA SER B 797 35.49 -9.30 28.21
C SER B 797 35.00 -10.05 26.99
N LEU B 798 35.38 -11.32 26.87
CA LEU B 798 35.06 -12.13 25.71
C LEU B 798 34.76 -13.55 26.16
N GLN B 799 33.52 -13.98 25.95
CA GLN B 799 33.09 -15.33 26.28
C GLN B 799 32.75 -16.07 24.99
N PHE B 800 32.97 -17.39 25.00
CA PHE B 800 32.74 -18.22 23.84
C PHE B 800 31.58 -19.19 23.97
N LEU B 801 31.14 -19.50 25.18
CA LEU B 801 30.03 -20.44 25.38
C LEU B 801 28.69 -19.71 25.39
N ILE B 802 28.43 -18.94 24.33
CA ILE B 802 27.16 -18.23 24.16
C ILE B 802 26.71 -18.47 22.74
N THR B 803 25.81 -19.43 22.56
CA THR B 803 25.33 -19.77 21.22
C THR B 803 24.77 -18.53 20.51
N GLY B 804 24.90 -18.53 19.20
CA GLY B 804 24.40 -17.43 18.37
C GLY B 804 25.37 -16.29 18.16
N VAL B 805 26.24 -16.04 19.14
CA VAL B 805 27.21 -14.96 19.08
C VAL B 805 28.59 -15.52 19.34
N GLN B 806 29.59 -14.98 18.65
CA GLN B 806 30.98 -15.39 18.80
C GLN B 806 31.78 -14.39 19.63
N ASN B 807 31.80 -13.13 19.21
CA ASN B 807 32.51 -12.06 19.91
C ASN B 807 31.49 -11.06 20.46
N LEU B 808 32.00 -9.97 21.03
CA LEU B 808 31.13 -8.95 21.60
C LEU B 808 30.47 -8.12 20.51
N GLU B 809 31.26 -7.63 19.55
CA GLU B 809 30.77 -6.78 18.47
C GLU B 809 29.47 -7.29 17.89
N HIS B 810 29.36 -8.60 17.69
CA HIS B 810 28.17 -9.15 17.07
C HIS B 810 26.91 -8.81 17.86
N TYR B 811 27.02 -8.70 19.17
CA TYR B 811 25.86 -8.44 20.01
C TYR B 811 25.19 -7.12 19.65
N TRP B 812 26.00 -6.09 19.37
CA TRP B 812 25.46 -4.78 19.05
C TRP B 812 24.54 -4.85 17.85
N GLU B 813 25.03 -5.40 16.74
CA GLU B 813 24.18 -5.53 15.57
C GLU B 813 23.01 -6.44 15.86
N ASN B 814 23.24 -7.52 16.61
CA ASN B 814 22.17 -8.47 16.88
C ASN B 814 20.97 -7.79 17.51
N LEU B 815 21.20 -6.88 18.45
CA LEU B 815 20.03 -6.27 19.08
C LEU B 815 19.56 -5.00 18.36
N LEU B 816 20.46 -4.24 17.75
CA LEU B 816 20.05 -2.97 17.16
C LEU B 816 19.33 -3.19 15.82
N ASN B 817 19.79 -4.16 15.03
CA ASN B 817 19.07 -4.45 13.79
C ASN B 817 17.73 -5.13 14.05
N LEU B 818 17.39 -5.37 15.31
CA LEU B 818 16.04 -5.78 15.69
C LEU B 818 15.26 -4.64 16.33
N LEU B 819 15.94 -3.72 17.01
CA LEU B 819 15.29 -2.55 17.55
C LEU B 819 14.86 -1.56 16.47
N CYS B 820 15.74 -1.30 15.50
CA CYS B 820 15.48 -0.30 14.46
C CYS B 820 14.44 -0.74 13.46
N SER B 821 13.79 -1.88 13.69
CA SER B 821 12.69 -2.35 12.86
C SER B 821 11.38 -2.46 13.61
N ASP B 822 11.41 -3.03 14.82
CA ASP B 822 10.19 -3.16 15.60
C ASP B 822 9.77 -1.82 16.19
N SER B 823 10.72 -1.06 16.71
CA SER B 823 10.42 0.21 17.37
C SER B 823 11.60 1.16 17.18
N VAL B 824 11.34 2.31 16.57
CA VAL B 824 12.40 3.24 16.20
C VAL B 824 12.58 4.28 17.28
N GLY B 825 11.53 4.54 18.05
CA GLY B 825 11.58 5.56 19.06
C GLY B 825 12.30 5.12 20.33
N VAL B 826 13.06 4.04 20.26
CA VAL B 826 13.83 3.56 21.40
C VAL B 826 15.26 3.30 20.99
N CYS B 827 15.52 3.30 19.68
CA CYS B 827 16.89 3.29 19.18
C CYS B 827 17.49 4.69 19.08
N LEU B 828 16.66 5.71 19.26
CA LEU B 828 17.11 7.11 19.29
C LEU B 828 17.32 7.60 20.71
N LYS B 829 16.39 7.30 21.61
CA LYS B 829 16.53 7.64 23.01
C LYS B 829 17.49 6.71 23.76
N LEU B 830 18.09 5.75 23.07
CA LEU B 830 19.13 4.91 23.63
C LEU B 830 20.48 5.13 22.99
N CYS B 831 20.53 5.65 21.77
CA CYS B 831 21.77 5.99 21.10
C CYS B 831 22.12 7.46 21.24
N THR B 832 21.40 8.19 22.09
CA THR B 832 21.70 9.58 22.42
C THR B 832 22.26 9.76 23.81
N ALA B 833 21.76 8.99 24.78
CA ALA B 833 22.31 9.07 26.13
C ALA B 833 23.72 8.49 26.18
N ALA B 834 23.99 7.49 25.35
CA ALA B 834 25.35 6.95 25.27
C ALA B 834 26.35 8.02 24.88
N ILE B 835 26.04 8.78 23.83
CA ILE B 835 26.95 9.83 23.38
C ILE B 835 27.04 10.93 24.43
N SER B 836 25.90 11.32 25.00
CA SER B 836 25.90 12.37 26.00
C SER B 836 26.62 11.95 27.27
N TYR B 837 26.83 10.66 27.47
CA TYR B 837 27.62 10.19 28.61
C TYR B 837 29.10 10.07 28.26
N ALA B 838 29.40 9.63 27.03
CA ALA B 838 30.79 9.52 26.61
C ALA B 838 31.43 10.89 26.51
N PHE B 839 30.70 11.87 25.98
CA PHE B 839 31.20 13.23 25.87
C PHE B 839 31.23 13.96 27.20
N CYS B 840 30.85 13.29 28.29
CA CYS B 840 31.00 13.83 29.63
C CYS B 840 31.93 13.01 30.50
N ARG B 841 32.30 11.80 30.08
CA ARG B 841 33.24 10.96 30.81
C ARG B 841 34.66 11.18 30.31
N PHE B 842 34.88 10.94 29.01
CA PHE B 842 36.19 11.06 28.41
C PHE B 842 36.44 12.43 27.79
N SER B 843 35.62 13.43 28.11
CA SER B 843 35.83 14.78 27.58
C SER B 843 36.81 15.55 28.46
N GLU B 844 37.95 14.94 28.75
CA GLU B 844 39.05 15.61 29.42
C GLU B 844 40.37 15.49 28.67
N LEU B 845 40.49 14.51 27.77
CA LEU B 845 41.72 14.23 27.04
C LEU B 845 41.32 13.67 25.68
N HIS B 846 42.24 12.99 25.02
CA HIS B 846 41.93 12.28 23.78
C HIS B 846 41.57 13.24 22.67
N GLN B 847 42.52 14.11 22.31
CA GLN B 847 42.33 14.98 21.15
C GLN B 847 42.08 14.15 19.89
N ASP B 848 42.74 13.01 19.77
CA ASP B 848 42.63 12.15 18.59
C ASP B 848 42.16 10.74 18.93
N ILE B 849 42.62 10.17 20.04
CA ILE B 849 42.23 8.81 20.41
C ILE B 849 40.82 8.73 20.98
N PHE B 850 40.09 9.84 21.03
CA PHE B 850 38.69 9.80 21.43
C PHE B 850 37.93 8.75 20.63
N SER B 851 38.06 8.78 19.31
CA SER B 851 37.43 7.80 18.45
C SER B 851 38.00 6.42 18.76
N GLY B 852 37.22 5.59 19.42
CA GLY B 852 37.69 4.31 19.89
C GLY B 852 37.12 3.97 21.25
N CYS B 853 36.57 4.98 21.92
CA CYS B 853 35.90 4.74 23.21
C CYS B 853 34.47 4.25 23.00
N VAL B 854 33.67 5.01 22.25
CA VAL B 854 32.30 4.61 21.94
C VAL B 854 32.35 3.42 20.98
N PRO B 855 31.31 2.61 20.91
CA PRO B 855 31.25 1.59 19.87
C PRO B 855 30.85 2.21 18.55
N PRO B 856 31.47 1.78 17.45
CA PRO B 856 31.23 2.48 16.18
C PRO B 856 29.78 2.48 15.73
N LEU B 857 29.09 1.35 15.85
CA LEU B 857 27.78 1.23 15.23
C LEU B 857 26.78 2.22 15.81
N PHE B 858 26.82 2.45 17.12
CA PHE B 858 25.96 3.48 17.70
C PHE B 858 26.04 4.76 16.90
N LEU B 859 27.26 5.17 16.52
CA LEU B 859 27.47 6.45 15.89
C LEU B 859 27.17 6.43 14.40
N ARG B 860 26.42 5.44 13.93
CA ARG B 860 25.91 5.40 12.57
C ARG B 860 24.40 5.50 12.52
N LYS B 861 23.70 4.71 13.35
CA LYS B 861 22.24 4.76 13.35
C LYS B 861 21.73 6.17 13.64
N LEU B 862 22.43 6.90 14.50
CA LEU B 862 22.11 8.30 14.71
C LEU B 862 22.02 9.03 13.37
N GLN B 863 23.11 8.96 12.59
CA GLN B 863 23.17 9.60 11.29
C GLN B 863 22.05 9.17 10.35
N TYR B 864 21.29 8.14 10.70
CA TYR B 864 20.17 7.69 9.90
C TYR B 864 18.82 7.91 10.57
N LEU B 865 18.78 8.07 11.89
CA LEU B 865 17.52 8.18 12.61
C LEU B 865 17.19 9.59 13.03
N VAL B 866 18.18 10.46 13.19
CA VAL B 866 17.95 11.82 13.65
C VAL B 866 17.17 12.59 12.59
N PRO B 867 17.74 12.81 11.40
CA PRO B 867 17.00 13.56 10.38
C PRO B 867 15.63 12.96 10.08
N ARG B 868 15.57 11.65 9.85
CA ARG B 868 14.30 10.99 9.59
C ARG B 868 13.21 11.47 10.54
N LEU B 869 13.49 11.43 11.84
CA LEU B 869 12.45 11.72 12.82
C LEU B 869 12.16 13.20 12.94
N ILE B 870 13.17 14.04 12.72
CA ILE B 870 13.04 15.48 12.91
C ILE B 870 13.70 16.19 11.73
N TRP B 871 13.00 17.18 11.17
CA TRP B 871 13.37 17.79 9.90
C TRP B 871 14.28 19.00 10.06
N GLU B 872 14.37 19.58 11.25
CA GLU B 872 15.08 20.83 11.46
C GLU B 872 16.58 20.69 11.23
N THR B 873 17.06 19.49 10.89
CA THR B 873 18.48 19.25 10.67
C THR B 873 18.72 18.40 9.43
N ARG B 874 17.88 18.57 8.40
CA ARG B 874 17.97 17.71 7.23
C ARG B 874 19.15 18.09 6.34
N GLY B 875 19.17 19.32 5.84
CA GLY B 875 20.11 19.70 4.81
C GLY B 875 21.14 20.73 5.22
N GLU B 876 20.86 21.47 6.29
CA GLU B 876 21.81 22.47 6.78
C GLU B 876 23.18 21.84 6.95
N VAL B 877 24.22 22.60 6.58
CA VAL B 877 25.60 22.12 6.56
C VAL B 877 26.48 22.93 7.49
N ALA B 884 31.65 25.93 21.73
CA ALA B 884 30.91 25.57 22.93
C ALA B 884 31.78 24.72 23.85
N ASP B 885 31.30 24.53 25.08
CA ASP B 885 32.05 23.79 26.08
C ASP B 885 31.65 22.31 26.12
N SER B 886 30.38 22.04 26.34
CA SER B 886 29.88 20.68 26.52
C SER B 886 28.37 20.71 26.63
N PRO B 887 27.68 19.59 26.45
CA PRO B 887 26.23 19.57 26.71
C PRO B 887 25.91 20.05 28.11
N LEU B 888 24.62 20.22 28.40
CA LEU B 888 24.22 20.88 29.64
C LEU B 888 24.48 19.98 30.84
N ASN B 889 25.77 19.81 31.15
CA ASN B 889 26.25 19.12 32.35
C ASN B 889 25.34 17.96 32.74
N TRP B 890 25.10 17.07 31.77
CA TRP B 890 24.45 15.80 32.04
C TRP B 890 23.00 16.01 32.51
N ASN B 891 22.26 16.79 31.73
CA ASN B 891 20.89 17.14 32.09
C ASN B 891 19.90 16.00 31.91
N LEU B 892 20.32 14.88 31.30
CA LEU B 892 19.36 13.83 30.96
C LEU B 892 18.54 13.38 32.16
N TYR B 893 19.13 13.40 33.36
CA TYR B 893 18.42 12.89 34.52
C TYR B 893 17.17 13.70 34.84
N ALA B 894 17.12 14.97 34.43
CA ALA B 894 15.97 15.84 34.64
C ALA B 894 15.67 16.63 33.38
N LEU B 895 15.80 15.99 32.23
CA LEU B 895 15.63 16.65 30.95
C LEU B 895 14.21 17.18 30.80
N ALA B 896 14.03 18.02 29.78
CA ALA B 896 12.72 18.51 29.37
C ALA B 896 12.19 17.84 28.12
N GLY B 897 12.98 16.98 27.49
CA GLY B 897 12.56 16.30 26.29
C GLY B 897 13.77 15.75 25.55
N TRP B 898 13.48 15.14 24.40
CA TRP B 898 14.52 14.57 23.56
C TRP B 898 14.70 15.28 22.23
N LYS B 899 13.75 16.12 21.83
CA LYS B 899 13.92 16.90 20.61
C LYS B 899 14.93 18.04 20.79
N GLU B 900 15.36 18.31 22.02
CA GLU B 900 16.38 19.32 22.28
C GLU B 900 17.67 18.73 22.82
N ALA B 901 17.66 17.50 23.33
CA ALA B 901 18.88 16.81 23.70
C ALA B 901 19.53 16.10 22.54
N ALA B 902 18.74 15.72 21.53
CA ALA B 902 19.27 15.22 20.27
C ALA B 902 19.65 16.34 19.33
N LEU B 903 19.27 17.58 19.64
CA LEU B 903 19.55 18.72 18.80
C LEU B 903 20.63 19.62 19.35
N SER B 904 20.81 19.63 20.67
CA SER B 904 21.96 20.27 21.30
C SER B 904 23.24 19.48 21.10
N LEU B 905 23.15 18.31 20.49
CA LEU B 905 24.29 17.43 20.27
C LEU B 905 24.65 17.28 18.80
N TRP B 906 23.67 17.44 17.90
CA TRP B 906 23.96 17.38 16.47
C TRP B 906 24.73 18.59 15.99
N ASN B 907 24.60 19.72 16.67
CA ASN B 907 25.30 20.94 16.31
C ASN B 907 26.69 21.03 16.94
N GLN B 908 27.02 20.15 17.88
CA GLN B 908 28.29 20.21 18.58
C GLN B 908 29.44 20.03 17.59
N ASN B 909 30.25 21.07 17.42
CA ASN B 909 31.30 21.05 16.41
C ASN B 909 32.33 19.96 16.66
N ARG B 910 32.30 19.31 17.82
CA ARG B 910 33.20 18.20 18.08
C ARG B 910 32.69 16.89 17.52
N LEU B 911 31.39 16.81 17.20
CA LEU B 911 30.80 15.60 16.63
C LEU B 911 30.79 15.67 15.10
N GLN B 912 30.23 16.74 14.54
CA GLN B 912 30.15 16.88 13.10
C GLN B 912 31.51 16.75 12.43
N GLY B 913 32.58 16.88 13.19
CA GLY B 913 33.91 16.64 12.66
C GLY B 913 34.42 15.27 13.06
N LEU B 914 33.51 14.41 13.50
CA LEU B 914 33.83 13.05 13.91
C LEU B 914 33.20 11.98 13.04
N LEU B 915 32.01 12.23 12.49
CA LEU B 915 31.37 11.26 11.60
C LEU B 915 31.76 11.50 10.15
N ARG B 916 33.08 11.62 9.93
CA ARG B 916 33.66 11.68 8.61
C ARG B 916 34.68 10.58 8.37
N GLU B 917 35.20 9.96 9.42
CA GLU B 917 36.13 8.85 9.27
C GLU B 917 35.41 7.67 8.63
N LYS B 918 36.19 6.64 8.30
CA LYS B 918 35.65 5.51 7.55
C LYS B 918 34.83 4.59 8.45
N SER B 919 35.28 4.36 9.69
CA SER B 919 34.58 3.47 10.61
C SER B 919 33.27 4.07 11.12
N PHE B 920 32.88 5.25 10.63
CA PHE B 920 31.60 5.85 10.96
C PHE B 920 30.87 6.33 9.72
N GLN B 921 31.15 5.73 8.56
CA GLN B 921 30.66 6.22 7.27
C GLN B 921 29.48 5.38 6.83
N VAL B 922 28.30 5.98 6.86
CA VAL B 922 27.11 5.37 6.27
C VAL B 922 27.14 5.59 4.76
N THR B 923 26.50 4.70 4.02
CA THR B 923 26.57 4.72 2.57
C THR B 923 25.16 4.49 2.03
N PHE B 924 25.06 4.25 0.72
CA PHE B 924 23.77 4.23 0.06
C PHE B 924 23.12 2.85 0.16
N MET B 925 23.84 1.80 -0.22
CA MET B 925 23.30 0.46 -0.10
C MET B 925 22.98 0.12 1.35
N ASP B 926 23.89 0.44 2.26
CA ASP B 926 23.67 0.20 3.68
C ASP B 926 22.51 0.99 4.24
N TRP B 927 21.92 1.89 3.45
CA TRP B 927 20.73 2.63 3.85
C TRP B 927 19.47 1.95 3.36
N LEU B 928 19.48 1.48 2.10
CA LEU B 928 18.37 0.70 1.59
C LEU B 928 18.18 -0.57 2.40
N LEU B 929 19.29 -1.22 2.76
CA LEU B 929 19.18 -2.46 3.53
C LEU B 929 18.51 -2.26 4.87
N TRP B 930 18.45 -1.02 5.37
CA TRP B 930 17.79 -0.75 6.64
C TRP B 930 16.42 -0.14 6.45
N GLU B 931 16.17 0.54 5.33
CA GLU B 931 14.84 1.08 5.09
C GLU B 931 13.88 0.01 4.57
N MET B 932 14.40 -1.02 3.91
CA MET B 932 13.59 -2.14 3.45
C MET B 932 13.06 -2.99 4.59
N THR B 933 13.56 -2.81 5.80
CA THR B 933 13.22 -3.69 6.92
C THR B 933 12.32 -3.04 7.96
N LEU B 934 11.97 -1.77 7.79
CA LEU B 934 11.05 -1.14 8.73
C LEU B 934 9.64 -1.67 8.55
N LYS B 935 9.03 -2.05 9.67
CA LYS B 935 7.64 -2.50 9.66
C LYS B 935 6.73 -1.30 9.48
N SER B 936 5.94 -1.30 8.41
CA SER B 936 5.00 -0.20 8.17
C SER B 936 4.24 0.14 9.45
N ASN B 937 3.52 -0.83 10.00
CA ASN B 937 2.99 -0.68 11.34
C ASN B 937 4.13 -0.76 12.34
N ASN B 938 3.90 -0.22 13.54
CA ASN B 938 4.88 -0.04 14.60
C ASN B 938 5.79 1.14 14.28
N ASP B 939 5.66 1.76 13.11
CA ASP B 939 6.41 2.96 12.79
C ASP B 939 5.81 4.14 13.57
N VAL B 940 6.37 5.32 13.35
CA VAL B 940 5.93 6.52 14.06
C VAL B 940 5.55 7.61 13.07
N LEU B 941 5.75 7.35 11.78
CA LEU B 941 5.46 8.32 10.73
C LEU B 941 4.27 7.86 9.90
N CYS B 942 3.41 8.81 9.54
CA CYS B 942 2.27 8.49 8.71
C CYS B 942 2.71 8.22 7.28
N ASP B 943 1.88 7.46 6.55
CA ASP B 943 2.28 6.98 5.24
C ASP B 943 2.52 8.11 4.25
N THR B 944 2.01 9.31 4.53
CA THR B 944 2.23 10.46 3.67
C THR B 944 3.32 11.37 4.21
N ASP B 945 4.15 10.87 5.12
CA ASP B 945 5.30 11.60 5.64
C ASP B 945 6.59 10.81 5.58
N ARG B 946 6.55 9.49 5.50
CA ARG B 946 7.74 8.69 5.27
C ARG B 946 8.02 8.51 3.78
N GLN B 947 7.36 9.29 2.93
CA GLN B 947 7.68 9.34 1.52
C GLN B 947 8.36 10.64 1.12
N GLU B 948 8.15 11.71 1.87
CA GLU B 948 8.96 12.91 1.69
C GLU B 948 10.40 12.66 2.11
N TYR B 949 10.59 11.95 3.22
CA TYR B 949 11.92 11.59 3.66
C TYR B 949 12.69 10.85 2.58
N GLN B 950 12.03 9.89 1.92
CA GLN B 950 12.70 9.13 0.87
C GLN B 950 12.95 10.00 -0.35
N ARG B 951 11.96 10.81 -0.74
CA ARG B 951 12.12 11.67 -1.90
C ARG B 951 13.23 12.68 -1.69
N TRP B 952 13.58 12.98 -0.44
CA TRP B 952 14.72 13.83 -0.14
C TRP B 952 16.02 13.05 -0.11
N ALA B 953 16.04 11.93 0.61
CA ALA B 953 17.27 11.16 0.76
C ALA B 953 17.77 10.66 -0.59
N VAL B 954 16.91 10.05 -1.39
CA VAL B 954 17.32 9.56 -2.69
C VAL B 954 18.00 10.65 -3.51
N ASN B 955 17.71 11.91 -3.23
CA ASN B 955 18.37 13.01 -3.92
C ASN B 955 19.60 13.49 -3.20
N HIS B 956 19.69 13.27 -1.88
CA HIS B 956 20.88 13.65 -1.13
C HIS B 956 22.03 12.68 -1.36
N TYR B 957 21.74 11.45 -1.73
CA TYR B 957 22.78 10.47 -2.01
C TYR B 957 23.16 10.40 -3.47
N LEU B 958 22.45 11.11 -4.34
CA LEU B 958 22.82 11.20 -5.75
C LEU B 958 23.73 12.38 -6.03
N SER B 959 23.80 13.35 -5.14
CA SER B 959 24.70 14.49 -5.26
C SER B 959 25.75 14.35 -4.17
N GLU B 960 26.78 13.55 -4.47
CA GLU B 960 27.85 13.25 -3.53
C GLU B 960 29.07 12.83 -4.34
N SER B 961 30.06 12.27 -3.66
CA SER B 961 31.21 11.66 -4.30
C SER B 961 31.23 10.16 -4.02
N SER B 962 31.95 9.42 -4.87
CA SER B 962 32.00 7.99 -4.72
C SER B 962 32.89 7.55 -3.57
N VAL B 963 33.80 8.41 -3.12
CA VAL B 963 34.64 8.08 -1.97
C VAL B 963 33.76 7.78 -0.76
N VAL B 964 32.63 8.46 -0.63
CA VAL B 964 31.72 8.21 0.48
C VAL B 964 30.85 6.98 0.23
N GLY B 965 30.69 6.57 -1.02
CA GLY B 965 29.80 5.48 -1.39
C GLY B 965 28.61 5.93 -2.19
N GLY B 966 28.29 7.22 -2.16
CA GLY B 966 27.18 7.74 -2.94
C GLY B 966 27.58 8.08 -4.36
N CYS B 967 26.57 8.20 -5.21
CA CYS B 967 26.78 8.49 -6.62
C CYS B 967 27.50 9.82 -6.78
N ASN B 968 27.97 10.07 -8.00
CA ASN B 968 28.73 11.27 -8.33
C ASN B 968 27.89 12.32 -9.04
N GLY B 969 26.58 12.16 -9.09
CA GLY B 969 25.70 13.09 -9.78
C GLY B 969 24.97 12.48 -10.95
N ASP B 970 25.19 11.22 -11.28
CA ASP B 970 24.51 10.58 -12.41
C ASP B 970 23.21 9.97 -11.92
N LEU B 971 22.56 9.18 -12.76
CA LEU B 971 21.26 8.60 -12.44
C LEU B 971 21.27 7.10 -12.71
N GLU B 972 22.13 6.67 -13.63
CA GLU B 972 22.30 5.23 -13.87
C GLU B 972 22.68 4.51 -12.58
N ARG B 973 23.74 4.97 -11.92
CA ARG B 973 24.18 4.42 -10.65
C ARG B 973 23.16 4.63 -9.54
N GLY B 974 22.04 5.31 -9.80
CA GLY B 974 21.01 5.49 -8.80
C GLY B 974 19.88 4.51 -8.95
N CYS B 975 19.83 3.82 -10.10
CA CYS B 975 18.87 2.76 -10.34
C CYS B 975 19.52 1.38 -10.30
N ILE B 976 20.71 1.24 -10.87
CA ILE B 976 21.49 0.03 -10.68
C ILE B 976 21.56 -0.31 -9.19
N THR B 977 21.80 0.68 -8.36
CA THR B 977 22.03 0.47 -6.94
C THR B 977 20.75 0.32 -6.14
N ILE B 978 19.60 0.58 -6.74
CA ILE B 978 18.32 0.26 -6.10
C ILE B 978 17.81 -1.10 -6.54
N ALA B 979 18.24 -1.59 -7.70
CA ALA B 979 17.87 -2.93 -8.11
C ALA B 979 18.77 -3.98 -7.47
N GLU B 980 20.06 -3.69 -7.38
CA GLU B 980 21.02 -4.59 -6.78
C GLU B 980 20.79 -4.84 -5.30
N ALA B 981 19.85 -4.11 -4.70
CA ALA B 981 19.46 -4.33 -3.31
C ALA B 981 18.19 -5.15 -3.19
N VAL B 982 17.22 -4.92 -4.07
CA VAL B 982 16.03 -5.76 -4.08
C VAL B 982 16.40 -7.18 -4.47
N LEU B 983 17.35 -7.33 -5.39
CA LEU B 983 17.83 -8.68 -5.69
C LEU B 983 18.70 -9.26 -4.59
N GLN B 984 18.82 -8.58 -3.45
CA GLN B 984 19.63 -9.04 -2.33
C GLN B 984 18.87 -9.12 -1.02
N PHE B 985 17.70 -8.51 -0.94
CA PHE B 985 16.90 -8.54 0.28
C PHE B 985 15.81 -9.61 0.23
N SER B 986 15.44 -10.04 -0.97
CA SER B 986 14.45 -11.11 -1.10
C SER B 986 15.06 -12.47 -0.79
N ASN B 987 16.36 -12.63 -1.04
CA ASN B 987 17.01 -13.92 -0.82
C ASN B 987 16.75 -14.45 0.59
N ARG B 988 16.78 -13.57 1.58
CA ARG B 988 16.54 -13.95 2.96
C ARG B 988 15.06 -13.87 3.33
N HIS B 989 14.18 -13.75 2.35
CA HIS B 989 12.73 -13.70 2.56
C HIS B 989 12.03 -14.60 1.57
N ILE B 990 12.51 -15.84 1.43
CA ILE B 990 11.86 -16.81 0.55
C ILE B 990 10.35 -16.81 0.80
N GLN B 991 9.96 -16.88 2.07
CA GLN B 991 8.61 -16.58 2.52
C GLN B 991 7.55 -17.32 1.68
N HIS B 992 7.55 -18.64 1.85
CA HIS B 992 6.63 -19.49 1.12
C HIS B 992 5.19 -19.20 1.54
N SER B 993 4.25 -19.89 0.91
CA SER B 993 2.83 -19.69 1.17
C SER B 993 2.12 -21.05 1.26
N LEU B 1003 3.20 -13.97 9.71
CA LEU B 1003 3.86 -13.43 8.53
C LEU B 1003 4.48 -12.08 8.84
N LYS B 1004 5.64 -11.82 8.24
CA LYS B 1004 6.32 -10.56 8.45
C LYS B 1004 5.47 -9.41 7.94
N SER B 1005 5.28 -8.40 8.78
CA SER B 1005 4.41 -7.30 8.44
C SER B 1005 4.92 -6.61 7.17
N HIS B 1006 4.06 -5.73 6.63
CA HIS B 1006 4.39 -5.06 5.38
C HIS B 1006 5.70 -4.30 5.52
N THR B 1007 6.73 -4.76 4.82
CA THR B 1007 8.02 -4.11 4.87
C THR B 1007 7.98 -2.79 4.12
N GLY B 1008 8.99 -1.96 4.37
CA GLY B 1008 9.16 -0.74 3.60
C GLY B 1008 9.33 -0.96 2.13
N LEU B 1009 9.50 -2.20 1.70
CA LEU B 1009 9.57 -2.54 0.28
C LEU B 1009 8.34 -2.04 -0.44
N GLY B 1010 8.39 -1.97 -1.76
CA GLY B 1010 7.31 -1.38 -2.51
C GLY B 1010 7.48 0.12 -2.63
N ASP B 1011 7.37 0.82 -1.50
CA ASP B 1011 7.68 2.24 -1.46
C ASP B 1011 8.95 2.55 -2.25
N ILE B 1012 10.00 1.78 -1.99
CA ILE B 1012 11.26 1.98 -2.71
C ILE B 1012 11.03 1.88 -4.20
N LEU B 1013 10.26 0.89 -4.63
CA LEU B 1013 10.05 0.69 -6.05
C LEU B 1013 9.14 1.75 -6.67
N CYS B 1014 8.51 2.58 -5.84
CA CYS B 1014 7.77 3.72 -6.34
C CYS B 1014 8.67 4.94 -6.50
N ARG B 1015 9.71 5.05 -5.67
CA ARG B 1015 10.73 6.08 -5.83
C ARG B 1015 11.75 5.72 -6.90
N LEU B 1016 11.58 4.58 -7.58
CA LEU B 1016 12.44 4.19 -8.68
C LEU B 1016 11.81 4.46 -10.04
N GLN B 1017 10.48 4.65 -10.09
CA GLN B 1017 9.83 5.05 -11.32
C GLN B 1017 9.71 6.57 -11.44
N GLU B 1018 9.53 7.27 -10.32
CA GLU B 1018 9.64 8.72 -10.32
C GLU B 1018 11.00 9.17 -10.85
N LEU B 1019 11.98 8.28 -10.85
CA LEU B 1019 13.32 8.56 -11.35
C LEU B 1019 13.53 8.04 -12.76
N ILE B 1020 12.78 7.03 -13.17
CA ILE B 1020 12.90 6.52 -14.54
C ILE B 1020 12.18 7.43 -15.52
N CYS B 1021 11.10 8.08 -15.08
CA CYS B 1021 10.41 9.06 -15.92
C CYS B 1021 11.21 10.34 -16.12
N ASP B 1022 12.43 10.41 -15.61
CA ASP B 1022 13.27 11.59 -15.73
C ASP B 1022 14.47 11.37 -16.64
N ILE B 1023 14.59 10.19 -17.24
CA ILE B 1023 15.64 9.91 -18.21
C ILE B 1023 15.11 9.35 -19.51
N VAL B 1024 13.81 9.02 -19.57
CA VAL B 1024 13.15 8.70 -20.82
C VAL B 1024 12.30 9.86 -21.32
N THR B 1025 11.75 10.68 -20.43
CA THR B 1025 11.11 11.94 -20.80
C THR B 1025 12.15 13.04 -20.71
N SER B 1026 12.71 13.42 -21.85
CA SER B 1026 13.76 14.43 -21.88
C SER B 1026 13.94 14.88 -23.32
N HIS B 1027 14.98 15.69 -23.55
CA HIS B 1027 15.28 16.24 -24.86
C HIS B 1027 16.60 15.74 -25.42
N HIS B 1028 17.36 14.95 -24.68
CA HIS B 1028 18.64 14.38 -25.09
C HIS B 1028 18.67 12.90 -24.75
N GLN B 1029 17.62 12.18 -25.17
CA GLN B 1029 17.41 10.82 -24.71
C GLN B 1029 18.64 9.95 -24.96
N LYS B 1030 18.96 9.72 -26.23
CA LYS B 1030 20.00 8.76 -26.59
C LYS B 1030 19.72 7.42 -25.90
N GLY B 1031 18.63 6.79 -26.33
CA GLY B 1031 17.98 5.76 -25.55
C GLY B 1031 18.66 4.41 -25.57
N ARG B 1032 19.75 4.30 -24.82
CA ARG B 1032 20.44 3.04 -24.60
C ARG B 1032 20.00 2.45 -23.27
N ARG B 1033 19.84 1.12 -23.24
CA ARG B 1033 19.36 0.43 -22.05
C ARG B 1033 20.13 -0.86 -21.82
N HIS B 1034 21.36 -0.93 -22.31
CA HIS B 1034 22.19 -2.10 -22.02
C HIS B 1034 22.31 -2.31 -20.52
N PHE B 1035 22.45 -1.23 -19.76
CA PHE B 1035 22.37 -1.33 -18.32
C PHE B 1035 20.94 -1.67 -17.91
N PHE B 1036 20.79 -2.05 -16.64
CA PHE B 1036 19.55 -2.50 -16.02
C PHE B 1036 19.18 -3.90 -16.46
N PHE B 1037 19.87 -4.48 -17.45
CA PHE B 1037 19.71 -5.87 -17.85
C PHE B 1037 20.94 -6.70 -17.59
N ALA B 1038 22.13 -6.14 -17.78
CA ALA B 1038 23.36 -6.81 -17.34
C ALA B 1038 23.42 -6.93 -15.82
N ILE B 1039 22.53 -6.25 -15.10
CA ILE B 1039 22.43 -6.44 -13.66
C ILE B 1039 21.72 -7.72 -13.31
N PHE B 1040 20.87 -8.24 -14.20
CA PHE B 1040 20.22 -9.52 -13.99
C PHE B 1040 21.04 -10.68 -14.51
N TYR B 1041 21.95 -10.44 -15.45
CA TYR B 1041 22.84 -11.47 -15.97
C TYR B 1041 23.88 -11.92 -14.94
N GLN B 1042 23.84 -11.40 -13.72
CA GLN B 1042 24.80 -11.76 -12.68
C GLN B 1042 24.17 -12.70 -11.65
N ARG B 1043 23.01 -12.32 -11.11
CA ARG B 1043 22.33 -13.17 -10.14
C ARG B 1043 22.02 -14.54 -10.73
N LEU B 1044 21.73 -14.60 -12.03
CA LEU B 1044 21.49 -15.87 -12.70
C LEU B 1044 22.78 -16.62 -13.00
N GLU B 1045 23.94 -16.03 -12.71
CA GLU B 1045 25.22 -16.70 -12.84
C GLU B 1045 25.86 -17.04 -11.52
N LEU B 1046 25.41 -16.43 -10.42
CA LEU B 1046 25.85 -16.87 -9.11
C LEU B 1046 25.55 -18.35 -8.90
N HIS B 1047 24.33 -18.77 -9.29
CA HIS B 1047 23.94 -20.18 -9.31
C HIS B 1047 23.26 -20.42 -10.66
N LYS B 1048 24.08 -20.74 -11.66
CA LYS B 1048 23.64 -21.01 -13.06
C LYS B 1048 22.93 -22.36 -13.11
N HIS B 1056 16.11 -22.07 -4.40
CA HIS B 1056 15.86 -20.72 -4.87
C HIS B 1056 16.31 -20.59 -6.32
N LEU B 1057 15.89 -21.52 -7.16
CA LEU B 1057 16.41 -21.61 -8.50
C LEU B 1057 16.11 -20.34 -9.29
N SER B 1058 16.75 -20.25 -10.47
CA SER B 1058 16.54 -19.13 -11.37
C SER B 1058 15.05 -18.88 -11.58
N LYS B 1059 14.32 -19.89 -12.03
CA LYS B 1059 12.92 -19.74 -12.42
C LYS B 1059 11.97 -19.90 -11.24
N GLN B 1060 12.45 -19.67 -10.02
CA GLN B 1060 11.60 -19.81 -8.84
C GLN B 1060 11.41 -18.50 -8.09
N GLY B 1061 12.49 -17.76 -7.83
CA GLY B 1061 12.38 -16.61 -6.95
C GLY B 1061 13.17 -15.39 -7.37
N VAL B 1062 13.89 -15.49 -8.49
CA VAL B 1062 14.60 -14.35 -9.06
C VAL B 1062 13.97 -13.88 -10.36
N LEU B 1063 13.48 -14.81 -11.17
CA LEU B 1063 12.75 -14.45 -12.37
C LEU B 1063 11.32 -14.00 -12.08
N GLU B 1064 10.95 -13.92 -10.81
CA GLU B 1064 9.70 -13.32 -10.39
C GLU B 1064 9.90 -11.94 -9.79
N MET B 1065 11.14 -11.50 -9.67
CA MET B 1065 11.46 -10.11 -9.33
C MET B 1065 11.95 -9.32 -10.53
N CYS B 1066 12.63 -9.96 -11.47
CA CYS B 1066 12.90 -9.34 -12.76
C CYS B 1066 11.62 -9.04 -13.53
N CYS B 1067 10.46 -9.44 -13.00
CA CYS B 1067 9.16 -9.08 -13.56
C CYS B 1067 8.44 -8.08 -12.67
N ARG B 1068 8.42 -8.32 -11.36
CA ARG B 1068 7.83 -7.35 -10.44
C ARG B 1068 8.49 -5.99 -10.59
N ILE B 1069 9.77 -5.97 -10.96
CA ILE B 1069 10.44 -4.71 -11.26
C ILE B 1069 10.04 -4.21 -12.64
N LEU B 1070 10.25 -5.03 -13.67
CA LEU B 1070 10.03 -4.64 -15.04
C LEU B 1070 8.60 -4.23 -15.32
N LEU B 1071 7.67 -4.49 -14.41
CA LEU B 1071 6.28 -4.08 -14.56
C LEU B 1071 6.00 -2.72 -13.94
N GLY B 1072 6.48 -2.48 -12.73
CA GLY B 1072 6.28 -1.20 -12.07
C GLY B 1072 6.79 -0.03 -12.87
N LEU B 1073 7.63 -0.30 -13.87
CA LEU B 1073 8.12 0.72 -14.77
C LEU B 1073 7.03 1.09 -15.76
N PRO B 1074 7.26 2.09 -16.60
CA PRO B 1074 6.33 2.39 -17.67
C PRO B 1074 6.48 1.40 -18.80
N PRO B 1075 5.47 1.28 -19.66
CA PRO B 1075 5.57 0.36 -20.80
C PRO B 1075 6.43 0.90 -21.92
N LEU B 1076 7.16 1.98 -21.67
CA LEU B 1076 8.03 2.58 -22.68
C LEU B 1076 9.48 2.20 -22.47
N PHE B 1077 9.89 1.95 -21.22
CA PHE B 1077 11.28 1.64 -20.95
C PHE B 1077 11.74 0.40 -21.72
N LEU B 1078 10.83 -0.54 -21.96
CA LEU B 1078 11.17 -1.74 -22.68
C LEU B 1078 11.60 -1.48 -24.10
N ILE B 1079 11.39 -0.27 -24.62
CA ILE B 1079 11.76 0.08 -25.97
C ILE B 1079 12.89 1.10 -25.94
N ASN B 1080 13.65 1.15 -27.02
CA ASN B 1080 14.91 1.89 -27.02
C ASN B 1080 14.69 3.39 -27.23
N THR B 1081 14.05 3.76 -28.33
CA THR B 1081 13.88 5.16 -28.72
C THR B 1081 15.21 5.83 -29.03
N PRO B 1082 15.95 5.39 -30.05
CA PRO B 1082 17.12 6.14 -30.50
C PRO B 1082 16.74 7.50 -31.03
N SER B 1083 17.73 8.38 -31.12
CA SER B 1083 17.54 9.75 -31.60
C SER B 1083 18.71 10.16 -32.49
N GLU B 1084 19.07 9.26 -33.43
CA GLU B 1084 20.28 9.43 -34.24
C GLU B 1084 20.50 10.89 -34.68
N LYS B 1085 19.55 11.44 -35.42
CA LYS B 1085 19.66 12.81 -35.92
C LYS B 1085 18.31 13.51 -35.82
N GLY B 1086 17.60 13.31 -34.70
CA GLY B 1086 16.26 13.83 -34.55
C GLY B 1086 15.18 13.02 -35.22
N ILE B 1087 15.54 12.17 -36.19
CA ILE B 1087 14.55 11.31 -36.83
C ILE B 1087 13.81 10.48 -35.80
N ARG B 1088 14.54 9.93 -34.83
CA ARG B 1088 13.96 9.19 -33.72
C ARG B 1088 13.18 7.97 -34.22
N THR B 1089 13.91 7.05 -34.82
CA THR B 1089 13.32 5.79 -35.25
C THR B 1089 13.05 4.92 -34.02
N LEU B 1090 12.61 3.69 -34.26
CA LEU B 1090 12.22 2.78 -33.19
C LEU B 1090 12.88 1.42 -33.40
N GLY B 1091 12.86 0.64 -32.33
CA GLY B 1091 13.46 -0.68 -32.34
C GLY B 1091 13.72 -1.16 -30.94
N SER B 1092 14.03 -2.44 -30.83
CA SER B 1092 14.39 -3.04 -29.56
C SER B 1092 15.37 -4.17 -29.81
N GLU B 1093 16.45 -4.19 -29.03
CA GLU B 1093 17.46 -5.22 -29.14
C GLU B 1093 17.98 -5.69 -27.78
N ASP B 1094 17.43 -5.21 -26.68
CA ASP B 1094 17.83 -5.62 -25.34
C ASP B 1094 16.70 -6.23 -24.55
N PHE B 1095 15.48 -6.25 -25.09
CA PHE B 1095 14.39 -7.02 -24.52
C PHE B 1095 14.14 -8.31 -25.28
N TRP B 1096 14.58 -8.40 -26.53
CA TRP B 1096 14.53 -9.65 -27.28
C TRP B 1096 15.64 -10.59 -26.84
N GLN B 1097 16.88 -10.10 -26.92
CA GLN B 1097 18.04 -10.85 -26.44
C GLN B 1097 17.89 -11.29 -25.00
N PHE B 1098 16.98 -10.70 -24.24
CA PHE B 1098 16.73 -11.07 -22.86
C PHE B 1098 15.50 -11.95 -22.69
N VAL B 1099 14.42 -11.67 -23.43
CA VAL B 1099 13.24 -12.50 -23.32
C VAL B 1099 13.50 -13.88 -23.90
N ASN B 1100 14.48 -14.00 -24.79
CA ASN B 1100 14.90 -15.33 -25.22
C ASN B 1100 15.62 -16.09 -24.12
N LYS B 1101 15.71 -15.53 -22.92
CA LYS B 1101 16.29 -16.25 -21.79
C LYS B 1101 15.52 -16.02 -20.49
N GLU B 1102 14.25 -15.57 -20.57
CA GLU B 1102 13.37 -15.57 -19.41
C GLU B 1102 12.05 -16.25 -19.73
N LEU B 1103 11.87 -16.77 -20.94
CA LEU B 1103 10.74 -17.63 -21.24
C LEU B 1103 10.82 -18.94 -20.48
N LYS B 1104 12.00 -19.30 -19.97
CA LYS B 1104 12.14 -20.51 -19.18
C LYS B 1104 11.33 -20.42 -17.89
N ASN B 1105 10.79 -19.25 -17.58
CA ASN B 1105 9.99 -19.06 -16.38
C ASN B 1105 8.68 -19.82 -16.40
N LEU B 1106 7.82 -19.56 -17.37
CA LEU B 1106 6.47 -20.09 -17.36
C LEU B 1106 6.49 -21.57 -17.74
N GLY B 1107 6.52 -22.42 -16.72
CA GLY B 1107 6.36 -23.84 -16.90
C GLY B 1107 4.92 -24.29 -17.11
N PRO B 1108 3.92 -23.46 -16.78
CA PRO B 1108 2.54 -23.86 -17.06
C PRO B 1108 2.28 -24.36 -18.47
N ARG B 1109 2.64 -23.59 -19.49
CA ARG B 1109 2.34 -23.96 -20.87
C ARG B 1109 3.59 -24.48 -21.58
N GLY B 1110 4.68 -23.71 -21.59
CA GLY B 1110 5.90 -24.10 -22.25
C GLY B 1110 6.10 -23.47 -23.60
N TYR B 1111 5.03 -23.22 -24.34
CA TYR B 1111 5.11 -22.56 -25.64
C TYR B 1111 4.68 -21.11 -25.58
N ALA B 1112 4.66 -20.49 -24.40
CA ALA B 1112 4.11 -19.15 -24.28
C ALA B 1112 4.69 -18.46 -23.05
N LEU B 1113 4.77 -17.14 -23.14
CA LEU B 1113 5.04 -16.31 -21.98
C LEU B 1113 3.75 -16.17 -21.17
N PRO B 1114 3.81 -15.49 -20.03
CA PRO B 1114 2.57 -15.10 -19.37
C PRO B 1114 1.88 -14.01 -20.18
N TYR B 1115 0.73 -13.54 -19.70
CA TYR B 1115 0.02 -12.48 -20.40
C TYR B 1115 0.46 -11.10 -19.94
N ASN B 1116 0.64 -10.94 -18.64
CA ASN B 1116 0.91 -9.63 -18.05
C ASN B 1116 2.26 -9.06 -18.46
N ILE B 1117 3.13 -9.83 -19.10
CA ILE B 1117 4.37 -9.31 -19.66
C ILE B 1117 4.31 -9.29 -21.19
N THR B 1118 3.15 -9.54 -21.77
CA THR B 1118 2.94 -9.35 -23.19
C THR B 1118 2.07 -8.16 -23.50
N ALA B 1119 1.34 -7.64 -22.51
CA ALA B 1119 0.54 -6.45 -22.72
C ALA B 1119 1.39 -5.18 -22.71
N HIS B 1120 2.36 -5.10 -21.80
CA HIS B 1120 3.20 -3.91 -21.73
C HIS B 1120 3.91 -3.66 -23.04
N PHE B 1121 4.46 -4.71 -23.66
CA PHE B 1121 5.17 -4.53 -24.92
C PHE B 1121 4.27 -3.90 -25.97
N PHE B 1122 3.19 -4.59 -26.36
CA PHE B 1122 2.30 -4.07 -27.40
C PHE B 1122 1.71 -2.73 -27.01
N ARG B 1123 1.55 -2.47 -25.72
CA ARG B 1123 1.07 -1.20 -25.23
C ARG B 1123 2.17 -0.15 -25.15
N GLY B 1124 3.41 -0.51 -25.47
CA GLY B 1124 4.50 0.43 -25.48
C GLY B 1124 4.80 0.98 -26.85
N VAL B 1125 4.92 0.09 -27.84
CA VAL B 1125 5.09 0.50 -29.23
C VAL B 1125 4.04 1.50 -29.67
N ILE B 1126 2.92 1.57 -28.97
CA ILE B 1126 1.89 2.55 -29.23
C ILE B 1126 2.12 3.84 -28.45
N SER B 1127 2.72 3.73 -27.28
CA SER B 1127 3.06 4.90 -26.46
C SER B 1127 4.44 5.46 -26.78
N ALA B 1128 5.08 4.97 -27.84
CA ALA B 1128 6.36 5.48 -28.30
C ALA B 1128 6.32 6.06 -29.70
N SER B 1129 5.46 5.53 -30.56
CA SER B 1129 5.34 6.10 -31.90
C SER B 1129 4.96 7.58 -31.84
N VAL B 1130 4.29 7.99 -30.77
CA VAL B 1130 3.92 9.40 -30.60
C VAL B 1130 5.12 10.30 -30.89
N GLN B 1131 6.24 10.02 -30.22
CA GLN B 1131 7.42 10.86 -30.39
C GLN B 1131 7.83 10.94 -31.85
N CYS B 1132 7.70 9.84 -32.59
CA CYS B 1132 8.04 9.83 -34.00
C CYS B 1132 7.11 10.76 -34.76
N LYS B 1133 7.39 10.93 -36.05
CA LYS B 1133 6.56 11.81 -36.89
C LYS B 1133 5.31 11.07 -37.37
N ASP B 1134 5.49 10.00 -38.13
CA ASP B 1134 4.39 9.19 -38.63
C ASP B 1134 4.21 8.02 -37.66
N SER B 1135 3.26 8.17 -36.73
CA SER B 1135 3.12 7.19 -35.67
C SER B 1135 2.54 5.86 -36.16
N SER B 1136 2.24 5.74 -37.45
CA SER B 1136 1.71 4.51 -38.02
C SER B 1136 2.59 3.97 -39.14
N GLU B 1137 3.90 4.22 -39.07
CA GLU B 1137 4.83 3.63 -40.02
C GLU B 1137 6.05 3.06 -39.32
N ALA B 1138 6.19 3.26 -38.02
CA ALA B 1138 7.19 2.56 -37.23
C ALA B 1138 6.67 1.22 -36.74
N VAL B 1139 5.44 1.19 -36.24
CA VAL B 1139 4.82 -0.06 -35.80
C VAL B 1139 4.94 -1.12 -36.89
N ASN B 1140 4.45 -0.80 -38.09
CA ASN B 1140 4.61 -1.71 -39.22
C ASN B 1140 6.05 -2.20 -39.37
N SER B 1141 7.02 -1.43 -38.89
CA SER B 1141 8.42 -1.80 -39.00
C SER B 1141 8.87 -2.69 -37.85
N ILE B 1142 8.50 -2.33 -36.63
CA ILE B 1142 8.82 -3.17 -35.47
C ILE B 1142 8.20 -4.55 -35.64
N LEU B 1143 6.87 -4.59 -35.74
CA LEU B 1143 6.16 -5.86 -35.80
C LEU B 1143 6.44 -6.62 -37.08
N SER B 1144 7.25 -6.09 -37.99
CA SER B 1144 7.76 -6.84 -39.12
C SER B 1144 9.19 -7.30 -38.93
N ALA B 1145 9.98 -6.57 -38.15
CA ALA B 1145 11.26 -7.10 -37.69
C ALA B 1145 11.04 -8.27 -36.76
N THR B 1146 10.11 -8.13 -35.83
CA THR B 1146 9.53 -9.29 -35.18
C THR B 1146 8.88 -10.17 -36.24
N TYR B 1147 8.47 -11.37 -35.83
CA TYR B 1147 8.20 -12.53 -36.67
C TYR B 1147 9.49 -13.23 -37.06
N SER B 1148 10.66 -12.68 -36.73
CA SER B 1148 11.92 -13.30 -37.07
C SER B 1148 12.98 -13.17 -35.98
N THR B 1149 12.69 -12.48 -34.88
CA THR B 1149 13.70 -12.27 -33.84
C THR B 1149 13.16 -12.62 -32.46
N CYS B 1150 11.84 -12.52 -32.27
CA CYS B 1150 11.22 -12.83 -30.99
C CYS B 1150 9.82 -13.37 -31.22
N PRO B 1151 9.70 -14.53 -31.84
CA PRO B 1151 8.36 -15.13 -32.01
C PRO B 1151 7.60 -15.30 -30.71
N ALA B 1152 8.29 -15.63 -29.62
CA ALA B 1152 7.63 -16.03 -28.39
C ALA B 1152 6.67 -14.99 -27.84
N LEU B 1153 6.67 -13.77 -28.36
CA LEU B 1153 5.77 -12.74 -27.86
C LEU B 1153 4.43 -12.74 -28.56
N LEU B 1154 4.42 -13.01 -29.86
CA LEU B 1154 3.16 -13.07 -30.58
C LEU B 1154 2.31 -14.25 -30.10
N ILE B 1155 2.90 -15.44 -30.06
CA ILE B 1155 2.18 -16.64 -29.67
C ILE B 1155 1.56 -16.49 -28.28
N SER B 1156 2.06 -15.57 -27.47
CA SER B 1156 1.40 -15.24 -26.22
C SER B 1156 0.31 -14.20 -26.39
N ALA B 1157 0.26 -13.55 -27.55
CA ALA B 1157 -0.87 -12.68 -27.89
C ALA B 1157 -2.00 -13.50 -28.49
N ALA B 1158 -1.70 -14.26 -29.54
CA ALA B 1158 -2.63 -15.20 -30.14
C ALA B 1158 -3.42 -15.94 -29.07
N VAL B 1159 -2.72 -16.39 -28.01
CA VAL B 1159 -3.36 -17.09 -26.91
C VAL B 1159 -4.19 -16.18 -26.03
N GLY B 1160 -4.20 -14.87 -26.29
CA GLY B 1160 -4.84 -13.93 -25.41
C GLY B 1160 -5.61 -12.82 -26.11
N TRP B 1161 -5.69 -12.90 -27.44
CA TRP B 1161 -6.29 -11.85 -28.25
C TRP B 1161 -7.59 -11.32 -27.65
N PRO B 1162 -8.61 -12.15 -27.44
CA PRO B 1162 -9.91 -11.62 -26.97
C PRO B 1162 -9.84 -10.85 -25.68
N GLN B 1163 -8.69 -10.85 -25.00
CA GLN B 1163 -8.49 -10.06 -23.80
C GLN B 1163 -7.57 -8.87 -24.04
N LEU B 1164 -7.18 -8.62 -25.28
CA LEU B 1164 -6.16 -7.64 -25.60
C LEU B 1164 -6.59 -6.64 -26.66
N ASP B 1165 -7.39 -7.05 -27.65
CA ASP B 1165 -7.82 -6.15 -28.71
C ASP B 1165 -8.51 -4.90 -28.19
N PRO B 1166 -9.46 -4.98 -27.25
CA PRO B 1166 -10.16 -3.76 -26.80
C PRO B 1166 -9.28 -2.80 -26.02
N VAL B 1167 -8.00 -3.09 -25.87
CA VAL B 1167 -7.05 -2.15 -25.30
C VAL B 1167 -6.31 -1.40 -26.40
N LEU B 1168 -5.71 -2.13 -27.33
CA LEU B 1168 -5.05 -1.48 -28.45
C LEU B 1168 -6.01 -0.61 -29.23
N ARG B 1169 -7.23 -1.10 -29.46
CA ARG B 1169 -8.19 -0.32 -30.22
C ARG B 1169 -8.56 0.97 -29.48
N SER B 1170 -8.90 0.85 -28.20
CA SER B 1170 -9.29 2.02 -27.42
C SER B 1170 -8.13 2.96 -27.14
N GLN B 1171 -6.89 2.52 -27.37
CA GLN B 1171 -5.75 3.41 -27.26
C GLN B 1171 -5.49 4.16 -28.56
N TRP B 1172 -5.45 3.42 -29.68
CA TRP B 1172 -5.26 4.06 -30.96
C TRP B 1172 -6.44 4.95 -31.34
N CYS B 1173 -7.59 4.77 -30.70
CA CYS B 1173 -8.73 5.63 -30.91
C CYS B 1173 -8.85 6.71 -29.84
N SER B 1174 -7.94 6.72 -28.87
CA SER B 1174 -7.88 7.77 -27.86
C SER B 1174 -6.74 8.75 -28.09
N LEU B 1175 -5.64 8.31 -28.70
CA LEU B 1175 -4.60 9.25 -29.07
C LEU B 1175 -5.01 10.07 -30.29
N PHE B 1176 -5.43 9.40 -31.35
CA PHE B 1176 -5.87 10.09 -32.56
C PHE B 1176 -6.69 9.13 -33.41
N GLY B 1177 -7.88 9.57 -33.80
CA GLY B 1177 -8.84 8.70 -34.45
C GLY B 1177 -8.54 8.44 -35.92
N VAL B 1178 -7.54 7.60 -36.18
CA VAL B 1178 -7.15 7.24 -37.53
C VAL B 1178 -7.17 5.72 -37.63
N ASP B 1179 -7.37 5.23 -38.85
CA ASP B 1179 -7.49 3.78 -39.05
C ASP B 1179 -6.24 3.06 -38.53
N LEU B 1180 -6.43 1.78 -38.22
CA LEU B 1180 -5.37 0.99 -37.63
C LEU B 1180 -4.27 0.70 -38.65
N PRO B 1181 -3.11 0.28 -38.20
CA PRO B 1181 -2.04 -0.11 -39.13
C PRO B 1181 -2.28 -1.52 -39.66
N LYS B 1182 -1.46 -1.90 -40.63
CA LYS B 1182 -1.59 -3.19 -41.30
C LYS B 1182 -0.94 -4.32 -40.54
N GLU B 1183 -0.66 -4.16 -39.25
CA GLU B 1183 -0.08 -5.24 -38.45
C GLU B 1183 -0.75 -5.43 -37.10
N LEU B 1184 -1.61 -4.53 -36.66
CA LEU B 1184 -2.56 -4.82 -35.59
C LEU B 1184 -3.95 -5.09 -36.14
N ARG B 1185 -4.06 -5.28 -37.44
CA ARG B 1185 -5.31 -5.57 -38.12
C ARG B 1185 -5.35 -6.96 -38.70
N THR B 1186 -4.29 -7.36 -39.41
CA THR B 1186 -4.19 -8.73 -39.90
C THR B 1186 -4.58 -9.74 -38.84
N LEU B 1187 -4.27 -9.46 -37.58
CA LEU B 1187 -4.58 -10.39 -36.50
C LEU B 1187 -6.08 -10.48 -36.27
N ARG B 1188 -6.78 -9.34 -36.30
CA ARG B 1188 -8.23 -9.39 -36.16
C ARG B 1188 -8.86 -10.21 -37.29
N GLU B 1189 -8.35 -10.06 -38.51
CA GLU B 1189 -8.89 -10.82 -39.63
C GLU B 1189 -8.62 -12.31 -39.46
N GLN B 1190 -7.40 -12.65 -39.03
CA GLN B 1190 -7.06 -14.05 -38.85
C GLN B 1190 -7.77 -14.67 -37.66
N GLN B 1191 -8.29 -13.86 -36.75
CA GLN B 1191 -9.11 -14.36 -35.65
C GLN B 1191 -10.58 -14.49 -36.05
N ALA B 1192 -11.08 -13.57 -36.88
CA ALA B 1192 -12.47 -13.63 -37.28
C ALA B 1192 -12.70 -14.70 -38.35
N SER B 1193 -11.67 -14.98 -39.15
CA SER B 1193 -11.74 -16.07 -40.12
C SER B 1193 -11.64 -17.40 -39.40
N VAL B 1194 -11.60 -17.37 -38.07
CA VAL B 1194 -11.60 -18.58 -37.24
C VAL B 1194 -12.87 -18.67 -36.41
N ASP B 1195 -13.17 -17.64 -35.61
CA ASP B 1195 -14.33 -17.69 -34.74
C ASP B 1195 -15.63 -17.90 -35.51
N SER B 1196 -15.61 -17.72 -36.84
CA SER B 1196 -16.80 -17.98 -37.64
C SER B 1196 -16.78 -19.40 -38.18
N CYS B 1197 -15.74 -19.75 -38.94
CA CYS B 1197 -15.67 -21.05 -39.59
C CYS B 1197 -15.71 -22.21 -38.61
N LEU B 1198 -15.27 -22.00 -37.36
CA LEU B 1198 -15.49 -23.02 -36.34
C LEU B 1198 -16.99 -23.21 -36.10
N SER B 1199 -17.77 -22.15 -36.24
CA SER B 1199 -19.22 -22.22 -36.18
C SER B 1199 -19.74 -22.59 -37.56
N GLN B 1200 -20.40 -23.73 -37.66
CA GLN B 1200 -21.20 -24.16 -38.81
C GLN B 1200 -20.36 -24.50 -40.04
N GLY B 1201 -19.09 -24.13 -40.05
CA GLY B 1201 -18.15 -24.65 -41.02
C GLY B 1201 -18.23 -23.90 -42.33
N GLU B 1202 -17.19 -23.15 -42.70
CA GLU B 1202 -17.13 -22.63 -44.06
C GLU B 1202 -15.81 -22.99 -44.76
N LYS B 1203 -14.69 -22.55 -44.19
CA LYS B 1203 -13.39 -22.68 -44.82
C LYS B 1203 -12.35 -22.05 -43.90
N LEU B 1204 -11.07 -22.05 -44.29
CA LEU B 1204 -10.07 -21.27 -43.58
C LEU B 1204 -9.22 -20.52 -44.59
N SER B 1205 -8.64 -19.41 -44.15
CA SER B 1205 -7.95 -18.50 -45.07
C SER B 1205 -6.48 -18.84 -45.23
N LEU B 1206 -5.83 -19.32 -44.16
CA LEU B 1206 -4.43 -19.76 -44.22
C LEU B 1206 -3.51 -18.62 -44.65
N SER B 1207 -3.41 -17.63 -43.75
CA SER B 1207 -2.56 -16.48 -43.97
C SER B 1207 -1.09 -16.91 -44.06
N CYS B 1208 -0.20 -15.95 -44.30
CA CYS B 1208 1.18 -16.26 -44.66
C CYS B 1208 1.85 -17.18 -43.65
N THR B 1209 2.02 -16.69 -42.42
CA THR B 1209 2.86 -17.41 -41.46
C THR B 1209 2.07 -18.51 -40.78
N PRO B 1210 2.48 -19.78 -40.88
CA PRO B 1210 1.68 -20.87 -40.31
C PRO B 1210 1.54 -20.85 -38.80
N TRP B 1211 2.68 -20.82 -38.11
CA TRP B 1211 2.72 -21.09 -36.68
C TRP B 1211 1.98 -20.04 -35.85
N LEU B 1212 1.37 -19.06 -36.51
CA LEU B 1212 0.50 -18.10 -35.86
C LEU B 1212 -0.97 -18.45 -36.08
N SER B 1213 -1.33 -18.77 -37.31
CA SER B 1213 -2.66 -19.28 -37.59
C SER B 1213 -2.95 -20.53 -36.76
N ALA B 1214 -1.98 -21.45 -36.71
CA ALA B 1214 -2.18 -22.67 -35.94
C ALA B 1214 -2.41 -22.36 -34.47
N ALA B 1215 -1.66 -21.40 -33.92
CA ALA B 1215 -1.87 -21.02 -32.53
C ALA B 1215 -3.28 -20.49 -32.33
N PHE B 1216 -3.71 -19.56 -33.17
CA PHE B 1216 -5.08 -19.05 -33.10
C PHE B 1216 -6.07 -20.19 -33.06
N LEU B 1217 -5.99 -21.09 -34.04
CA LEU B 1217 -6.92 -22.19 -34.18
C LEU B 1217 -6.94 -23.06 -32.92
N TYR B 1218 -5.77 -23.57 -32.54
CA TYR B 1218 -5.69 -24.50 -31.42
C TYR B 1218 -6.19 -23.86 -30.14
N SER B 1219 -5.74 -22.64 -29.84
CA SER B 1219 -6.15 -21.99 -28.61
C SER B 1219 -7.65 -21.72 -28.61
N THR B 1220 -8.21 -21.37 -29.76
CA THR B 1220 -9.65 -21.12 -29.82
C THR B 1220 -10.43 -22.39 -29.55
N VAL B 1221 -10.01 -23.49 -30.18
CA VAL B 1221 -10.60 -24.79 -29.87
C VAL B 1221 -10.57 -25.04 -28.37
N GLN B 1222 -9.39 -24.98 -27.77
CA GLN B 1222 -9.27 -25.24 -26.33
C GLN B 1222 -10.18 -24.33 -25.53
N ARG B 1223 -10.36 -23.07 -25.97
CA ARG B 1223 -11.14 -22.12 -25.20
C ARG B 1223 -12.63 -22.35 -25.32
N LYS B 1224 -13.09 -22.92 -26.43
CA LYS B 1224 -14.50 -23.18 -26.63
C LYS B 1224 -14.91 -24.59 -26.22
N LYS B 1225 -13.97 -25.42 -25.78
CA LYS B 1225 -14.22 -26.77 -25.30
C LYS B 1225 -14.68 -27.71 -26.41
N LEU B 1226 -14.54 -27.31 -27.67
CA LEU B 1226 -14.84 -28.16 -28.82
C LEU B 1226 -14.00 -29.43 -28.76
N PRO B 1227 -14.34 -30.44 -29.54
CA PRO B 1227 -13.49 -31.63 -29.63
C PRO B 1227 -12.33 -31.38 -30.59
N CYS B 1228 -11.53 -32.43 -30.81
CA CYS B 1228 -10.36 -32.35 -31.68
C CYS B 1228 -10.64 -32.95 -33.05
N SER B 1229 -11.88 -32.86 -33.53
CA SER B 1229 -12.24 -33.34 -34.85
C SER B 1229 -12.62 -32.22 -35.81
N ARG B 1230 -13.07 -31.08 -35.29
CA ARG B 1230 -13.28 -29.92 -36.16
C ARG B 1230 -11.96 -29.38 -36.66
N MET B 1231 -10.97 -29.30 -35.77
CA MET B 1231 -9.67 -28.73 -36.11
C MET B 1231 -9.09 -29.34 -37.39
N LEU B 1232 -9.43 -30.59 -37.69
CA LEU B 1232 -8.78 -31.30 -38.78
C LEU B 1232 -9.60 -31.35 -40.06
N GLU B 1233 -10.87 -30.96 -40.02
CA GLU B 1233 -11.71 -30.96 -41.21
C GLU B 1233 -11.87 -29.59 -41.84
N ILE B 1234 -11.80 -28.53 -41.06
CA ILE B 1234 -11.87 -27.17 -41.61
C ILE B 1234 -10.44 -26.74 -41.93
N LEU B 1235 -9.97 -27.19 -43.09
CA LEU B 1235 -8.60 -26.92 -43.50
C LEU B 1235 -8.45 -27.24 -44.98
N ASP B 1236 -7.57 -26.51 -45.63
CA ASP B 1236 -7.27 -26.75 -47.04
C ASP B 1236 -6.70 -28.15 -47.22
N GLY B 1237 -6.74 -28.61 -48.46
CA GLY B 1237 -6.17 -29.90 -48.82
C GLY B 1237 -5.30 -29.82 -50.05
N LEU B 1238 -5.31 -28.67 -50.72
CA LEU B 1238 -4.54 -28.45 -51.93
C LEU B 1238 -3.48 -27.36 -51.78
N SER B 1239 -3.34 -26.78 -50.59
CA SER B 1239 -2.39 -25.70 -50.40
C SER B 1239 -1.00 -26.24 -50.10
N SER B 1240 0.02 -25.47 -50.51
CA SER B 1240 1.38 -25.78 -50.16
C SER B 1240 1.72 -25.42 -48.72
N ASN B 1241 0.79 -24.81 -48.00
CA ASN B 1241 0.98 -24.38 -46.62
C ASN B 1241 0.00 -25.09 -45.69
N PHE B 1242 -0.23 -26.38 -45.95
CA PHE B 1242 -1.12 -27.18 -45.12
C PHE B 1242 -0.34 -27.95 -44.06
N SER B 1243 0.60 -28.78 -44.49
CA SER B 1243 1.39 -29.59 -43.56
C SER B 1243 2.02 -28.72 -42.48
N MET B 1244 2.66 -27.64 -42.87
CA MET B 1244 3.36 -26.75 -41.95
C MET B 1244 2.42 -26.24 -40.86
N VAL B 1245 1.12 -26.45 -41.03
CA VAL B 1245 0.18 -26.17 -39.97
C VAL B 1245 -0.02 -27.39 -39.08
N LEU B 1246 0.00 -28.58 -39.68
CA LEU B 1246 -0.24 -29.79 -38.91
C LEU B 1246 0.93 -30.11 -38.00
N ILE B 1247 2.16 -29.89 -38.48
CA ILE B 1247 3.33 -30.05 -37.63
C ILE B 1247 3.21 -29.17 -36.39
N SER B 1248 3.02 -27.87 -36.61
CA SER B 1248 2.80 -26.95 -35.51
C SER B 1248 1.67 -27.41 -34.61
N LEU B 1249 0.63 -28.02 -35.16
CA LEU B 1249 -0.49 -28.45 -34.34
C LEU B 1249 -0.11 -29.64 -33.47
N LEU B 1250 0.77 -30.49 -33.98
CA LEU B 1250 1.28 -31.61 -33.20
C LEU B 1250 2.17 -31.14 -32.06
N PHE B 1251 2.89 -30.03 -32.28
CA PHE B 1251 3.81 -29.54 -31.27
C PHE B 1251 3.09 -29.16 -29.98
N PHE B 1252 2.05 -28.33 -30.09
CA PHE B 1252 1.32 -27.91 -28.89
C PHE B 1252 0.69 -29.10 -28.18
N SER B 1253 0.24 -30.10 -28.93
CA SER B 1253 -0.31 -31.29 -28.29
C SER B 1253 0.75 -32.00 -27.47
N VAL B 1254 1.93 -32.17 -28.05
CA VAL B 1254 3.05 -32.73 -27.29
C VAL B 1254 3.25 -31.97 -25.99
N MET B 1255 3.41 -30.65 -26.09
CA MET B 1255 3.64 -29.84 -24.90
C MET B 1255 2.52 -29.94 -23.88
N ASP B 1256 1.27 -30.11 -24.32
CA ASP B 1256 0.18 -30.24 -23.36
C ASP B 1256 0.25 -31.59 -22.66
N ILE B 1257 0.59 -32.65 -23.39
CA ILE B 1257 0.88 -33.93 -22.73
C ILE B 1257 1.91 -33.72 -21.64
N ILE B 1258 3.03 -33.07 -21.99
CA ILE B 1258 4.14 -32.94 -21.06
C ILE B 1258 3.72 -32.13 -19.84
N TYR B 1259 2.85 -31.14 -20.02
CA TYR B 1259 2.37 -30.40 -18.86
C TYR B 1259 1.48 -31.28 -17.99
N MET B 1260 0.60 -32.06 -18.61
CA MET B 1260 -0.25 -32.95 -17.83
C MET B 1260 0.57 -33.99 -17.08
N PHE B 1261 1.79 -34.29 -17.55
CA PHE B 1261 2.64 -35.20 -16.79
C PHE B 1261 3.19 -34.54 -15.54
N LEU B 1262 3.59 -33.27 -15.63
CA LEU B 1262 4.05 -32.56 -14.44
C LEU B 1262 2.88 -31.99 -13.64
N LYS B 1263 1.83 -32.79 -13.46
CA LYS B 1263 0.74 -32.44 -12.56
C LYS B 1263 0.03 -33.75 -12.26
N ASP B 1264 0.32 -34.34 -11.10
CA ASP B 1264 -0.24 -35.65 -10.75
C ASP B 1264 0.03 -36.65 -11.88
N GLY B 1265 1.33 -36.93 -12.06
CA GLY B 1265 1.82 -37.63 -13.23
C GLY B 1265 0.94 -38.73 -13.78
N ARG B 1266 0.58 -38.60 -15.04
CA ARG B 1266 -0.22 -39.58 -15.76
C ARG B 1266 -0.07 -39.31 -17.25
N LYS B 1267 -0.91 -39.93 -18.08
CA LYS B 1267 -0.71 -39.94 -19.52
C LYS B 1267 -1.75 -39.16 -20.31
N HIS B 1268 -2.99 -39.04 -19.82
CA HIS B 1268 -4.04 -38.33 -20.53
C HIS B 1268 -4.26 -38.93 -21.92
N LYS B 1269 -4.73 -40.18 -21.90
CA LYS B 1269 -4.80 -40.99 -23.10
C LYS B 1269 -5.36 -40.23 -24.30
N ASP B 1270 -6.45 -39.48 -24.09
CA ASP B 1270 -7.16 -38.88 -25.22
C ASP B 1270 -6.23 -38.13 -26.17
N LEU B 1271 -5.32 -37.31 -25.63
CA LEU B 1271 -4.43 -36.54 -26.49
C LEU B 1271 -3.60 -37.44 -27.39
N LEU B 1272 -3.05 -38.53 -26.85
CA LEU B 1272 -2.27 -39.45 -27.66
C LEU B 1272 -3.04 -39.94 -28.87
N GLU B 1273 -4.36 -39.82 -28.87
CA GLU B 1273 -5.14 -40.14 -30.06
C GLU B 1273 -5.14 -39.01 -31.07
N ASN B 1274 -5.46 -37.79 -30.64
CA ASN B 1274 -5.43 -36.65 -31.56
C ASN B 1274 -4.19 -36.70 -32.43
N CYS B 1275 -3.01 -36.76 -31.80
CA CYS B 1275 -1.77 -36.72 -32.54
C CYS B 1275 -1.75 -37.75 -33.65
N VAL B 1276 -2.10 -39.01 -33.35
CA VAL B 1276 -1.99 -40.03 -34.39
C VAL B 1276 -2.89 -39.67 -35.56
N HIS B 1277 -4.10 -39.19 -35.29
CA HIS B 1277 -4.94 -38.72 -36.38
C HIS B 1277 -4.18 -37.70 -37.22
N ILE B 1278 -3.64 -36.68 -36.56
CA ILE B 1278 -2.86 -35.66 -37.26
C ILE B 1278 -1.84 -36.33 -38.17
N ILE B 1279 -1.13 -37.32 -37.64
CA ILE B 1279 -0.08 -37.96 -38.43
C ILE B 1279 -0.68 -38.65 -39.64
N HIS B 1280 -1.77 -39.39 -39.44
CA HIS B 1280 -2.44 -40.02 -40.56
C HIS B 1280 -2.99 -39.00 -41.54
N CYS B 1281 -3.26 -37.77 -41.07
CA CYS B 1281 -3.76 -36.73 -41.96
C CYS B 1281 -2.65 -36.14 -42.81
N LEU B 1282 -1.41 -36.55 -42.57
CA LEU B 1282 -0.27 -36.06 -43.35
C LEU B 1282 0.63 -37.18 -43.84
N GLU B 1283 0.31 -38.43 -43.53
CA GLU B 1283 1.14 -39.54 -43.96
C GLU B 1283 0.89 -39.94 -45.40
N GLN B 1284 -0.27 -39.64 -45.97
CA GLN B 1284 -0.49 -39.83 -47.40
C GLN B 1284 -0.14 -38.57 -48.18
N LYS B 1285 1.03 -38.01 -47.86
CA LYS B 1285 1.60 -36.92 -48.64
C LYS B 1285 3.11 -37.04 -48.84
N GLY B 1286 3.80 -37.87 -48.06
CA GLY B 1286 5.23 -38.07 -48.23
C GLY B 1286 6.06 -36.97 -47.60
N GLU B 1287 5.84 -36.72 -46.32
CA GLU B 1287 6.57 -35.69 -45.58
C GLU B 1287 7.34 -36.33 -44.43
N THR B 1288 7.96 -35.49 -43.60
CA THR B 1288 8.84 -35.94 -42.52
C THR B 1288 8.50 -35.14 -41.26
N TRP B 1289 7.80 -35.77 -40.33
CA TRP B 1289 7.45 -35.14 -39.07
C TRP B 1289 8.51 -35.31 -37.99
N VAL B 1290 9.47 -36.21 -38.18
CA VAL B 1290 10.49 -36.44 -37.15
C VAL B 1290 11.67 -35.52 -37.38
N TRP B 1291 11.50 -34.25 -37.04
CA TRP B 1291 12.62 -33.36 -36.84
C TRP B 1291 12.33 -32.35 -35.74
N LEU B 1292 11.19 -32.44 -35.07
CA LEU B 1292 11.00 -31.76 -33.80
C LEU B 1292 11.86 -32.38 -32.72
N PHE B 1293 12.22 -33.65 -32.88
CA PHE B 1293 12.93 -34.43 -31.87
C PHE B 1293 14.44 -34.33 -32.05
N GLN B 1294 14.91 -33.29 -32.72
CA GLN B 1294 16.32 -32.97 -32.85
C GLN B 1294 16.60 -31.80 -31.91
N MET B 1295 17.16 -32.08 -30.74
CA MET B 1295 17.49 -31.01 -29.80
C MET B 1295 18.81 -30.37 -30.19
N THR B 1296 18.93 -30.01 -31.47
CA THR B 1296 20.13 -29.36 -32.00
C THR B 1296 19.68 -28.37 -33.06
N ASP B 1297 20.65 -27.87 -33.84
CA ASP B 1297 20.36 -26.93 -34.93
C ASP B 1297 21.04 -27.35 -36.23
N GLU B 1298 21.37 -28.63 -36.38
CA GLU B 1298 22.13 -29.12 -37.52
C GLU B 1298 21.44 -28.84 -38.85
N ARG B 1299 20.27 -29.44 -39.06
CA ARG B 1299 19.62 -29.39 -40.37
C ARG B 1299 18.12 -29.13 -40.28
N LYS B 1300 17.58 -28.89 -39.10
CA LYS B 1300 16.15 -28.62 -38.96
C LYS B 1300 15.74 -27.47 -39.88
N PRO B 1301 14.83 -27.71 -40.84
CA PRO B 1301 14.32 -26.61 -41.66
C PRO B 1301 13.87 -25.41 -40.83
N GLU B 1302 13.82 -24.25 -41.46
CA GLU B 1302 13.63 -22.99 -40.74
C GLU B 1302 12.39 -22.99 -39.85
N LEU B 1303 11.45 -23.92 -40.04
CA LEU B 1303 10.20 -23.87 -39.31
C LEU B 1303 10.32 -24.32 -37.86
N GLY B 1304 11.31 -25.13 -37.52
CA GLY B 1304 11.46 -25.56 -36.13
C GLY B 1304 12.11 -24.50 -35.26
N LEU B 1305 13.20 -23.90 -35.75
CA LEU B 1305 13.89 -22.90 -34.97
C LEU B 1305 12.94 -21.85 -34.46
N HIS B 1306 12.11 -21.30 -35.35
CA HIS B 1306 11.13 -20.31 -34.94
C HIS B 1306 10.09 -20.88 -33.99
N LEU B 1307 10.13 -22.19 -33.74
CA LEU B 1307 9.28 -22.83 -32.74
C LEU B 1307 10.04 -23.24 -31.50
N HIS B 1308 11.17 -23.94 -31.67
CA HIS B 1308 11.94 -24.37 -30.51
C HIS B 1308 12.52 -23.18 -29.74
N ARG B 1309 12.75 -22.06 -30.42
CA ARG B 1309 13.23 -20.86 -29.76
C ARG B 1309 12.12 -20.12 -29.03
N ALA B 1310 10.93 -20.72 -28.94
CA ALA B 1310 9.85 -20.22 -28.11
C ALA B 1310 9.52 -21.15 -26.95
N ALA B 1311 10.16 -22.31 -26.89
CA ALA B 1311 9.81 -23.34 -25.92
C ALA B 1311 10.81 -23.35 -24.78
N SER B 1312 10.30 -23.47 -23.56
CA SER B 1312 11.15 -23.53 -22.39
C SER B 1312 12.10 -24.72 -22.50
N ASP B 1313 13.10 -24.74 -21.61
CA ASP B 1313 14.06 -25.83 -21.55
C ASP B 1313 13.74 -26.82 -20.44
N VAL B 1314 12.82 -26.48 -19.54
CA VAL B 1314 12.29 -27.45 -18.60
C VAL B 1314 11.55 -28.56 -19.33
N PHE B 1315 11.17 -28.32 -20.58
CA PHE B 1315 10.34 -29.25 -21.34
C PHE B 1315 11.15 -30.07 -22.34
N LEU B 1316 11.95 -29.41 -23.18
CA LEU B 1316 12.79 -30.14 -24.12
C LEU B 1316 13.72 -31.13 -23.45
N ASN B 1317 13.90 -31.03 -22.14
CA ASN B 1317 14.58 -32.07 -21.38
C ASN B 1317 13.69 -33.28 -21.14
N LEU B 1318 12.43 -33.21 -21.54
CA LEU B 1318 11.46 -34.28 -21.33
C LEU B 1318 10.89 -34.84 -22.63
N MET B 1319 11.14 -34.20 -23.76
CA MET B 1319 10.57 -34.61 -25.05
C MET B 1319 10.66 -36.12 -25.24
N PRO B 1320 11.76 -36.76 -24.83
CA PRO B 1320 11.81 -38.23 -24.93
C PRO B 1320 10.70 -38.91 -24.15
N PHE B 1321 10.36 -38.37 -22.98
CA PHE B 1321 9.25 -38.89 -22.20
C PHE B 1321 7.94 -38.88 -22.97
N ALA B 1322 7.90 -38.21 -24.12
CA ALA B 1322 6.73 -38.22 -25.00
C ALA B 1322 6.99 -38.85 -26.35
N PHE B 1323 8.24 -39.19 -26.66
CA PHE B 1323 8.56 -39.81 -27.93
C PHE B 1323 8.38 -41.32 -27.89
N PHE B 1324 8.37 -41.91 -26.69
CA PHE B 1324 8.19 -43.34 -26.53
C PHE B 1324 6.80 -43.69 -26.01
N TRP B 1325 5.83 -42.81 -26.24
CA TRP B 1325 4.42 -43.06 -25.97
C TRP B 1325 3.60 -43.13 -27.24
N LEU B 1326 3.91 -42.31 -28.23
CA LEU B 1326 3.13 -42.22 -29.45
C LEU B 1326 3.87 -42.73 -30.68
N VAL B 1327 5.10 -43.21 -30.51
CA VAL B 1327 5.80 -43.90 -31.59
C VAL B 1327 5.29 -45.34 -31.68
N PRO B 1328 5.20 -46.09 -30.57
CA PRO B 1328 4.70 -47.46 -30.67
C PRO B 1328 3.20 -47.53 -30.92
N SER B 1329 2.45 -46.47 -30.65
CA SER B 1329 1.04 -46.41 -30.97
C SER B 1329 0.78 -46.18 -32.46
N LEU B 1330 1.82 -46.25 -33.28
CA LEU B 1330 1.70 -46.12 -34.72
C LEU B 1330 1.94 -47.48 -35.37
N GLN B 1331 1.92 -47.50 -36.69
CA GLN B 1331 2.29 -48.69 -37.43
C GLN B 1331 3.79 -48.93 -37.33
N LEU B 1332 4.17 -50.20 -37.33
CA LEU B 1332 5.57 -50.58 -37.19
C LEU B 1332 6.37 -50.36 -38.47
N GLU B 1333 5.74 -49.83 -39.53
CA GLU B 1333 6.41 -49.69 -40.82
C GLU B 1333 6.25 -48.32 -41.46
N GLN B 1334 5.33 -47.48 -40.98
CA GLN B 1334 5.15 -46.14 -41.52
C GLN B 1334 5.96 -45.10 -40.77
N VAL B 1335 6.97 -45.52 -40.01
CA VAL B 1335 7.90 -44.61 -39.36
C VAL B 1335 9.32 -45.01 -39.75
N VAL B 1336 9.46 -45.67 -40.89
CA VAL B 1336 10.77 -46.09 -41.37
C VAL B 1336 11.04 -45.68 -42.81
N GLN B 1337 10.04 -45.34 -43.60
CA GLN B 1337 10.27 -44.82 -44.94
C GLN B 1337 10.84 -43.41 -44.93
N GLN B 1338 11.08 -42.85 -43.74
CA GLN B 1338 11.56 -41.50 -43.58
C GLN B 1338 13.07 -41.46 -43.81
N GLN B 1339 13.70 -40.33 -43.48
CA GLN B 1339 15.12 -40.14 -43.68
C GLN B 1339 15.79 -39.97 -42.33
N ASP B 1340 16.77 -40.83 -42.05
CA ASP B 1340 17.58 -40.75 -40.84
C ASP B 1340 16.69 -40.76 -39.60
N PHE B 1341 16.03 -41.91 -39.38
CA PHE B 1341 15.11 -42.06 -38.27
C PHE B 1341 15.83 -42.49 -36.98
N LEU B 1342 16.49 -43.65 -37.03
CA LEU B 1342 17.07 -44.21 -35.81
C LEU B 1342 18.13 -43.29 -35.25
N VAL B 1343 18.79 -42.50 -36.11
CA VAL B 1343 19.75 -41.51 -35.64
C VAL B 1343 19.11 -40.55 -34.64
N ILE B 1344 17.79 -40.40 -34.69
CA ILE B 1344 17.10 -39.69 -33.62
C ILE B 1344 16.68 -40.63 -32.51
N ALA B 1345 16.24 -41.84 -32.86
CA ALA B 1345 15.73 -42.77 -31.87
C ALA B 1345 16.77 -43.03 -30.79
N LEU B 1346 17.91 -43.59 -31.17
CA LEU B 1346 18.93 -43.94 -30.19
C LEU B 1346 19.60 -42.71 -29.61
N ASP B 1347 19.83 -41.66 -30.42
CA ASP B 1347 20.34 -40.42 -29.87
C ASP B 1347 19.40 -39.82 -28.84
N MET B 1348 18.14 -40.24 -28.82
CA MET B 1348 17.20 -39.84 -27.80
C MET B 1348 17.14 -40.81 -26.64
N TYR B 1349 17.34 -42.11 -26.90
CA TYR B 1349 17.44 -43.07 -25.82
C TYR B 1349 18.66 -42.81 -24.96
N HIS B 1350 19.75 -42.31 -25.55
CA HIS B 1350 20.90 -41.88 -24.76
C HIS B 1350 20.50 -40.86 -23.70
N LYS B 1351 19.44 -40.10 -23.94
CA LYS B 1351 18.97 -39.10 -23.00
C LYS B 1351 17.88 -39.60 -22.08
N PHE B 1352 17.21 -40.69 -22.45
CA PHE B 1352 16.16 -41.23 -21.60
C PHE B 1352 16.73 -41.85 -20.33
N LEU B 1353 18.04 -42.10 -20.30
CA LEU B 1353 18.70 -42.72 -19.16
C LEU B 1353 19.16 -41.69 -18.14
N GLN B 1354 19.79 -40.60 -18.61
CA GLN B 1354 20.29 -39.58 -17.68
C GLN B 1354 19.18 -39.10 -16.75
N LEU B 1355 17.93 -39.20 -17.19
CA LEU B 1355 16.82 -38.73 -16.35
C LEU B 1355 16.64 -39.64 -15.14
N PHE B 1356 16.67 -40.96 -15.34
CA PHE B 1356 16.53 -41.89 -14.23
C PHE B 1356 17.53 -41.57 -13.13
N VAL B 1357 18.79 -41.42 -13.48
CA VAL B 1357 19.84 -41.15 -12.51
C VAL B 1357 20.03 -39.65 -12.35
N HIS B 1370 9.82 -43.06 -15.58
CA HIS B 1370 8.90 -44.19 -15.45
C HIS B 1370 9.66 -45.51 -15.51
N HIS B 1371 10.05 -46.02 -14.34
CA HIS B 1371 10.74 -47.30 -14.28
C HIS B 1371 9.90 -48.41 -14.92
N LEU B 1372 8.58 -48.28 -14.87
CA LEU B 1372 7.71 -49.24 -15.55
C LEU B 1372 7.74 -49.05 -17.06
N ASP B 1373 8.05 -47.83 -17.52
CA ASP B 1373 8.13 -47.59 -18.95
C ASP B 1373 9.48 -48.01 -19.53
N SER B 1374 10.48 -48.25 -18.69
CA SER B 1374 11.77 -48.71 -19.19
C SER B 1374 11.61 -49.93 -20.09
N HIS B 1375 10.59 -50.75 -19.84
CA HIS B 1375 10.38 -51.93 -20.67
C HIS B 1375 9.96 -51.55 -22.08
N ASP B 1376 8.97 -50.65 -22.20
CA ASP B 1376 8.47 -50.28 -23.51
C ASP B 1376 9.56 -49.62 -24.34
N VAL B 1377 10.39 -48.78 -23.72
CA VAL B 1377 11.49 -48.17 -24.45
C VAL B 1377 12.52 -49.22 -24.84
N PHE B 1378 12.84 -50.11 -23.89
CA PHE B 1378 13.86 -51.12 -24.16
C PHE B 1378 13.43 -52.04 -25.30
N THR B 1379 12.13 -52.22 -25.52
CA THR B 1379 11.66 -53.12 -26.57
C THR B 1379 11.32 -52.42 -27.88
N CYS B 1380 10.65 -51.27 -27.84
CA CYS B 1380 10.29 -50.57 -29.06
C CYS B 1380 11.51 -49.96 -29.74
N GLY B 1381 12.50 -49.55 -28.95
CA GLY B 1381 13.76 -49.10 -29.49
C GLY B 1381 14.71 -50.27 -29.68
N ARG B 1382 14.13 -51.46 -29.79
CA ARG B 1382 14.88 -52.69 -29.99
C ARG B 1382 14.33 -53.56 -31.11
N GLN B 1383 13.06 -53.40 -31.48
CA GLN B 1383 12.47 -54.16 -32.58
C GLN B 1383 12.57 -53.45 -33.92
N PHE B 1384 12.36 -52.12 -33.93
CA PHE B 1384 12.53 -51.37 -35.16
C PHE B 1384 13.91 -51.57 -35.76
N LEU B 1385 14.93 -51.74 -34.92
CA LEU B 1385 16.32 -51.77 -35.37
C LEU B 1385 16.62 -52.94 -36.29
N LEU B 1386 15.66 -53.82 -36.56
CA LEU B 1386 15.84 -54.89 -37.53
C LEU B 1386 15.35 -54.48 -38.91
N CYS B 1387 14.08 -54.09 -39.02
CA CYS B 1387 13.53 -53.61 -40.29
C CYS B 1387 13.61 -52.09 -40.35
N CYS B 1388 14.82 -51.54 -40.23
CA CYS B 1388 15.06 -50.12 -40.29
C CYS B 1388 15.86 -49.77 -41.53
N VAL B 1389 16.27 -48.51 -41.62
CA VAL B 1389 17.02 -48.01 -42.77
C VAL B 1389 18.20 -48.93 -43.09
N PRO B 1390 18.59 -48.95 -44.35
CA PRO B 1390 19.66 -49.83 -44.81
C PRO B 1390 21.00 -49.28 -44.35
N LYS B 1391 21.30 -49.47 -43.06
CA LYS B 1391 22.59 -49.07 -42.50
C LYS B 1391 23.32 -50.29 -41.97
N CYS B 1392 22.63 -51.13 -41.20
CA CYS B 1392 23.20 -52.36 -40.66
C CYS B 1392 22.14 -53.44 -40.63
N GLN B 1393 22.58 -54.68 -40.71
CA GLN B 1393 21.69 -55.83 -40.73
C GLN B 1393 21.84 -56.72 -39.51
N LYS B 1394 22.84 -56.48 -38.67
CA LYS B 1394 23.05 -57.26 -37.46
C LYS B 1394 24.18 -56.63 -36.67
N PRO B 1395 24.37 -57.11 -35.44
CA PRO B 1395 25.40 -56.64 -34.54
C PRO B 1395 25.06 -55.27 -33.97
N ASN B 1396 23.96 -54.67 -34.42
CA ASN B 1396 23.46 -53.44 -33.84
C ASN B 1396 22.42 -53.72 -32.76
N SER B 1397 21.49 -54.64 -33.04
CA SER B 1397 20.59 -55.10 -31.99
C SER B 1397 21.36 -55.85 -30.92
N ALA B 1398 22.31 -56.70 -31.33
CA ALA B 1398 23.17 -57.38 -30.39
C ALA B 1398 23.92 -56.38 -29.52
N ILE B 1399 24.56 -55.40 -30.16
CA ILE B 1399 25.28 -54.37 -29.40
C ILE B 1399 24.35 -53.66 -28.44
N LEU B 1400 23.16 -53.29 -28.89
CA LEU B 1400 22.22 -52.60 -28.02
C LEU B 1400 21.83 -53.46 -26.83
N LYS B 1401 21.73 -54.77 -27.04
CA LYS B 1401 21.42 -55.68 -25.93
C LYS B 1401 22.63 -55.89 -25.02
N LYS B 1402 23.83 -55.63 -25.52
CA LYS B 1402 25.04 -55.84 -24.74
C LYS B 1402 25.00 -55.05 -23.45
N MET B 1403 24.95 -53.73 -23.56
CA MET B 1403 24.96 -52.83 -22.41
C MET B 1403 24.56 -51.45 -22.91
N LEU B 1404 24.67 -50.45 -22.05
CA LEU B 1404 24.43 -49.06 -22.43
C LEU B 1404 25.65 -48.51 -23.19
N GLU B 1405 26.01 -49.22 -24.25
CA GLU B 1405 27.13 -48.86 -25.11
C GLU B 1405 26.70 -48.53 -26.53
N SER B 1406 25.45 -48.09 -26.71
CA SER B 1406 24.98 -47.70 -28.03
C SER B 1406 25.96 -46.81 -28.76
N TRP B 1407 26.62 -45.90 -28.05
CA TRP B 1407 27.56 -44.96 -28.66
C TRP B 1407 28.85 -45.65 -29.10
N GLU B 1408 29.41 -46.52 -28.26
CA GLU B 1408 30.69 -47.15 -28.56
C GLU B 1408 30.69 -47.80 -29.93
N GLU B 1409 29.52 -48.25 -30.42
CA GLU B 1409 29.40 -48.85 -31.73
C GLU B 1409 28.77 -47.92 -32.75
N HIS B 1410 27.81 -47.08 -32.34
CA HIS B 1410 27.18 -46.17 -33.28
C HIS B 1410 28.19 -45.17 -33.83
N ASP B 1411 29.15 -44.74 -33.02
CA ASP B 1411 30.14 -43.77 -33.49
C ASP B 1411 30.84 -44.26 -34.76
N PRO B 1412 31.00 -45.58 -34.91
CA PRO B 1412 31.59 -46.15 -36.11
C PRO B 1412 30.55 -46.60 -37.13
N GLU B 1413 29.37 -47.01 -36.67
CA GLU B 1413 28.34 -47.47 -37.60
C GLU B 1413 27.81 -46.31 -38.44
N LEU B 1414 27.50 -45.18 -37.80
CA LEU B 1414 26.97 -44.03 -38.53
C LEU B 1414 27.89 -43.59 -39.66
N ALA B 1415 29.15 -44.00 -39.64
CA ALA B 1415 30.08 -43.61 -40.70
C ALA B 1415 29.55 -44.01 -42.06
N ALA B 1416 29.35 -45.32 -42.27
CA ALA B 1416 28.89 -45.80 -43.58
C ALA B 1416 27.38 -45.66 -43.73
N VAL B 1417 26.63 -46.32 -42.86
CA VAL B 1417 25.17 -46.32 -42.94
C VAL B 1417 24.70 -46.70 -44.34
#